data_6OGR
# 
_entry.id   6OGR 
# 
_audit_conform.dict_name       mmcif_pdbx.dic 
_audit_conform.dict_version    5.380 
_audit_conform.dict_location   http://mmcif.pdb.org/dictionaries/ascii/mmcif_pdbx.dic 
# 
loop_
_database_2.database_id 
_database_2.database_code 
_database_2.pdbx_database_accession 
_database_2.pdbx_DOI 
PDB   6OGR         pdb_00006ogr 10.2210/pdb6ogr/pdb 
WWPDB D_1000240298 ?            ?                   
# 
_pdbx_database_status.status_code                     REL 
_pdbx_database_status.status_code_sf                  REL 
_pdbx_database_status.status_code_mr                  ? 
_pdbx_database_status.entry_id                        6OGR 
_pdbx_database_status.recvd_initial_deposition_date   2019-04-03 
_pdbx_database_status.SG_entry                        N 
_pdbx_database_status.deposit_site                    RCSB 
_pdbx_database_status.process_site                    RCSB 
_pdbx_database_status.status_code_cs                  ? 
_pdbx_database_status.methods_development_category    ? 
_pdbx_database_status.pdb_format_compatible           Y 
_pdbx_database_status.status_code_nmr_data            ? 
# 
loop_
_audit_author.name 
_audit_author.pdbx_ordinal 
_audit_author.identifier_ORCID 
'Bulut, H.'      1 0000-0003-0262-6296 
'Hattori, S.I.'  2 ?                   
'Aoki-Ogata, H.' 3 ?                   
'Hayashi, H.'    4 ?                   
'Aoki, M.'       5 ?                   
'Ghosh, A.K.'    6 ?                   
'Mitsuya, H.'    7 ?                   
# 
_citation.abstract                  ? 
_citation.abstract_id_CAS           ? 
_citation.book_id_ISBN              ? 
_citation.book_publisher            ? 
_citation.book_publisher_city       ? 
_citation.book_title                ? 
_citation.coordinate_linkage        ? 
_citation.country                   ? 
_citation.database_id_Medline       ? 
_citation.details                   ? 
_citation.id                        primary 
_citation.journal_abbrev            'To Be Published' 
_citation.journal_id_ASTM           ? 
_citation.journal_id_CSD            0353 
_citation.journal_id_ISSN           ? 
_citation.journal_full              ? 
_citation.journal_issue             ? 
_citation.journal_volume            ? 
_citation.language                  ? 
_citation.page_first                ? 
_citation.page_last                 ? 
_citation.title                     
;Novel HIV-1 protease inhibitors, GRL-142 and its analogs, markedly adapt to the structural plasticity of HIV-1 protease and exerts extreme potency with high genetic barrier
;
_citation.year                      ? 
_citation.database_id_CSD           ? 
_citation.pdbx_database_id_DOI      ? 
_citation.pdbx_database_id_PubMed   ? 
_citation.unpublished_flag          ? 
# 
loop_
_citation_author.citation_id 
_citation_author.name 
_citation_author.ordinal 
_citation_author.identifier_ORCID 
primary 'Bulut, H.'      1 ? 
primary 'Hattori, S.I.'  2 ? 
primary 'Aoki-Ogata, H.' 3 ? 
primary 'Hayashi, H.'    4 ? 
primary 'Aoki, M.'       5 ? 
primary 'Ghosh, A.K.'    6 ? 
primary 'Mitsuya, H.'    7 ? 
# 
_cell.angle_alpha                  90.00 
_cell.angle_alpha_esd              ? 
_cell.angle_beta                   90.00 
_cell.angle_beta_esd               ? 
_cell.angle_gamma                  120.00 
_cell.angle_gamma_esd              ? 
_cell.entry_id                     6OGR 
_cell.details                      ? 
_cell.formula_units_Z              ? 
_cell.length_a                     62.845 
_cell.length_a_esd                 ? 
_cell.length_b                     62.845 
_cell.length_b_esd                 ? 
_cell.length_c                     81.808 
_cell.length_c_esd                 ? 
_cell.volume                       ? 
_cell.volume_esd                   ? 
_cell.Z_PDB                        12 
_cell.reciprocal_angle_alpha       ? 
_cell.reciprocal_angle_beta        ? 
_cell.reciprocal_angle_gamma       ? 
_cell.reciprocal_angle_alpha_esd   ? 
_cell.reciprocal_angle_beta_esd    ? 
_cell.reciprocal_angle_gamma_esd   ? 
_cell.reciprocal_length_a          ? 
_cell.reciprocal_length_b          ? 
_cell.reciprocal_length_c          ? 
_cell.reciprocal_length_a_esd      ? 
_cell.reciprocal_length_b_esd      ? 
_cell.reciprocal_length_c_esd      ? 
_cell.pdbx_unique_axis             ? 
# 
_symmetry.entry_id                         6OGR 
_symmetry.cell_setting                     ? 
_symmetry.Int_Tables_number                178 
_symmetry.space_group_name_Hall            ? 
_symmetry.space_group_name_H-M             'P 61 2 2' 
_symmetry.pdbx_full_space_group_name_H-M   ? 
# 
loop_
_entity.id 
_entity.type 
_entity.src_method 
_entity.pdbx_description 
_entity.formula_weight 
_entity.pdbx_number_of_molecules 
_entity.pdbx_ec 
_entity.pdbx_mutation 
_entity.pdbx_fragment 
_entity.details 
1 polymer     man Protease 10781.583 1  ? ? ? ? 
2 non-polymer syn 
;(3S,3aR,5R,7aS,8S)-hexahydro-4H-3,5-methanofuro[2,3-b]pyran-8-yl [(2S,3R)-4-[{[2-(cyclopropylamino)-1,3-benzothiazol-6-yl]sulfonyl}(2-methylpropyl)amino]-1-(3,5-difluorophenyl)-3-hydroxybutan-2-yl]carbamate
;
706.820   1  ? ? ? ? 
3 non-polymer syn 1,2-ETHANEDIOL 62.068    1  ? ? ? ? 
4 water       nat water 18.015    43 ? ? ? ? 
# 
_entity_poly.entity_id                      1 
_entity_poly.type                           'polypeptide(L)' 
_entity_poly.nstd_linkage                   no 
_entity_poly.nstd_monomer                   no 
_entity_poly.pdbx_seq_one_letter_code       
;PQITLWQRPIVTIKVGGQLREALIDTGADDTILEEINLPGRWKPKLIGGIGGFIKVRQYDQIPIEICGHQAIGTVLVGPT
PANVIGRNMLTQIGCTLNF
;
_entity_poly.pdbx_seq_one_letter_code_can   
;PQITLWQRPIVTIKVGGQLREALIDTGADDTILEEINLPGRWKPKLIGGIGGFIKVRQYDQIPIEICGHQAIGTVLVGPT
PANVIGRNMLTQIGCTLNF
;
_entity_poly.pdbx_strand_id                 A 
_entity_poly.pdbx_target_identifier         ? 
# 
loop_
_entity_poly_seq.entity_id 
_entity_poly_seq.num 
_entity_poly_seq.mon_id 
_entity_poly_seq.hetero 
1 1  PRO n 
1 2  GLN n 
1 3  ILE n 
1 4  THR n 
1 5  LEU n 
1 6  TRP n 
1 7  GLN n 
1 8  ARG n 
1 9  PRO n 
1 10 ILE n 
1 11 VAL n 
1 12 THR n 
1 13 ILE n 
1 14 LYS n 
1 15 VAL n 
1 16 GLY n 
1 17 GLY n 
1 18 GLN n 
1 19 LEU n 
1 20 ARG n 
1 21 GLU n 
1 22 ALA n 
1 23 LEU n 
1 24 ILE n 
1 25 ASP n 
1 26 THR n 
1 27 GLY n 
1 28 ALA n 
1 29 ASP n 
1 30 ASP n 
1 31 THR n 
1 32 ILE n 
1 33 LEU n 
1 34 GLU n 
1 35 GLU n 
1 36 ILE n 
1 37 ASN n 
1 38 LEU n 
1 39 PRO n 
1 40 GLY n 
1 41 ARG n 
1 42 TRP n 
1 43 LYS n 
1 44 PRO n 
1 45 LYS n 
1 46 LEU n 
1 47 ILE n 
1 48 GLY n 
1 49 GLY n 
1 50 ILE n 
1 51 GLY n 
1 52 GLY n 
1 53 PHE n 
1 54 ILE n 
1 55 LYS n 
1 56 VAL n 
1 57 ARG n 
1 58 GLN n 
1 59 TYR n 
1 60 ASP n 
1 61 GLN n 
1 62 ILE n 
1 63 PRO n 
1 64 ILE n 
1 65 GLU n 
1 66 ILE n 
1 67 CYS n 
1 68 GLY n 
1 69 HIS n 
1 70 GLN n 
1 71 ALA n 
1 72 ILE n 
1 73 GLY n 
1 74 THR n 
1 75 VAL n 
1 76 LEU n 
1 77 VAL n 
1 78 GLY n 
1 79 PRO n 
1 80 THR n 
1 81 PRO n 
1 82 ALA n 
1 83 ASN n 
1 84 VAL n 
1 85 ILE n 
1 86 GLY n 
1 87 ARG n 
1 88 ASN n 
1 89 MET n 
1 90 LEU n 
1 91 THR n 
1 92 GLN n 
1 93 ILE n 
1 94 GLY n 
1 95 CYS n 
1 96 THR n 
1 97 LEU n 
1 98 ASN n 
1 99 PHE n 
# 
_entity_src_gen.entity_id                          1 
_entity_src_gen.pdbx_src_id                        1 
_entity_src_gen.pdbx_alt_source_flag               sample 
_entity_src_gen.pdbx_seq_type                      'Biological sequence' 
_entity_src_gen.pdbx_beg_seq_num                   1 
_entity_src_gen.pdbx_end_seq_num                   99 
_entity_src_gen.gene_src_common_name               ? 
_entity_src_gen.gene_src_genus                     ? 
_entity_src_gen.pdbx_gene_src_gene                 pol 
_entity_src_gen.gene_src_species                   ? 
_entity_src_gen.gene_src_strain                    ? 
_entity_src_gen.gene_src_tissue                    ? 
_entity_src_gen.gene_src_tissue_fraction           ? 
_entity_src_gen.gene_src_details                   ? 
_entity_src_gen.pdbx_gene_src_fragment             ? 
_entity_src_gen.pdbx_gene_src_scientific_name      'Human immunodeficiency virus 1' 
_entity_src_gen.pdbx_gene_src_ncbi_taxonomy_id     11676 
_entity_src_gen.pdbx_gene_src_variant              ? 
_entity_src_gen.pdbx_gene_src_cell_line            ? 
_entity_src_gen.pdbx_gene_src_atcc                 ? 
_entity_src_gen.pdbx_gene_src_organ                ? 
_entity_src_gen.pdbx_gene_src_organelle            ? 
_entity_src_gen.pdbx_gene_src_cell                 ? 
_entity_src_gen.pdbx_gene_src_cellular_location    ? 
_entity_src_gen.host_org_common_name               ? 
_entity_src_gen.pdbx_host_org_scientific_name      'Escherichia coli' 
_entity_src_gen.pdbx_host_org_ncbi_taxonomy_id     562 
_entity_src_gen.host_org_genus                     ? 
_entity_src_gen.pdbx_host_org_gene                 ? 
_entity_src_gen.pdbx_host_org_organ                ? 
_entity_src_gen.host_org_species                   ? 
_entity_src_gen.pdbx_host_org_tissue               ? 
_entity_src_gen.pdbx_host_org_tissue_fraction      ? 
_entity_src_gen.pdbx_host_org_strain               ? 
_entity_src_gen.pdbx_host_org_variant              ? 
_entity_src_gen.pdbx_host_org_cell_line            ? 
_entity_src_gen.pdbx_host_org_atcc                 ? 
_entity_src_gen.pdbx_host_org_culture_collection   ? 
_entity_src_gen.pdbx_host_org_cell                 ? 
_entity_src_gen.pdbx_host_org_organelle            ? 
_entity_src_gen.pdbx_host_org_cellular_location    ? 
_entity_src_gen.pdbx_host_org_vector_type          ? 
_entity_src_gen.pdbx_host_org_vector               ? 
_entity_src_gen.host_org_details                   ? 
_entity_src_gen.expression_system_id               ? 
_entity_src_gen.plasmid_name                       ? 
_entity_src_gen.plasmid_details                    ? 
_entity_src_gen.pdbx_description                   ? 
# 
_struct_ref.id                         1 
_struct_ref.db_name                    UNP 
_struct_ref.db_code                    O38885_9HIV1 
_struct_ref.pdbx_db_accession          O38885 
_struct_ref.pdbx_db_isoform            ? 
_struct_ref.entity_id                  1 
_struct_ref.pdbx_seq_one_letter_code   
;PQITLWQRPIVTIKVGGQLREALIDTGADDTVLEEINLPGRWKPKLIGGIGGFVKVRQYDQIPIEICGHQAIGTVLVGPT
PANIIGRNMLTQIGCTLNF
;
_struct_ref.pdbx_align_begin           1 
# 
_struct_ref_seq.align_id                      1 
_struct_ref_seq.ref_id                        1 
_struct_ref_seq.pdbx_PDB_id_code              6OGR 
_struct_ref_seq.pdbx_strand_id                A 
_struct_ref_seq.seq_align_beg                 1 
_struct_ref_seq.pdbx_seq_align_beg_ins_code   ? 
_struct_ref_seq.seq_align_end                 99 
_struct_ref_seq.pdbx_seq_align_end_ins_code   ? 
_struct_ref_seq.pdbx_db_accession             O38885 
_struct_ref_seq.db_align_beg                  1 
_struct_ref_seq.pdbx_db_align_beg_ins_code    ? 
_struct_ref_seq.db_align_end                  99 
_struct_ref_seq.pdbx_db_align_end_ins_code    ? 
_struct_ref_seq.pdbx_auth_seq_align_beg       1 
_struct_ref_seq.pdbx_auth_seq_align_end       99 
# 
loop_
_struct_ref_seq_dif.align_id 
_struct_ref_seq_dif.pdbx_pdb_id_code 
_struct_ref_seq_dif.mon_id 
_struct_ref_seq_dif.pdbx_pdb_strand_id 
_struct_ref_seq_dif.seq_num 
_struct_ref_seq_dif.pdbx_pdb_ins_code 
_struct_ref_seq_dif.pdbx_seq_db_name 
_struct_ref_seq_dif.pdbx_seq_db_accession_code 
_struct_ref_seq_dif.db_mon_id 
_struct_ref_seq_dif.pdbx_seq_db_seq_num 
_struct_ref_seq_dif.details 
_struct_ref_seq_dif.pdbx_auth_seq_num 
_struct_ref_seq_dif.pdbx_ordinal 
1 6OGR ILE A 32 ? UNP O38885 VAL 32 conflict 32 1 
1 6OGR ILE A 54 ? UNP O38885 VAL 54 conflict 54 2 
1 6OGR VAL A 84 ? UNP O38885 ILE 84 conflict 84 3 
# 
loop_
_chem_comp.id 
_chem_comp.type 
_chem_comp.mon_nstd_flag 
_chem_comp.name 
_chem_comp.pdbx_synonyms 
_chem_comp.formula 
_chem_comp.formula_weight 
7OA non-polymer         . 
;(3S,3aR,5R,7aS,8S)-hexahydro-4H-3,5-methanofuro[2,3-b]pyran-8-yl [(2S,3R)-4-[{[2-(cyclopropylamino)-1,3-benzothiazol-6-yl]sulfonyl}(2-methylpropyl)amino]-1-(3,5-difluorophenyl)-3-hydroxybutan-2-yl]carbamate
;
?                 'C33 H40 F2 N4 O7 S2' 706.820 
ALA 'L-peptide linking' y ALANINE ?                 'C3 H7 N O2'          89.093  
ARG 'L-peptide linking' y ARGININE ?                 'C6 H15 N4 O2 1'      175.209 
ASN 'L-peptide linking' y ASPARAGINE ?                 'C4 H8 N2 O3'         132.118 
ASP 'L-peptide linking' y 'ASPARTIC ACID' ?                 'C4 H7 N O4'          133.103 
CYS 'L-peptide linking' y CYSTEINE ?                 'C3 H7 N O2 S'        121.158 
EDO non-polymer         . 1,2-ETHANEDIOL 'ETHYLENE GLYCOL' 'C2 H6 O2'            62.068  
GLN 'L-peptide linking' y GLUTAMINE ?                 'C5 H10 N2 O3'        146.144 
GLU 'L-peptide linking' y 'GLUTAMIC ACID' ?                 'C5 H9 N O4'          147.129 
GLY 'peptide linking'   y GLYCINE ?                 'C2 H5 N O2'          75.067  
HIS 'L-peptide linking' y HISTIDINE ?                 'C6 H10 N3 O2 1'      156.162 
HOH non-polymer         . WATER ?                 'H2 O'                18.015  
ILE 'L-peptide linking' y ISOLEUCINE ?                 'C6 H13 N O2'         131.173 
LEU 'L-peptide linking' y LEUCINE ?                 'C6 H13 N O2'         131.173 
LYS 'L-peptide linking' y LYSINE ?                 'C6 H15 N2 O2 1'      147.195 
MET 'L-peptide linking' y METHIONINE ?                 'C5 H11 N O2 S'       149.211 
PHE 'L-peptide linking' y PHENYLALANINE ?                 'C9 H11 N O2'         165.189 
PRO 'L-peptide linking' y PROLINE ?                 'C5 H9 N O2'          115.130 
THR 'L-peptide linking' y THREONINE ?                 'C4 H9 N O3'          119.119 
TRP 'L-peptide linking' y TRYPTOPHAN ?                 'C11 H12 N2 O2'       204.225 
TYR 'L-peptide linking' y TYROSINE ?                 'C9 H11 N O3'         181.189 
VAL 'L-peptide linking' y VALINE ?                 'C5 H11 N O2'         117.146 
# 
_exptl.absorpt_coefficient_mu     ? 
_exptl.absorpt_correction_T_max   ? 
_exptl.absorpt_correction_T_min   ? 
_exptl.absorpt_correction_type    ? 
_exptl.absorpt_process_details    ? 
_exptl.entry_id                   6OGR 
_exptl.crystals_number            1 
_exptl.details                    ? 
_exptl.method                     'X-RAY DIFFRACTION' 
_exptl.method_details             ? 
# 
_exptl_crystal.colour                      ? 
_exptl_crystal.density_diffrn              ? 
_exptl_crystal.density_Matthews            2.16 
_exptl_crystal.density_method              ? 
_exptl_crystal.density_percent_sol         43.13 
_exptl_crystal.description                 ? 
_exptl_crystal.F_000                       ? 
_exptl_crystal.id                          1 
_exptl_crystal.preparation                 ? 
_exptl_crystal.size_max                    ? 
_exptl_crystal.size_mid                    ? 
_exptl_crystal.size_min                    ? 
_exptl_crystal.size_rad                    ? 
_exptl_crystal.colour_lustre               ? 
_exptl_crystal.colour_modifier             ? 
_exptl_crystal.colour_primary              ? 
_exptl_crystal.density_meas                ? 
_exptl_crystal.density_meas_esd            ? 
_exptl_crystal.density_meas_gt             ? 
_exptl_crystal.density_meas_lt             ? 
_exptl_crystal.density_meas_temp           ? 
_exptl_crystal.density_meas_temp_esd       ? 
_exptl_crystal.density_meas_temp_gt        ? 
_exptl_crystal.density_meas_temp_lt        ? 
_exptl_crystal.pdbx_crystal_image_url      ? 
_exptl_crystal.pdbx_crystal_image_format   ? 
_exptl_crystal.pdbx_mosaicity              ? 
_exptl_crystal.pdbx_mosaicity_esd          ? 
# 
_exptl_crystal_grow.apparatus       ? 
_exptl_crystal_grow.atmosphere      ? 
_exptl_crystal_grow.crystal_id      1 
_exptl_crystal_grow.details         ? 
_exptl_crystal_grow.method          'VAPOR DIFFUSION, HANGING DROP' 
_exptl_crystal_grow.method_ref      ? 
_exptl_crystal_grow.pH              7.2 
_exptl_crystal_grow.pressure        ? 
_exptl_crystal_grow.pressure_esd    ? 
_exptl_crystal_grow.seeding         ? 
_exptl_crystal_grow.seeding_ref     ? 
_exptl_crystal_grow.temp            298.0 
_exptl_crystal_grow.temp_details    ? 
_exptl_crystal_grow.temp_esd        ? 
_exptl_crystal_grow.time            ? 
_exptl_crystal_grow.pdbx_details    '0.15 M Ammonium sulfate, 0.1 M HEPES (pH 7.2), 20% (w/v) PEG4000' 
_exptl_crystal_grow.pdbx_pH_range   ? 
# 
_diffrn.ambient_environment              ? 
_diffrn.ambient_temp                     100 
_diffrn.ambient_temp_details             ? 
_diffrn.ambient_temp_esd                 ? 
_diffrn.crystal_id                       1 
_diffrn.crystal_support                  ? 
_diffrn.crystal_treatment                ? 
_diffrn.details                          ? 
_diffrn.id                               1 
_diffrn.ambient_pressure                 ? 
_diffrn.ambient_pressure_esd             ? 
_diffrn.ambient_pressure_gt              ? 
_diffrn.ambient_pressure_lt              ? 
_diffrn.ambient_temp_gt                  ? 
_diffrn.ambient_temp_lt                  ? 
_diffrn.pdbx_serial_crystal_experiment   N 
# 
_diffrn_detector.details                      ? 
_diffrn_detector.detector                     PIXEL 
_diffrn_detector.diffrn_id                    1 
_diffrn_detector.type                         'DECTRIS PILATUS 6M' 
_diffrn_detector.area_resol_mean              ? 
_diffrn_detector.dtime                        ? 
_diffrn_detector.pdbx_frames_total            ? 
_diffrn_detector.pdbx_collection_time_total   ? 
_diffrn_detector.pdbx_collection_date         2016-11-01 
_diffrn_detector.pdbx_frequency               ? 
# 
_diffrn_radiation.collimation                      ? 
_diffrn_radiation.diffrn_id                        1 
_diffrn_radiation.filter_edge                      ? 
_diffrn_radiation.inhomogeneity                    ? 
_diffrn_radiation.monochromator                    ? 
_diffrn_radiation.polarisn_norm                    ? 
_diffrn_radiation.polarisn_ratio                   ? 
_diffrn_radiation.probe                            ? 
_diffrn_radiation.type                             ? 
_diffrn_radiation.xray_symbol                      ? 
_diffrn_radiation.wavelength_id                    1 
_diffrn_radiation.pdbx_monochromatic_or_laue_m_l   M 
_diffrn_radiation.pdbx_wavelength_list             ? 
_diffrn_radiation.pdbx_wavelength                  ? 
_diffrn_radiation.pdbx_diffrn_protocol             'SINGLE WAVELENGTH' 
_diffrn_radiation.pdbx_analyzer                    ? 
_diffrn_radiation.pdbx_scattering_type             x-ray 
# 
_diffrn_radiation_wavelength.id           1 
_diffrn_radiation_wavelength.wavelength   1.0 
_diffrn_radiation_wavelength.wt           1.0 
# 
_diffrn_source.current                     ? 
_diffrn_source.details                     ? 
_diffrn_source.diffrn_id                   1 
_diffrn_source.power                       ? 
_diffrn_source.size                        ? 
_diffrn_source.source                      SYNCHROTRON 
_diffrn_source.target                      ? 
_diffrn_source.type                        'SPRING-8 BEAMLINE BL24XU' 
_diffrn_source.voltage                     ? 
_diffrn_source.take-off_angle              ? 
_diffrn_source.pdbx_wavelength_list        1.0 
_diffrn_source.pdbx_wavelength             ? 
_diffrn_source.pdbx_synchrotron_beamline   BL24XU 
_diffrn_source.pdbx_synchrotron_site       SPring-8 
# 
_reflns.B_iso_Wilson_estimate            ? 
_reflns.entry_id                         6OGR 
_reflns.data_reduction_details           ? 
_reflns.data_reduction_method            ? 
_reflns.d_resolution_high                1.28 
_reflns.d_resolution_low                 54.42 
_reflns.details                          ? 
_reflns.limit_h_max                      ? 
_reflns.limit_h_min                      ? 
_reflns.limit_k_max                      ? 
_reflns.limit_k_min                      ? 
_reflns.limit_l_max                      ? 
_reflns.limit_l_min                      ? 
_reflns.number_all                       ? 
_reflns.number_obs                       25228 
_reflns.observed_criterion               ? 
_reflns.observed_criterion_F_max         ? 
_reflns.observed_criterion_F_min         ? 
_reflns.observed_criterion_I_max         ? 
_reflns.observed_criterion_I_min         ? 
_reflns.observed_criterion_sigma_F       ? 
_reflns.observed_criterion_sigma_I       ? 
_reflns.percent_possible_obs             100.0 
_reflns.R_free_details                   ? 
_reflns.Rmerge_F_all                     ? 
_reflns.Rmerge_F_obs                     ? 
_reflns.Friedel_coverage                 ? 
_reflns.number_gt                        ? 
_reflns.threshold_expression             ? 
_reflns.pdbx_redundancy                  18.1 
_reflns.pdbx_Rmerge_I_obs                ? 
_reflns.pdbx_Rmerge_I_all                ? 
_reflns.pdbx_Rsym_value                  ? 
_reflns.pdbx_netI_over_av_sigmaI         ? 
_reflns.pdbx_netI_over_sigmaI            12.70 
_reflns.pdbx_res_netI_over_av_sigmaI_2   ? 
_reflns.pdbx_res_netI_over_sigmaI_2      ? 
_reflns.pdbx_chi_squared                 ? 
_reflns.pdbx_scaling_rejects             ? 
_reflns.pdbx_d_res_high_opt              ? 
_reflns.pdbx_d_res_low_opt               ? 
_reflns.pdbx_d_res_opt_method            ? 
_reflns.phase_calculation_details        ? 
_reflns.pdbx_Rrim_I_all                  ? 
_reflns.pdbx_Rpim_I_all                  ? 
_reflns.pdbx_d_opt                       ? 
_reflns.pdbx_number_measured_all         ? 
_reflns.pdbx_diffrn_id                   1 
_reflns.pdbx_ordinal                     1 
_reflns.pdbx_CC_half                     ? 
_reflns.pdbx_R_split                     ? 
# 
_reflns_shell.d_res_high                  1.28 
_reflns_shell.d_res_low                   1.32 
_reflns_shell.meanI_over_sigI_all         ? 
_reflns_shell.meanI_over_sigI_obs         ? 
_reflns_shell.number_measured_all         ? 
_reflns_shell.number_measured_obs         ? 
_reflns_shell.number_possible             ? 
_reflns_shell.number_unique_all           ? 
_reflns_shell.number_unique_obs           2443 
_reflns_shell.percent_possible_all        ? 
_reflns_shell.percent_possible_obs        ? 
_reflns_shell.Rmerge_F_all                ? 
_reflns_shell.Rmerge_F_obs                ? 
_reflns_shell.Rmerge_I_all                ? 
_reflns_shell.Rmerge_I_obs                ? 
_reflns_shell.meanI_over_sigI_gt          ? 
_reflns_shell.meanI_over_uI_all           ? 
_reflns_shell.meanI_over_uI_gt            ? 
_reflns_shell.number_measured_gt          ? 
_reflns_shell.number_unique_gt            ? 
_reflns_shell.percent_possible_gt         ? 
_reflns_shell.Rmerge_F_gt                 ? 
_reflns_shell.Rmerge_I_gt                 ? 
_reflns_shell.pdbx_redundancy             ? 
_reflns_shell.pdbx_Rsym_value             ? 
_reflns_shell.pdbx_chi_squared            ? 
_reflns_shell.pdbx_netI_over_sigmaI_all   ? 
_reflns_shell.pdbx_netI_over_sigmaI_obs   ? 
_reflns_shell.pdbx_Rrim_I_all             ? 
_reflns_shell.pdbx_Rpim_I_all             ? 
_reflns_shell.pdbx_rejects                ? 
_reflns_shell.pdbx_ordinal                1 
_reflns_shell.pdbx_diffrn_id              1 
_reflns_shell.pdbx_CC_half                ? 
_reflns_shell.pdbx_R_split                ? 
# 
_refine.aniso_B[1][1]                            0.18 
_refine.aniso_B[1][2]                            0.09 
_refine.aniso_B[1][3]                            0.00 
_refine.aniso_B[2][2]                            0.18 
_refine.aniso_B[2][3]                            0.00 
_refine.aniso_B[3][3]                            -0.60 
_refine.B_iso_max                                ? 
_refine.B_iso_mean                               19.221 
_refine.B_iso_min                                ? 
_refine.correlation_coeff_Fo_to_Fc               0.964 
_refine.correlation_coeff_Fo_to_Fc_free          0.955 
_refine.details                                  'HYDROGENS HAVE BEEN ADDED IN THE RIDING POSITIONS' 
_refine.diff_density_max                         ? 
_refine.diff_density_max_esd                     ? 
_refine.diff_density_min                         ? 
_refine.diff_density_min_esd                     ? 
_refine.diff_density_rms                         ? 
_refine.diff_density_rms_esd                     ? 
_refine.entry_id                                 6OGR 
_refine.pdbx_refine_id                           'X-RAY DIFFRACTION' 
_refine.ls_abs_structure_details                 ? 
_refine.ls_abs_structure_Flack                   ? 
_refine.ls_abs_structure_Flack_esd               ? 
_refine.ls_abs_structure_Rogers                  ? 
_refine.ls_abs_structure_Rogers_esd              ? 
_refine.ls_d_res_high                            1.28 
_refine.ls_d_res_low                             54.42 
_refine.ls_extinction_coef                       ? 
_refine.ls_extinction_coef_esd                   ? 
_refine.ls_extinction_expression                 ? 
_refine.ls_extinction_method                     ? 
_refine.ls_goodness_of_fit_all                   ? 
_refine.ls_goodness_of_fit_all_esd               ? 
_refine.ls_goodness_of_fit_obs                   ? 
_refine.ls_goodness_of_fit_obs_esd               ? 
_refine.ls_hydrogen_treatment                    ? 
_refine.ls_matrix_type                           ? 
_refine.ls_number_constraints                    ? 
_refine.ls_number_parameters                     ? 
_refine.ls_number_reflns_all                     ? 
_refine.ls_number_reflns_obs                     23909 
_refine.ls_number_reflns_R_free                  1247 
_refine.ls_number_reflns_R_work                  ? 
_refine.ls_number_restraints                     ? 
_refine.ls_percent_reflns_obs                    99.82 
_refine.ls_percent_reflns_R_free                 5.0 
_refine.ls_R_factor_all                          ? 
_refine.ls_R_factor_obs                          0.20781 
_refine.ls_R_factor_R_free                       0.22924 
_refine.ls_R_factor_R_free_error                 ? 
_refine.ls_R_factor_R_free_error_details         ? 
_refine.ls_R_factor_R_work                       0.20669 
_refine.ls_R_Fsqd_factor_obs                     ? 
_refine.ls_R_I_factor_obs                        ? 
_refine.ls_redundancy_reflns_all                 ? 
_refine.ls_redundancy_reflns_obs                 ? 
_refine.ls_restrained_S_all                      ? 
_refine.ls_restrained_S_obs                      ? 
_refine.ls_shift_over_esd_max                    ? 
_refine.ls_shift_over_esd_mean                   ? 
_refine.ls_structure_factor_coef                 ? 
_refine.ls_weighting_details                     ? 
_refine.ls_weighting_scheme                      ? 
_refine.ls_wR_factor_all                         ? 
_refine.ls_wR_factor_obs                         ? 
_refine.ls_wR_factor_R_free                      ? 
_refine.ls_wR_factor_R_work                      ? 
_refine.occupancy_max                            ? 
_refine.occupancy_min                            ? 
_refine.solvent_model_details                    ? 
_refine.solvent_model_param_bsol                 ? 
_refine.solvent_model_param_ksol                 ? 
_refine.ls_R_factor_gt                           ? 
_refine.ls_goodness_of_fit_gt                    ? 
_refine.ls_goodness_of_fit_ref                   ? 
_refine.ls_shift_over_su_max                     ? 
_refine.ls_shift_over_su_max_lt                  ? 
_refine.ls_shift_over_su_mean                    ? 
_refine.ls_shift_over_su_mean_lt                 ? 
_refine.pdbx_ls_sigma_I                          ? 
_refine.pdbx_ls_sigma_F                          ? 
_refine.pdbx_ls_sigma_Fsqd                       ? 
_refine.pdbx_data_cutoff_high_absF               ? 
_refine.pdbx_data_cutoff_high_rms_absF           ? 
_refine.pdbx_data_cutoff_low_absF                ? 
_refine.pdbx_isotropic_thermal_model             ? 
_refine.pdbx_ls_cross_valid_method               THROUGHOUT 
_refine.pdbx_method_to_determine_struct          'MOLECULAR REPLACEMENT' 
_refine.pdbx_starting_model                      5TYR 
_refine.pdbx_stereochemistry_target_values       ? 
_refine.pdbx_R_Free_selection_details            RANDOM 
_refine.pdbx_stereochem_target_val_spec_case     ? 
_refine.pdbx_overall_ESU_R                       0.056 
_refine.pdbx_overall_ESU_R_Free                  0.057 
_refine.pdbx_solvent_vdw_probe_radii             1.20 
_refine.pdbx_solvent_ion_probe_radii             0.80 
_refine.pdbx_solvent_shrinkage_radii             0.80 
_refine.pdbx_real_space_R                        ? 
_refine.pdbx_density_correlation                 ? 
_refine.pdbx_pd_number_of_powder_patterns        ? 
_refine.pdbx_pd_number_of_points                 ? 
_refine.pdbx_pd_meas_number_of_points            ? 
_refine.pdbx_pd_proc_ls_prof_R_factor            ? 
_refine.pdbx_pd_proc_ls_prof_wR_factor           ? 
_refine.pdbx_pd_Marquardt_correlation_coeff      ? 
_refine.pdbx_pd_Fsqrd_R_factor                   ? 
_refine.pdbx_pd_ls_matrix_band_width             ? 
_refine.pdbx_overall_phase_error                 ? 
_refine.pdbx_overall_SU_R_free_Cruickshank_DPI   ? 
_refine.pdbx_overall_SU_R_free_Blow_DPI          ? 
_refine.pdbx_overall_SU_R_Blow_DPI               ? 
_refine.pdbx_TLS_residual_ADP_flag               ? 
_refine.pdbx_diffrn_id                           1 
_refine.overall_SU_B                             1.097 
_refine.overall_SU_ML                            0.045 
_refine.overall_SU_R_Cruickshank_DPI             ? 
_refine.overall_SU_R_free                        ? 
_refine.overall_FOM_free_R_set                   ? 
_refine.overall_FOM_work_R_set                   ? 
_refine.pdbx_average_fsc_overall                 ? 
_refine.pdbx_average_fsc_work                    ? 
_refine.pdbx_average_fsc_free                    ? 
# 
_refine_hist.pdbx_refine_id                   'X-RAY DIFFRACTION' 
_refine_hist.cycle_id                         1 
_refine_hist.details                          ? 
_refine_hist.d_res_high                       1.28 
_refine_hist.d_res_low                        54.42 
_refine_hist.number_atoms_solvent             43 
_refine_hist.number_atoms_total               853 
_refine_hist.number_reflns_all                ? 
_refine_hist.number_reflns_obs                ? 
_refine_hist.number_reflns_R_free             ? 
_refine_hist.number_reflns_R_work             ? 
_refine_hist.R_factor_all                     ? 
_refine_hist.R_factor_obs                     ? 
_refine_hist.R_factor_R_free                  ? 
_refine_hist.R_factor_R_work                  ? 
_refine_hist.pdbx_number_residues_total       ? 
_refine_hist.pdbx_B_iso_mean_ligand           ? 
_refine_hist.pdbx_B_iso_mean_solvent          ? 
_refine_hist.pdbx_number_atoms_protein        758 
_refine_hist.pdbx_number_atoms_nucleic_acid   0 
_refine_hist.pdbx_number_atoms_ligand         52 
_refine_hist.pdbx_number_atoms_lipid          ? 
_refine_hist.pdbx_number_atoms_carb           ? 
_refine_hist.pdbx_pseudo_atom_details         ? 
# 
loop_
_refine_ls_restr.pdbx_refine_id 
_refine_ls_restr.criterion 
_refine_ls_restr.dev_ideal 
_refine_ls_restr.dev_ideal_target 
_refine_ls_restr.number 
_refine_ls_restr.rejects 
_refine_ls_restr.type 
_refine_ls_restr.weight 
_refine_ls_restr.pdbx_restraint_function 
'X-RAY DIFFRACTION' ? 0.016  0.014  860  ? r_bond_refined_d             ? ? 
'X-RAY DIFFRACTION' ? 0.005  0.018  836  ? r_bond_other_d               ? ? 
'X-RAY DIFFRACTION' ? 2.121  1.735  1180 ? r_angle_refined_deg          ? ? 
'X-RAY DIFFRACTION' ? 1.638  1.658  1943 ? r_angle_other_deg            ? ? 
'X-RAY DIFFRACTION' ? 8.490  5.000  104  ? r_dihedral_angle_1_deg       ? ? 
'X-RAY DIFFRACTION' ? 39.992 22.500 36   ? r_dihedral_angle_2_deg       ? ? 
'X-RAY DIFFRACTION' ? 13.140 15.000 139  ? r_dihedral_angle_3_deg       ? ? 
'X-RAY DIFFRACTION' ? 9.431  15.000 5    ? r_dihedral_angle_4_deg       ? ? 
'X-RAY DIFFRACTION' ? 0.103  0.200  125  ? r_chiral_restr               ? ? 
'X-RAY DIFFRACTION' ? 0.016  0.020  931  ? r_gen_planes_refined         ? ? 
'X-RAY DIFFRACTION' ? 0.009  0.020  164  ? r_gen_planes_other           ? ? 
'X-RAY DIFFRACTION' ? ?      ?      ?    ? r_nbd_refined                ? ? 
'X-RAY DIFFRACTION' ? ?      ?      ?    ? r_nbd_other                  ? ? 
'X-RAY DIFFRACTION' ? ?      ?      ?    ? r_nbtor_refined              ? ? 
'X-RAY DIFFRACTION' ? ?      ?      ?    ? r_nbtor_other                ? ? 
'X-RAY DIFFRACTION' ? ?      ?      ?    ? r_xyhbond_nbd_refined        ? ? 
'X-RAY DIFFRACTION' ? ?      ?      ?    ? r_xyhbond_nbd_other          ? ? 
'X-RAY DIFFRACTION' ? ?      ?      ?    ? r_metal_ion_refined          ? ? 
'X-RAY DIFFRACTION' ? ?      ?      ?    ? r_metal_ion_other            ? ? 
'X-RAY DIFFRACTION' ? ?      ?      ?    ? r_symmetry_vdw_refined       ? ? 
'X-RAY DIFFRACTION' ? ?      ?      ?    ? r_symmetry_vdw_other         ? ? 
'X-RAY DIFFRACTION' ? ?      ?      ?    ? r_symmetry_hbond_refined     ? ? 
'X-RAY DIFFRACTION' ? ?      ?      ?    ? r_symmetry_hbond_other       ? ? 
'X-RAY DIFFRACTION' ? ?      ?      ?    ? r_symmetry_metal_ion_refined ? ? 
'X-RAY DIFFRACTION' ? ?      ?      ?    ? r_symmetry_metal_ion_other   ? ? 
'X-RAY DIFFRACTION' ? 1.655  1.810  410  ? r_mcbond_it                  ? ? 
'X-RAY DIFFRACTION' ? 1.647  1.807  409  ? r_mcbond_other               ? ? 
'X-RAY DIFFRACTION' ? 2.381  2.722  516  ? r_mcangle_it                 ? ? 
'X-RAY DIFFRACTION' ? 2.384  2.724  517  ? r_mcangle_other              ? ? 
'X-RAY DIFFRACTION' ? 2.691  2.127  446  ? r_scbond_it                  ? ? 
'X-RAY DIFFRACTION' ? 2.688  2.132  447  ? r_scbond_other               ? ? 
'X-RAY DIFFRACTION' ? ?      ?      ?    ? r_scangle_it                 ? ? 
'X-RAY DIFFRACTION' ? 4.011  3.058  659  ? r_scangle_other              ? ? 
'X-RAY DIFFRACTION' ? 5.034  20.432 805  ? r_long_range_B_refined       ? ? 
'X-RAY DIFFRACTION' ? 5.034  20.455 805  ? r_long_range_B_other         ? ? 
'X-RAY DIFFRACTION' ? ?      ?      ?    ? r_rigid_bond_restr           ? ? 
'X-RAY DIFFRACTION' ? ?      ?      ?    ? r_sphericity_free            ? ? 
'X-RAY DIFFRACTION' ? ?      ?      ?    ? r_sphericity_bonded          ? ? 
# 
_refine_ls_shell.pdbx_refine_id                   'X-RAY DIFFRACTION' 
_refine_ls_shell.d_res_high                       1.280 
_refine_ls_shell.d_res_low                        1.314 
_refine_ls_shell.number_reflns_all                ? 
_refine_ls_shell.number_reflns_obs                ? 
_refine_ls_shell.number_reflns_R_free             75 
_refine_ls_shell.number_reflns_R_work             1718 
_refine_ls_shell.percent_reflns_obs               99.28 
_refine_ls_shell.percent_reflns_R_free            ? 
_refine_ls_shell.R_factor_all                     ? 
_refine_ls_shell.R_factor_obs                     ? 
_refine_ls_shell.R_factor_R_free                  0.322 
_refine_ls_shell.R_factor_R_free_error            ? 
_refine_ls_shell.R_factor_R_work                  0.331 
_refine_ls_shell.redundancy_reflns_all            ? 
_refine_ls_shell.redundancy_reflns_obs            ? 
_refine_ls_shell.wR_factor_all                    ? 
_refine_ls_shell.wR_factor_obs                    ? 
_refine_ls_shell.wR_factor_R_free                 ? 
_refine_ls_shell.wR_factor_R_work                 ? 
_refine_ls_shell.pdbx_total_number_of_bins_used   20 
_refine_ls_shell.pdbx_phase_error                 ? 
_refine_ls_shell.pdbx_fsc_work                    ? 
_refine_ls_shell.pdbx_fsc_free                    ? 
# 
_struct.entry_id                     6OGR 
_struct.title                        'X-ray crystal structure of darunavir-resistant HIV-1 protease (P30) in complex with GRL-142' 
_struct.pdbx_model_details           ? 
_struct.pdbx_formula_weight          ? 
_struct.pdbx_formula_weight_method   ? 
_struct.pdbx_model_type_details      ? 
_struct.pdbx_CASP_flag               N 
# 
_struct_keywords.entry_id        6OGR 
_struct_keywords.text            'Inhibitor, VIRAL PROTEIN, VIRAL PROTEIN-INHIBITOR complex' 
_struct_keywords.pdbx_keywords   'VIRAL PROTEIN/INHIBITOR' 
# 
loop_
_struct_asym.id 
_struct_asym.pdbx_blank_PDB_chainid_flag 
_struct_asym.pdbx_modified 
_struct_asym.entity_id 
_struct_asym.details 
A N N 1 ? 
B N N 2 ? 
C N N 3 ? 
D N N 4 ? 
# 
loop_
_struct_conf.conf_type_id 
_struct_conf.id 
_struct_conf.pdbx_PDB_helix_id 
_struct_conf.beg_label_comp_id 
_struct_conf.beg_label_asym_id 
_struct_conf.beg_label_seq_id 
_struct_conf.pdbx_beg_PDB_ins_code 
_struct_conf.end_label_comp_id 
_struct_conf.end_label_asym_id 
_struct_conf.end_label_seq_id 
_struct_conf.pdbx_end_PDB_ins_code 
_struct_conf.beg_auth_comp_id 
_struct_conf.beg_auth_asym_id 
_struct_conf.beg_auth_seq_id 
_struct_conf.end_auth_comp_id 
_struct_conf.end_auth_asym_id 
_struct_conf.end_auth_seq_id 
_struct_conf.pdbx_PDB_helix_class 
_struct_conf.details 
_struct_conf.pdbx_PDB_helix_length 
HELX_P HELX_P1 AA1 GLY A 86 ? THR A 91 ? GLY A 86 THR A 91 1 ? 6 
HELX_P HELX_P2 AA2 GLN A 92 ? GLY A 94 ? GLN A 92 GLY A 94 5 ? 3 
# 
_struct_conf_type.id          HELX_P 
_struct_conf_type.criteria    ? 
_struct_conf_type.reference   ? 
# 
_struct_sheet.id               AA1 
_struct_sheet.type             ? 
_struct_sheet.number_strands   8 
_struct_sheet.details          ? 
# 
loop_
_struct_sheet_order.sheet_id 
_struct_sheet_order.range_id_1 
_struct_sheet_order.range_id_2 
_struct_sheet_order.offset 
_struct_sheet_order.sense 
AA1 1 2 ? anti-parallel 
AA1 2 3 ? anti-parallel 
AA1 3 4 ? parallel      
AA1 4 5 ? anti-parallel 
AA1 5 6 ? parallel      
AA1 6 7 ? anti-parallel 
AA1 7 8 ? anti-parallel 
# 
loop_
_struct_sheet_range.sheet_id 
_struct_sheet_range.id 
_struct_sheet_range.beg_label_comp_id 
_struct_sheet_range.beg_label_asym_id 
_struct_sheet_range.beg_label_seq_id 
_struct_sheet_range.pdbx_beg_PDB_ins_code 
_struct_sheet_range.end_label_comp_id 
_struct_sheet_range.end_label_asym_id 
_struct_sheet_range.end_label_seq_id 
_struct_sheet_range.pdbx_end_PDB_ins_code 
_struct_sheet_range.beg_auth_comp_id 
_struct_sheet_range.beg_auth_asym_id 
_struct_sheet_range.beg_auth_seq_id 
_struct_sheet_range.end_auth_comp_id 
_struct_sheet_range.end_auth_asym_id 
_struct_sheet_range.end_auth_seq_id 
AA1 1 LYS A 43 ? GLY A 49 ? LYS A 43 GLY A 49 
AA1 2 GLY A 52 ? ILE A 66 ? GLY A 52 ILE A 66 
AA1 3 HIS A 69 ? VAL A 77 ? HIS A 69 VAL A 77 
AA1 4 ILE A 32 ? LEU A 33 ? ILE A 32 LEU A 33 
AA1 5 VAL A 84 ? ILE A 85 ? VAL A 84 ILE A 85 
AA1 6 GLN A 18 ? ILE A 24 ? GLN A 18 ILE A 24 
AA1 7 ILE A 10 ? VAL A 15 ? ILE A 10 VAL A 15 
AA1 8 GLY A 52 ? ILE A 66 ? GLY A 52 ILE A 66 
# 
loop_
_pdbx_struct_sheet_hbond.sheet_id 
_pdbx_struct_sheet_hbond.range_id_1 
_pdbx_struct_sheet_hbond.range_id_2 
_pdbx_struct_sheet_hbond.range_1_label_atom_id 
_pdbx_struct_sheet_hbond.range_1_label_comp_id 
_pdbx_struct_sheet_hbond.range_1_label_asym_id 
_pdbx_struct_sheet_hbond.range_1_label_seq_id 
_pdbx_struct_sheet_hbond.range_1_PDB_ins_code 
_pdbx_struct_sheet_hbond.range_1_auth_atom_id 
_pdbx_struct_sheet_hbond.range_1_auth_comp_id 
_pdbx_struct_sheet_hbond.range_1_auth_asym_id 
_pdbx_struct_sheet_hbond.range_1_auth_seq_id 
_pdbx_struct_sheet_hbond.range_2_label_atom_id 
_pdbx_struct_sheet_hbond.range_2_label_comp_id 
_pdbx_struct_sheet_hbond.range_2_label_asym_id 
_pdbx_struct_sheet_hbond.range_2_label_seq_id 
_pdbx_struct_sheet_hbond.range_2_PDB_ins_code 
_pdbx_struct_sheet_hbond.range_2_auth_atom_id 
_pdbx_struct_sheet_hbond.range_2_auth_comp_id 
_pdbx_struct_sheet_hbond.range_2_auth_asym_id 
_pdbx_struct_sheet_hbond.range_2_auth_seq_id 
AA1 1 2 N LYS A 45 ? N LYS A 45 O VAL A 56 ? O VAL A 56 
AA1 2 3 N ARG A 57 ? N ARG A 57 O VAL A 77 ? O VAL A 77 
AA1 3 4 O LEU A 76 ? O LEU A 76 N LEU A 33 ? N LEU A 33 
AA1 4 5 N ILE A 32 ? N ILE A 32 O VAL A 84 ? O VAL A 84 
AA1 5 6 O ILE A 85 ? O ILE A 85 N LEU A 23 ? N LEU A 23 
AA1 6 7 O ARG A 20 ? O ARG A 20 N ILE A 13 ? N ILE A 13 
AA1 7 8 N LYS A 14 ? N LYS A 14 O GLU A 65 ? O GLU A 65 
# 
loop_
_struct_site.id 
_struct_site.pdbx_evidence_code 
_struct_site.pdbx_auth_asym_id 
_struct_site.pdbx_auth_comp_id 
_struct_site.pdbx_auth_seq_id 
_struct_site.pdbx_auth_ins_code 
_struct_site.pdbx_num_residues 
_struct_site.details 
AC1 Software A 7OA 101 ? 22 'binding site for residue 7OA A 101' 
AC2 Software A EDO 102 ? 3  'binding site for residue EDO A 102' 
# 
loop_
_struct_site_gen.id 
_struct_site_gen.site_id 
_struct_site_gen.pdbx_num_res 
_struct_site_gen.label_comp_id 
_struct_site_gen.label_asym_id 
_struct_site_gen.label_seq_id 
_struct_site_gen.pdbx_auth_ins_code 
_struct_site_gen.auth_comp_id 
_struct_site_gen.auth_asym_id 
_struct_site_gen.auth_seq_id 
_struct_site_gen.label_atom_id 
_struct_site_gen.label_alt_id 
_struct_site_gen.symmetry 
_struct_site_gen.details 
1  AC1 22 ASP A 25 ? ASP A 25  . ? 7_555  ? 
2  AC1 22 ASP A 25 ? ASP A 25  . ? 1_555  ? 
3  AC1 22 GLY A 27 ? GLY A 27  . ? 7_555  ? 
4  AC1 22 GLY A 27 ? GLY A 27  . ? 1_555  ? 
5  AC1 22 ALA A 28 ? ALA A 28  . ? 7_555  ? 
6  AC1 22 ASP A 29 ? ASP A 29  . ? 7_555  ? 
7  AC1 22 ASP A 29 ? ASP A 29  . ? 1_555  ? 
8  AC1 22 ASP A 30 ? ASP A 30  . ? 7_555  ? 
9  AC1 22 ASP A 30 ? ASP A 30  . ? 1_555  ? 
10 AC1 22 ILE A 32 ? ILE A 32  . ? 7_555  ? 
11 AC1 22 ILE A 32 ? ILE A 32  . ? 1_555  ? 
12 AC1 22 ILE A 47 ? ILE A 47  . ? 1_555  ? 
13 AC1 22 GLY A 48 ? GLY A 48  . ? 7_555  ? 
14 AC1 22 GLY A 48 ? GLY A 48  . ? 1_555  ? 
15 AC1 22 GLY A 49 ? GLY A 49  . ? 1_555  ? 
16 AC1 22 GLY A 49 ? GLY A 49  . ? 7_555  ? 
17 AC1 22 ILE A 50 ? ILE A 50  . ? 1_555  ? 
18 AC1 22 ILE A 50 ? ILE A 50  . ? 7_555  ? 
19 AC1 22 PRO A 81 ? PRO A 81  . ? 7_555  ? 
20 AC1 22 EDO C .  ? EDO A 102 . ? 5_554  ? 
21 AC1 22 HOH D .  ? HOH A 203 . ? 7_555  ? 
22 AC1 22 HOH D .  ? HOH A 203 . ? 1_555  ? 
23 AC2 3  ARG A 8  ? ARG A 8   . ? 11_555 ? 
24 AC2 3  ARG A 8  ? ARG A 8   . ? 1_555  ? 
25 AC2 3  7OA B .  ? 7OA A 101 . ? 6_555  ? 
# 
_atom_sites.entry_id                    6OGR 
_atom_sites.fract_transf_matrix[1][1]   0.01401803 
_atom_sites.fract_transf_matrix[1][2]   0.00437046 
_atom_sites.fract_transf_matrix[1][3]   -0.01104476 
_atom_sites.fract_transf_matrix[2][1]   -0.00179964 
_atom_sites.fract_transf_matrix[2][2]   0.01365152 
_atom_sites.fract_transf_matrix[2][3]   -0.01216558 
_atom_sites.fract_transf_matrix[3][1]   0.00408106 
_atom_sites.fract_transf_matrix[3][2]   0.00796129 
_atom_sites.fract_transf_matrix[3][3]   0.00833000 
_atom_sites.fract_transf_vector[1]      -0.310638 
_atom_sites.fract_transf_vector[2]      -0.426840 
_atom_sites.fract_transf_vector[3]      0.063162 
# 
loop_
_atom_type.symbol 
C 
F 
N 
O 
S 
# 
loop_
_atom_site.group_PDB 
_atom_site.id 
_atom_site.type_symbol 
_atom_site.label_atom_id 
_atom_site.label_alt_id 
_atom_site.label_comp_id 
_atom_site.label_asym_id 
_atom_site.label_entity_id 
_atom_site.label_seq_id 
_atom_site.pdbx_PDB_ins_code 
_atom_site.Cartn_x 
_atom_site.Cartn_y 
_atom_site.Cartn_z 
_atom_site.occupancy 
_atom_site.B_iso_or_equiv 
_atom_site.pdbx_formal_charge 
_atom_site.auth_seq_id 
_atom_site.auth_comp_id 
_atom_site.auth_asym_id 
_atom_site.auth_atom_id 
_atom_site.pdbx_PDB_model_num 
ATOM   1   N N   . PRO A 1 1  ? -2.472  -7.495  15.691  1.00 32.15 ? 1   PRO A N   1 
ATOM   2   C CA  . PRO A 1 1  ? -2.042  -6.642  16.815  1.00 28.78 ? 1   PRO A CA  1 
ATOM   3   C C   . PRO A 1 1  ? -2.930  -5.400  17.001  1.00 28.22 ? 1   PRO A C   1 
ATOM   4   O O   . PRO A 1 1  ? -3.682  -5.053  16.091  1.00 30.04 ? 1   PRO A O   1 
ATOM   5   C CB  . PRO A 1 1  ? -0.637  -6.155  16.421  1.00 30.33 ? 1   PRO A CB  1 
ATOM   6   C CG  . PRO A 1 1  ? -0.687  -6.074  14.922  1.00 32.02 ? 1   PRO A CG  1 
ATOM   7   C CD  . PRO A 1 1  ? -1.694  -7.129  14.503  1.00 32.83 ? 1   PRO A CD  1 
ATOM   8   N N   . GLN A 1 2  ? -2.824  -4.771  18.167  1.00 22.38 ? 2   GLN A N   1 
ATOM   9   C CA  . GLN A 1 2  ? -3.163  -3.340  18.358  1.00 22.12 ? 2   GLN A CA  1 
ATOM   10  C C   . GLN A 1 2  ? -1.896  -2.537  18.113  1.00 20.41 ? 2   GLN A C   1 
ATOM   11  O O   . GLN A 1 2  ? -0.813  -2.948  18.522  1.00 22.68 ? 2   GLN A O   1 
ATOM   12  C CB  . GLN A 1 2  ? -3.730  -3.073  19.748  1.00 22.53 ? 2   GLN A CB  1 
ATOM   13  C CG  . GLN A 1 2  ? -4.192  -1.644  19.968  1.00 24.06 ? 2   GLN A CG  1 
ATOM   14  C CD  . GLN A 1 2  ? -4.898  -1.453  21.291  1.00 26.49 ? 2   GLN A CD  1 
ATOM   15  O OE1 . GLN A 1 2  ? -4.317  -1.689  22.337  1.00 34.10 ? 2   GLN A OE1 1 
ATOM   16  N NE2 . GLN A 1 2  ? -6.153  -1.047  21.236  1.00 29.85 ? 2   GLN A NE2 1 
ATOM   17  N N   . ILE A 1 3  ? -2.003  -1.406  17.423  1.00 17.50 ? 3   ILE A N   1 
ATOM   18  C CA  . ILE A 1 3  ? -0.863  -0.511  17.106  1.00 16.73 ? 3   ILE A CA  1 
ATOM   19  C C   . ILE A 1 3  ? -1.259  0.890   17.584  1.00 16.02 ? 3   ILE A C   1 
ATOM   20  O O   . ILE A 1 3  ? -2.311  1.419   17.152  1.00 16.22 ? 3   ILE A O   1 
ATOM   21  C CB  . ILE A 1 3  ? -0.517  -0.534  15.597  1.00 17.25 ? 3   ILE A CB  1 
ATOM   22  C CG1 . ILE A 1 3  ? -0.178  -1.964  15.136  1.00 18.16 ? 3   ILE A CG1 1 
ATOM   23  C CG2 . ILE A 1 3  ? 0.616   0.412   15.332  1.00 17.93 ? 3   ILE A CG2 1 
ATOM   24  C CD1 . ILE A 1 3  ? 0.115   -2.100  13.651  1.00 20.19 ? 3   ILE A CD1 1 
ATOM   25  N N   . THR A 1 4  ? -0.490  1.482   18.476  1.00 14.92 ? 4   THR A N   1 
ATOM   26  C CA  . THR A 1 4  ? -0.703  2.879   18.909  1.00 15.56 ? 4   THR A CA  1 
ATOM   27  C C   . THR A 1 4  ? 0.020   3.788   17.938  1.00 15.20 ? 4   THR A C   1 
ATOM   28  O O   . THR A 1 4  ? 0.702   3.291   17.006  1.00 15.49 ? 4   THR A O   1 
ATOM   29  C CB  . THR A 1 4  ? -0.256  3.045   20.359  1.00 16.98 ? 4   THR A CB  1 
ATOM   30  O OG1 . THR A 1 4  ? 1.136   2.741   20.404  1.00 17.40 ? 4   THR A OG1 1 
ATOM   31  C CG2 . THR A 1 4  ? -1.014  2.110   21.277  1.00 17.84 ? 4   THR A CG2 1 
ATOM   32  N N   . LEU A 1 5  ? -0.148  5.091   18.092  1.00 13.75 ? 5   LEU A N   1 
ATOM   33  C CA  . LEU A 1 5  ? 0.276   6.024   17.015  1.00 13.02 ? 5   LEU A CA  1 
ATOM   34  C C   . LEU A 1 5  ? 1.341   7.001   17.496  1.00 12.88 ? 5   LEU A C   1 
ATOM   35  O O   . LEU A 1 5  ? 1.581   8.034   16.881  1.00 12.70 ? 5   LEU A O   1 
ATOM   36  C CB  . LEU A 1 5  ? -0.954  6.747   16.462  1.00 13.19 ? 5   LEU A CB  1 
ATOM   37  C CG  . LEU A 1 5  ? -1.988  5.845   15.797  1.00 12.93 ? 5   LEU A CG  1 
ATOM   38  C CD1 . LEU A 1 5  ? -3.221  6.647   15.428  1.00 13.84 ? 5   LEU A CD1 1 
ATOM   39  C CD2 . LEU A 1 5  ? -1.388  5.183   14.546  1.00 15.08 ? 5   LEU A CD2 1 
ATOM   40  N N   . TRP A 1 6  ? 2.031   6.625   18.568  1.00 12.86 ? 6   TRP A N   1 
ATOM   41  C CA  . TRP A 1 6  ? 3.161   7.430   19.060  1.00 13.39 ? 6   TRP A CA  1 
ATOM   42  C C   . TRP A 1 6  ? 4.336   7.418   18.094  1.00 13.23 ? 6   TRP A C   1 
ATOM   43  O O   . TRP A 1 6  ? 5.139   8.353   18.032  1.00 15.40 ? 6   TRP A O   1 
ATOM   44  C CB  . TRP A 1 6  ? 3.547   6.952   20.461  1.00 15.24 ? 6   TRP A CB  1 
ATOM   45  C CG  . TRP A 1 6  ? 2.404   7.009   21.439  1.00 15.29 ? 6   TRP A CG  1 
ATOM   46  C CD1 . TRP A 1 6  ? 1.544   5.991   21.721  1.00 16.79 ? 6   TRP A CD1 1 
ATOM   47  C CD2 . TRP A 1 6  ? 1.916   8.139   22.142  1.00 17.34 ? 6   TRP A CD2 1 
ATOM   48  N NE1 . TRP A 1 6  ? 0.558   6.408   22.567  1.00 17.66 ? 6   TRP A NE1 1 
ATOM   49  C CE2 . TRP A 1 6  ? 0.762   7.718   22.841  1.00 16.16 ? 6   TRP A CE2 1 
ATOM   50  C CE3 . TRP A 1 6  ? 2.331   9.460   22.215  1.00 17.63 ? 6   TRP A CE3 1 
ATOM   51  C CZ2 . TRP A 1 6  ? 0.037   8.593   23.654  1.00 18.28 ? 6   TRP A CZ2 1 
ATOM   52  C CZ3 . TRP A 1 6  ? 1.615   10.314  23.036  1.00 18.11 ? 6   TRP A CZ3 1 
ATOM   53  C CH2 . TRP A 1 6  ? 0.483   9.884   23.716  1.00 18.04 ? 6   TRP A CH2 1 
ATOM   54  N N   . GLN A 1 7  ? 4.434   6.367   17.304  1.00 12.56 ? 7   GLN A N   1 
ATOM   55  C CA  . GLN A 1 7  ? 5.382   6.241   16.182  1.00 12.42 ? 7   GLN A CA  1 
ATOM   56  C C   . GLN A 1 7  ? 4.590   5.992   14.890  1.00 11.67 ? 7   GLN A C   1 
ATOM   57  O O   . GLN A 1 7  ? 3.426   5.601   14.979  1.00 12.71 ? 7   GLN A O   1 
ATOM   58  C CB  . GLN A 1 7  ? 6.356   5.087   16.456  1.00 14.29 ? 7   GLN A CB  1 
ATOM   59  C CG  . GLN A 1 7  ? 7.218   5.265   17.708  1.00 15.62 ? 7   GLN A CG  1 
ATOM   60  C CD  . GLN A 1 7  ? 8.292   6.310   17.591  1.00 17.54 ? 7   GLN A CD  1 
ATOM   61  O OE1 . GLN A 1 7  ? 8.775   6.622   16.504  1.00 21.92 ? 7   GLN A OE1 1 
ATOM   62  N NE2 . GLN A 1 7  ? 8.778   6.805   18.731  1.00 17.61 ? 7   GLN A NE2 1 
ATOM   63  N N   . ARG A 1 8  ? 5.213   6.161   13.764  1.00 12.06 ? 8   ARG A N   1 
ATOM   64  C CA  . ARG A 1 8  ? 4.556   5.767   12.487  1.00 12.25 ? 8   ARG A CA  1 
ATOM   65  C C   . ARG A 1 8  ? 4.200   4.294   12.536  1.00 12.62 ? 8   ARG A C   1 
ATOM   66  O O   . ARG A 1 8  ? 5.005   3.459   12.967  1.00 12.43 ? 8   ARG A O   1 
ATOM   67  C CB  . ARG A 1 8  ? 5.526   5.985   11.351  1.00 12.25 ? 8   ARG A CB  1 
ATOM   68  C CG  . ARG A 1 8  ? 5.737   7.454   11.032  1.00 13.51 ? 8   ARG A CG  1 
ATOM   69  C CD  . ARG A 1 8  ? 6.567   7.616   9.767   1.00 15.93 ? 8   ARG A CD  1 
ATOM   70  N NE  . ARG A 1 8  ? 6.612   9.027   9.389   1.00 17.98 ? 8   ARG A NE  1 
ATOM   71  C CZ  . ARG A 1 8  ? 7.459   9.570   8.532   1.00 24.26 ? 8   ARG A CZ  1 
ATOM   72  N NH1 . ARG A 1 8  ? 8.513   8.883   8.120   1.00 27.16 ? 8   ARG A NH1 1 
ATOM   73  N NH2 . ARG A 1 8  ? 7.306   10.829  8.141   1.00 22.06 ? 8   ARG A NH2 1 
ATOM   74  N N   . PRO A 1 9  ? 2.980   3.912   12.125  1.00 11.80 ? 9   PRO A N   1 
ATOM   75  C CA  . PRO A 1 9  ? 2.529   2.525   12.211  1.00 12.02 ? 9   PRO A CA  1 
ATOM   76  C C   . PRO A 1 9  ? 3.055   1.684   11.038  1.00 12.01 ? 9   PRO A C   1 
ATOM   77  O O   . PRO A 1 9  ? 2.364   1.407   10.082  1.00 13.30 ? 9   PRO A O   1 
ATOM   78  C CB  . PRO A 1 9  ? 1.005   2.678   12.208  1.00 12.06 ? 9   PRO A CB  1 
ATOM   79  C CG  . PRO A 1 9  ? 0.758   3.913   11.387  1.00 12.00 ? 9   PRO A CG  1 
ATOM   80  C CD  . PRO A 1 9  ? 1.865   4.849   11.829  1.00 12.18 ? 9   PRO A CD  1 
ATOM   81  N N   . ILE A 1 10 ? 4.314   1.329   11.133  1.00 12.55 ? 10  ILE A N   1 
ATOM   82  C CA  . ILE A 1 10 ? 5.063   0.603   10.068  1.00 13.32 ? 10  ILE A CA  1 
ATOM   83  C C   . ILE A 1 10 ? 4.996   -0.881  10.363  1.00 13.57 ? 10  ILE A C   1 
ATOM   84  O O   . ILE A 1 10 ? 5.238   -1.302  11.504  1.00 15.42 ? 10  ILE A O   1 
ATOM   85  C CB  . ILE A 1 10 ? 6.499   1.113   10.000  1.00 15.06 ? 10  ILE A CB  1 
ATOM   86  C CG1 . ILE A 1 10 ? 6.506   2.580   9.586   1.00 19.46 ? 10  ILE A CG1 1 
ATOM   87  C CG2 . ILE A 1 10 ? 7.352   0.256   9.044   1.00 15.70 ? 10  ILE A CG2 1 
ATOM   88  C CD1 . ILE A 1 10 ? 7.840   3.229   9.667   1.00 21.21 ? 10  ILE A CD1 1 
ATOM   89  N N   . VAL A 1 11 ? 4.673   -1.658  9.343   1.00 11.99 ? 11  VAL A N   1 
ATOM   90  C CA  . VAL A 1 11 ? 4.631   -3.128  9.449   1.00 11.99 ? 11  VAL A CA  1 
ATOM   91  C C   . VAL A 1 11 ? 5.440   -3.736  8.325   1.00 12.16 ? 11  VAL A C   1 
ATOM   92  O O   . VAL A 1 11 ? 5.723   -3.094  7.307   1.00 12.90 ? 11  VAL A O   1 
ATOM   93  C CB  . VAL A 1 11 ? 3.188   -3.647  9.433   1.00 14.14 ? 11  VAL A CB  1 
ATOM   94  C CG1 . VAL A 1 11 ? 2.453   -3.118  10.639  1.00 15.70 ? 11  VAL A CG1 1 
ATOM   95  C CG2 . VAL A 1 11 ? 2.451   -3.349  8.145   1.00 15.04 ? 11  VAL A CG2 1 
ATOM   96  N N   . THR A 1 12 ? 5.761   -5.014  8.503   1.00 12.21 ? 12  THR A N   1 
ATOM   97  C CA  . THR A 1 12 ? 6.430   -5.810  7.456   1.00 13.52 ? 12  THR A CA  1 
ATOM   98  C C   . THR A 1 12 ? 5.414   -6.432  6.520   1.00 13.81 ? 12  THR A C   1 
ATOM   99  O O   . THR A 1 12 ? 4.425   -6.982  6.953   1.00 15.08 ? 12  THR A O   1 
ATOM   100 C CB  . THR A 1 12 ? 7.353   -6.848  8.081   1.00 15.21 ? 12  THR A CB  1 
ATOM   101 O OG1 . THR A 1 12 ? 8.287   -6.183  8.937   1.00 18.03 ? 12  THR A OG1 1 
ATOM   102 C CG2 . THR A 1 12 ? 8.075   -7.656  7.041   1.00 19.73 ? 12  THR A CG2 1 
ATOM   103 N N   . ILE A 1 13 ? 5.688   -6.313  5.233   1.00 13.81 ? 13  ILE A N   1 
ATOM   104 C CA  . ILE A 1 13 ? 4.847   -6.932  4.177   1.00 13.62 ? 13  ILE A CA  1 
ATOM   105 C C   . ILE A 1 13 ? 5.755   -7.833  3.312   1.00 12.69 ? 13  ILE A C   1 
ATOM   106 O O   . ILE A 1 13 ? 6.968   -7.626  3.177   1.00 13.65 ? 13  ILE A O   1 
ATOM   107 C CB  . ILE A 1 13 ? 4.109   -5.862  3.337   1.00 14.97 ? 13  ILE A CB  1 
ATOM   108 C CG1 . ILE A 1 13 ? 5.066   -5.072  2.460   1.00 16.49 ? 13  ILE A CG1 1 
ATOM   109 C CG2 . ILE A 1 13 ? 3.307   -4.948  4.264   1.00 15.43 ? 13  ILE A CG2 1 
ATOM   110 C CD1 . ILE A 1 13 ? 4.440   -4.211  1.355   1.00 16.33 ? 13  ILE A CD1 1 
ATOM   111 N N   . LYS A 1 14 ? 5.070   -8.770  2.689   1.00 13.05 ? 14  LYS A N   1 
ATOM   112 C CA  . LYS A 1 14 ? 5.661   -9.547  1.586   1.00 12.94 ? 14  LYS A CA  1 
ATOM   113 C C   . LYS A 1 14 ? 4.775   -9.411  0.358   1.00 11.91 ? 14  LYS A C   1 
ATOM   114 O O   . LYS A 1 14 ? 3.558   -9.647  0.454   1.00 12.89 ? 14  LYS A O   1 
ATOM   115 C CB  . LYS A 1 14 ? 5.824   -11.024 1.989   1.00 13.64 ? 14  LYS A CB  1 
ATOM   116 C CG  . LYS A 1 14 ? 6.620   -11.861 0.971   1.00 14.55 ? 14  LYS A CG  1 
ATOM   117 C CD  . LYS A 1 14 ? 6.845   -13.293 1.371   1.00 14.55 ? 14  LYS A CD  1 
ATOM   118 C CE  . LYS A 1 14 ? 7.356   -14.124 0.220   1.00 17.10 ? 14  LYS A CE  1 
ATOM   119 N NZ  . LYS A 1 14 ? 7.606   -15.517 0.676   1.00 20.11 ? 14  LYS A NZ  1 
ATOM   120 N N   . VAL A 1 15 ? 5.387   -9.070  -0.746  1.00 11.92 ? 15  VAL A N   1 
ATOM   121 C CA  . VAL A 1 15 ? 4.663   -8.785  -1.989  1.00 12.49 ? 15  VAL A CA  1 
ATOM   122 C C   . VAL A 1 15 ? 5.636   -9.085  -3.131  1.00 12.38 ? 15  VAL A C   1 
ATOM   123 O O   . VAL A 1 15 ? 6.775   -8.692  -3.110  1.00 13.64 ? 15  VAL A O   1 
ATOM   124 C CB  . VAL A 1 15 ? 4.105   -7.340  -1.993  1.00 14.74 ? 15  VAL A CB  1 
ATOM   125 C CG1 . VAL A 1 15 ? 5.181   -6.290  -1.921  1.00 16.27 ? 15  VAL A CG1 1 
ATOM   126 C CG2 . VAL A 1 15 ? 3.206   -7.138  -3.191  1.00 16.01 ? 15  VAL A CG2 1 
ATOM   127 N N   . GLY A 1 16 ? 5.135   -9.752  -4.168  1.00 14.31 ? 16  GLY A N   1 
ATOM   128 C CA  . GLY A 1 16 ? 5.998   -10.049 -5.315  1.00 15.27 ? 16  GLY A CA  1 
ATOM   129 C C   . GLY A 1 16 ? 7.208   -10.890 -4.908  1.00 13.95 ? 16  GLY A C   1 
ATOM   130 O O   . GLY A 1 16 ? 8.212   -10.719 -5.580  1.00 14.97 ? 16  GLY A O   1 
ATOM   131 N N   . GLY A 1 17 ? 7.121   -11.693 -3.858  1.00 13.80 ? 17  GLY A N   1 
ATOM   132 C CA  . GLY A 1 17 ? 8.274   -12.485 -3.422  1.00 15.21 ? 17  GLY A CA  1 
ATOM   133 C C   . GLY A 1 17 ? 9.287   -11.689 -2.614  1.00 14.18 ? 17  GLY A C   1 
ATOM   134 O O   . GLY A 1 17 ? 10.355  -12.258 -2.255  1.00 15.19 ? 17  GLY A O   1 
ATOM   135 N N   . GLN A 1 18 ? 9.034   -10.409 -2.345  1.00 12.82 ? 18  GLN A N   1 
ATOM   136 C CA  . GLN A 1 18 ? 9.967   -9.461  -1.715  1.00 12.75 ? 18  GLN A CA  1 
ATOM   137 C C   . GLN A 1 18 ? 9.420   -8.939  -0.402  1.00 12.36 ? 18  GLN A C   1 
ATOM   138 O O   . GLN A 1 18 ? 8.215   -8.855  -0.188  1.00 14.66 ? 18  GLN A O   1 
ATOM   139 C CB  . GLN A 1 18 ? 10.238  -8.333  -2.680  1.00 13.81 ? 18  GLN A CB  1 
ATOM   140 C CG  . GLN A 1 18 ? 10.986  -8.813  -3.924  1.00 16.06 ? 18  GLN A CG  1 
ATOM   141 C CD  . GLN A 1 18 ? 10.847  -7.852  -5.058  1.00 19.49 ? 18  GLN A CD  1 
ATOM   142 O OE1 . GLN A 1 18 ? 9.960   -8.015  -5.913  1.00 22.54 ? 18  GLN A OE1 1 
ATOM   143 N NE2 . GLN A 1 18 ? 11.678  -6.851  -5.047  1.00 19.74 ? 18  GLN A NE2 1 
ATOM   144 N N   . LEU A 1 19 ? 10.343  -8.622  0.474   1.00 11.80 ? 19  LEU A N   1 
ATOM   145 C CA  . LEU A 1 19 ? 10.026  -8.114  1.811   1.00 12.37 ? 19  LEU A CA  1 
ATOM   146 C C   . LEU A 1 19 ? 10.222  -6.612  1.822   1.00 12.98 ? 19  LEU A C   1 
ATOM   147 O O   . LEU A 1 19 ? 11.206  -6.132  1.302   1.00 14.86 ? 19  LEU A O   1 
ATOM   148 C CB  . LEU A 1 19 ? 10.957  -8.750  2.841   1.00 12.70 ? 19  LEU A CB  1 
ATOM   149 C CG  . LEU A 1 19 ? 11.030  -10.270 2.790   1.00 14.33 ? 19  LEU A CG  1 
ATOM   150 C CD1 . LEU A 1 19 ? 12.011  -10.745 3.849   1.00 15.98 ? 19  LEU A CD1 1 
ATOM   151 C CD2 . LEU A 1 19 ? 9.704   -10.940 2.921   1.00 17.12 ? 19  LEU A CD2 1 
ATOM   152 N N   . ARG A 1 20 ? 9.280   -5.926  2.435   1.00 12.24 ? 20  ARG A N   1 
ATOM   153 C CA  . ARG A 1 20 ? 9.320   -4.451  2.548   1.00 13.69 ? 20  ARG A CA  1 
ATOM   154 C C   . ARG A 1 20 ? 8.674   -4.035  3.857   1.00 12.46 ? 20  ARG A C   1 
ATOM   155 O O   . ARG A 1 20 ? 7.989   -4.828  4.489   1.00 13.73 ? 20  ARG A O   1 
ATOM   156 C CB  . ARG A 1 20 ? 8.557   -3.748  1.419   1.00 15.67 ? 20  ARG A CB  1 
ATOM   157 C CG  . ARG A 1 20 ? 9.177   -3.940  0.047   1.00 19.40 ? 20  ARG A CG  1 
ATOM   158 C CD  . ARG A 1 20 ? 10.482  -3.199  -0.054  1.00 22.27 ? 20  ARG A CD  1 
ATOM   159 N NE  . ARG A 1 20 ? 10.973  -3.227  -1.442  1.00 27.64 ? 20  ARG A NE  1 
ATOM   160 C CZ  . ARG A 1 20 ? 11.696  -4.203  -1.961  1.00 28.67 ? 20  ARG A CZ  1 
ATOM   161 N NH1 . ARG A 1 20 ? 12.060  -5.238  -1.240  1.00 28.38 ? 20  ARG A NH1 1 
ATOM   162 N NH2 . ARG A 1 20 ? 12.089  -4.128  -3.218  1.00 32.57 ? 20  ARG A NH2 1 
ATOM   163 N N   . GLU A 1 21 ? 8.903   -2.792  4.247   1.00 11.89 ? 21  GLU A N   1 
ATOM   164 C CA  . GLU A 1 21 ? 8.166   -2.122  5.347   1.00 12.06 ? 21  GLU A CA  1 
ATOM   165 C C   . GLU A 1 21 ? 7.189   -1.139  4.724   1.00 11.68 ? 21  GLU A C   1 
ATOM   166 O O   . GLU A 1 21 ? 7.500   -0.531  3.698   1.00 13.38 ? 21  GLU A O   1 
ATOM   167 C CB  . GLU A 1 21 ? 9.101   -1.478  6.349   1.00 13.18 ? 21  GLU A CB  1 
ATOM   168 C CG  . GLU A 1 21 ? 9.956   -2.502  7.070   1.00 16.90 ? 21  GLU A CG  1 
ATOM   169 C CD  . GLU A 1 21 ? 10.852  -1.934  8.153   1.00 18.07 ? 21  GLU A CD  1 
ATOM   170 O OE1 . GLU A 1 21 ? 11.936  -1.385  7.788   1.00 23.84 ? 21  GLU A OE1 1 
ATOM   171 O OE2 . GLU A 1 21 ? 10.510  -2.122  9.320   1.00 20.59 ? 21  GLU A OE2 1 
ATOM   172 N N   . ALA A 1 22 ? 6.042   -1.004  5.348   1.00 11.08 ? 22  ALA A N   1 
ATOM   173 C CA  . ALA A 1 22 ? 5.014   -0.095  4.808   1.00 11.44 ? 22  ALA A CA  1 
ATOM   174 C C   . ALA A 1 22 ? 4.187   0.455   5.942   1.00 11.70 ? 22  ALA A C   1 
ATOM   175 O O   . ALA A 1 22 ? 4.045   -0.127  6.994   1.00 11.89 ? 22  ALA A O   1 
ATOM   176 C CB  . ALA A 1 22 ? 4.155   -0.843  3.831   1.00 13.35 ? 22  ALA A CB  1 
ATOM   177 N N   . LEU A 1 23 ? 3.675   1.666   5.685   1.00 11.82 ? 23  LEU A N   1 
ATOM   178 C CA  . LEU A 1 23 ? 2.849   2.401   6.647   1.00 13.79 ? 23  LEU A CA  1 
ATOM   179 C C   . LEU A 1 23 ? 1.396   1.902   6.559   1.00 14.08 ? 23  LEU A C   1 
ATOM   180 O O   . LEU A 1 23 ? 0.816   1.968   5.425   1.00 16.81 ? 23  LEU A O   1 
ATOM   181 C CB  . LEU A 1 23 ? 2.878   3.846   6.159   1.00 16.83 ? 23  LEU A CB  1 
ATOM   182 C CG  . LEU A 1 23 ? 3.504   5.009   6.875   1.00 23.61 ? 23  LEU A CG  1 
ATOM   183 C CD1 . LEU A 1 23 ? 2.933   6.277   6.179   1.00 19.56 ? 23  LEU A CD1 1 
ATOM   184 C CD2 . LEU A 1 23 ? 3.164   5.055   8.356   1.00 19.07 ? 23  LEU A CD2 1 
ATOM   185 N N   . ILE A 1 24 ? 0.758   1.594   7.667   1.00 13.07 ? 24  ILE A N   1 
ATOM   186 C CA  . ILE A 1 24 ? -0.716  1.378   7.749   1.00 14.29 ? 24  ILE A CA  1 
ATOM   187 C C   . ILE A 1 24 ? -1.344  2.765   7.651   1.00 15.35 ? 24  ILE A C   1 
ATOM   188 O O   . ILE A 1 24 ? -1.090  3.628   8.525   1.00 16.30 ? 24  ILE A O   1 
ATOM   189 C CB  . ILE A 1 24 ? -1.103  0.664   9.025   1.00 14.82 ? 24  ILE A CB  1 
ATOM   190 C CG1 . ILE A 1 24 ? -0.525  -0.759  9.186   1.00 18.12 ? 24  ILE A CG1 1 
ATOM   191 C CG2 . ILE A 1 24 ? -2.636  0.762   9.134   1.00 15.75 ? 24  ILE A CG2 1 
ATOM   192 C CD1 . ILE A 1 24 ? -0.988  -1.894  8.259   1.00 21.71 ? 24  ILE A CD1 1 
ATOM   193 N N   . ASP A 1 25 ? -2.022  3.047   6.544   1.00 13.85 ? 25  ASP A N   1 
ATOM   194 C CA  . ASP A 1 25 ? -2.358  4.422   6.191   1.00 13.77 ? 25  ASP A CA  1 
ATOM   195 C C   . ASP A 1 25 ? -3.880  4.515   5.972   1.00 12.80 ? 25  ASP A C   1 
ATOM   196 O O   . ASP A 1 25 ? -4.379  4.292   4.850   1.00 13.99 ? 25  ASP A O   1 
ATOM   197 C CB  . ASP A 1 25 ? -1.569  4.882   4.980   1.00 14.59 ? 25  ASP A CB  1 
ATOM   198 C CG  . ASP A 1 25 ? -1.735  6.327   4.719   1.00 14.05 ? 25  ASP A CG  1 
ATOM   199 O OD1 . ASP A 1 25 ? -2.596  6.932   5.456   1.00 17.18 ? 25  ASP A OD1 1 
ATOM   200 O OD2 . ASP A 1 25 ? -1.114  6.857   3.849   1.00 15.49 ? 25  ASP A OD2 1 
ATOM   201 N N   . THR A 1 26 ? -4.624  4.921   7.004   1.00 12.44 ? 26  THR A N   1 
ATOM   202 C CA  . THR A 1 26 ? -6.090  5.026   6.867   1.00 11.36 ? 26  THR A CA  1 
ATOM   203 C C   . THR A 1 26 ? -6.476  6.199   5.978   1.00 11.38 ? 26  THR A C   1 
ATOM   204 O O   . THR A 1 26 ? -7.663  6.235   5.555   1.00 11.53 ? 26  THR A O   1 
ATOM   205 C CB  . THR A 1 26 ? -6.710  5.151   8.256   1.00 10.98 ? 26  THR A CB  1 
ATOM   206 O OG1 . THR A 1 26 ? -6.205  6.319   8.923   1.00 10.92 ? 26  THR A OG1 1 
ATOM   207 C CG2 . THR A 1 26 ? -6.462  3.915   9.094   1.00 11.26 ? 26  THR A CG2 1 
ATOM   208 N N   . GLY A 1 27 ? -5.598  7.143   5.711   1.00 11.50 ? 27  GLY A N   1 
ATOM   209 C CA  . GLY A 1 27 ? -5.871  8.232   4.775   1.00 12.01 ? 27  GLY A CA  1 
ATOM   210 C C   . GLY A 1 27 ? -5.603  7.886   3.325   1.00 12.01 ? 27  GLY A C   1 
ATOM   211 O O   . GLY A 1 27 ? -5.756  8.780   2.495   1.00 13.48 ? 27  GLY A O   1 
ATOM   212 N N   . ALA A 1 28 ? -5.156  6.672   3.047   1.00 11.94 ? 28  ALA A N   1 
ATOM   213 C CA  . ALA A 1 28 ? -4.917  6.182   1.684   1.00 13.12 ? 28  ALA A CA  1 
ATOM   214 C C   . ALA A 1 28 ? -6.054  5.265   1.224   1.00 11.85 ? 28  ALA A C   1 
ATOM   215 O O   . ALA A 1 28 ? -6.282  4.239   1.864   1.00 12.85 ? 28  ALA A O   1 
ATOM   216 C CB  . ALA A 1 28 ? -3.573  5.503   1.664   1.00 14.59 ? 28  ALA A CB  1 
ATOM   217 N N   . ASP A 1 29 ? -6.702  5.622   0.123   1.00 12.49 ? 29  ASP A N   1 
ATOM   218 C CA  . ASP A 1 29 ? -7.754  4.715   -0.405  1.00 12.68 ? 29  ASP A CA  1 
ATOM   219 C C   . ASP A 1 29 ? -7.098  3.461   -1.007  1.00 12.47 ? 29  ASP A C   1 
ATOM   220 O O   . ASP A 1 29 ? -7.628  2.373   -0.826  1.00 13.71 ? 29  ASP A O   1 
ATOM   221 C CB  . ASP A 1 29 ? -8.536  5.386   -1.527  1.00 13.02 ? 29  ASP A CB  1 
ATOM   222 C CG  . ASP A 1 29 ? -9.274  6.665   -1.213  1.00 15.57 ? 29  ASP A CG  1 
ATOM   223 O OD1 . ASP A 1 29 ? -9.729  6.863   -0.107  1.00 15.11 ? 29  ASP A OD1 1 
ATOM   224 O OD2 . ASP A 1 29 ? -9.611  7.383   -2.248  1.00 21.37 ? 29  ASP A OD2 1 
ATOM   225 N N   . ASP A 1 30 ? -5.968  3.666   -1.686  1.00 13.71 ? 30  ASP A N   1 
ATOM   226 C CA  . ASP A 1 30 ? -5.221  2.617   -2.415  1.00 14.13 ? 30  ASP A CA  1 
ATOM   227 C C   . ASP A 1 30 ? -3.879  2.371   -1.743  1.00 13.58 ? 30  ASP A C   1 
ATOM   228 O O   . ASP A 1 30 ? -3.408  3.142   -0.903  1.00 14.81 ? 30  ASP A O   1 
ATOM   229 C CB  . ASP A 1 30 ? -5.120  3.007   -3.889  1.00 17.58 ? 30  ASP A CB  1 
ATOM   230 C CG  . ASP A 1 30 ? -6.435  2.669   -4.557  1.00 24.62 ? 30  ASP A CG  1 
ATOM   231 O OD1 . ASP A 1 30 ? -6.707  1.479   -4.839  1.00 32.39 ? 30  ASP A OD1 1 
ATOM   232 O OD2 . ASP A 1 30 ? -7.174  3.568   -4.697  1.00 24.02 ? 30  ASP A OD2 1 
ATOM   233 N N   . THR A 1 31 ? -3.277  1.270   -2.154  1.00 13.83 ? 31  THR A N   1 
ATOM   234 C CA  . THR A 1 31 ? -1.975  0.783   -1.687  1.00 12.85 ? 31  THR A CA  1 
ATOM   235 C C   . THR A 1 31 ? -0.913  1.193   -2.687  1.00 12.42 ? 31  THR A C   1 
ATOM   236 O O   . THR A 1 31 ? -1.056  0.873   -3.887  1.00 14.45 ? 31  THR A O   1 
ATOM   237 C CB  . THR A 1 31 ? -2.051  -0.722  -1.423  1.00 13.35 ? 31  THR A CB  1 
ATOM   238 O OG1 . THR A 1 31 ? -2.968  -0.935  -0.339  1.00 13.99 ? 31  THR A OG1 1 
ATOM   239 C CG2 . THR A 1 31 ? -0.691  -1.334  -1.143  1.00 13.77 ? 31  THR A CG2 1 
ATOM   240 N N   . ILE A 1 32 ? 0.103   1.928   -2.277  1.00 13.93 ? 32  ILE A N   1 
ATOM   241 C CA  . ILE A 1 32 ? 1.129   2.496   -3.186  1.00 14.35 ? 32  ILE A CA  1 
ATOM   242 C C   . ILE A 1 32 ? 2.497   2.118   -2.665  1.00 15.21 ? 32  ILE A C   1 
ATOM   243 O O   . ILE A 1 32 ? 2.843   2.426   -1.515  1.00 15.12 ? 32  ILE A O   1 
ATOM   244 C CB  . ILE A 1 32 ? 0.974   4.014   -3.291  1.00 15.72 ? 32  ILE A CB  1 
ATOM   245 C CG1 . ILE A 1 32 ? -0.508  4.378   -3.466  1.00 20.65 ? 32  ILE A CG1 1 
ATOM   246 C CG2 . ILE A 1 32 ? 1.847   4.537   -4.438  1.00 18.16 ? 32  ILE A CG2 1 
ATOM   247 C CD1 . ILE A 1 32 ? -0.739  5.821   -3.648  1.00 23.83 ? 32  ILE A CD1 1 
ATOM   248 N N   . LEU A 1 33 ? 3.276   1.491   -3.540  1.00 16.26 ? 33  LEU A N   1 
ATOM   249 C CA  . LEU A 1 33 ? 4.627   1.064   -3.146  1.00 17.55 ? 33  LEU A CA  1 
ATOM   250 C C   . LEU A 1 33 ? 5.664   1.715   -4.040  1.00 16.91 ? 33  LEU A C   1 
ATOM   251 O O   . LEU A 1 33 ? 5.353   1.997   -5.231  1.00 20.64 ? 33  LEU A O   1 
ATOM   252 C CB  . LEU A 1 33 ? 4.802   -0.444  -3.302  1.00 18.55 ? 33  LEU A CB  1 
ATOM   253 C CG  . LEU A 1 33 ? 3.766   -1.296  -2.574  1.00 21.18 ? 33  LEU A CG  1 
ATOM   254 C CD1 . LEU A 1 33 ? 4.051   -2.751  -2.884  1.00 24.80 ? 33  LEU A CD1 1 
ATOM   255 C CD2 . LEU A 1 33 ? 3.815   -1.017  -1.100  1.00 20.68 ? 33  LEU A CD2 1 
ATOM   256 N N   . GLU A 1 34 ? 6.797   2.015   -3.457  1.00 17.51 ? 34  GLU A N   1 
ATOM   257 C CA  . GLU A 1 34 ? 7.969   2.548   -4.164  1.00 21.82 ? 34  GLU A CA  1 
ATOM   258 C C   . GLU A 1 34 ? 8.363   1.514   -5.201  1.00 23.48 ? 34  GLU A C   1 
ATOM   259 O O   . GLU A 1 34 ? 7.917   0.338   -5.163  1.00 24.19 ? 34  GLU A O   1 
ATOM   260 C CB  . GLU A 1 34 ? 9.124   2.814   -3.218  1.00 24.13 ? 34  GLU A CB  1 
ATOM   261 C CG  . GLU A 1 34 ? 8.899   3.859   -2.160  1.00 29.43 ? 34  GLU A CG  1 
ATOM   262 C CD  . GLU A 1 34 ? 10.264  4.134   -1.565  1.00 34.45 ? 34  GLU A CD  1 
ATOM   263 O OE1 . GLU A 1 34 ? 10.732  3.294   -0.780  1.00 39.09 ? 34  GLU A OE1 1 
ATOM   264 O OE2 . GLU A 1 34 ? 10.903  5.110   -2.005  1.00 37.47 ? 34  GLU A OE2 1 
ATOM   265 N N   . GLU A 1 35 ? 9.157   1.946   -6.177  1.00 26.46 ? 35  GLU A N   1 
ATOM   266 C CA  . GLU A 1 35 ? 9.605   1.057   -7.267  1.00 29.89 ? 35  GLU A CA  1 
ATOM   267 C C   . GLU A 1 35 ? 9.966   -0.321  -6.692  1.00 26.49 ? 35  GLU A C   1 
ATOM   268 O O   . GLU A 1 35 ? 10.850  -0.448  -5.778  1.00 31.90 ? 35  GLU A O   1 
ATOM   269 C CB  . GLU A 1 35 ? 10.800  1.651   -8.003  1.00 32.54 ? 35  GLU A CB  1 
ATOM   270 C CG  . GLU A 1 35 ? 11.126  0.868   -9.259  1.00 36.00 ? 35  GLU A CG  1 
ATOM   271 C CD  . GLU A 1 35 ? 9.932   0.717   -10.191 1.00 38.73 ? 35  GLU A CD  1 
ATOM   272 O OE1 . GLU A 1 35 ? 9.304   1.750   -10.536 1.00 41.57 ? 35  GLU A OE1 1 
ATOM   273 O OE2 . GLU A 1 35 ? 9.606   -0.431  -10.563 1.00 46.89 ? 35  GLU A OE2 1 
ATOM   274 N N   . ILE A 1 36 ? 9.292   -1.321  -7.230  1.00 24.04 ? 36  ILE A N   1 
ATOM   275 C CA  . ILE A 1 36 ? 9.398   -2.747  -6.838  1.00 27.54 ? 36  ILE A CA  1 
ATOM   276 C C   . ILE A 1 36 ? 9.026   -3.533  -8.080  1.00 25.07 ? 36  ILE A C   1 
ATOM   277 O O   . ILE A 1 36 ? 8.148   -3.118  -8.816  1.00 24.55 ? 36  ILE A O   1 
ATOM   278 C CB  . ILE A 1 36 ? 8.521   -3.149  -5.635  1.00 27.41 ? 36  ILE A CB  1 
ATOM   279 C CG1 . ILE A 1 36 ? 8.746   -4.617  -5.275  1.00 27.68 ? 36  ILE A CG1 1 
ATOM   280 C CG2 . ILE A 1 36 ? 7.034   -2.864  -5.880  1.00 28.99 ? 36  ILE A CG2 1 
ATOM   281 C CD1 . ILE A 1 36 ? 7.977   -5.076  -4.055  1.00 29.27 ? 36  ILE A CD1 1 
ATOM   282 N N   . ASN A 1 37 ? 9.716   -4.641  -8.309  1.00 26.59 ? 37  ASN A N   1 
ATOM   283 C CA  . ASN A 1 37 ? 9.534   -5.471  -9.517  1.00 24.50 ? 37  ASN A CA  1 
ATOM   284 C C   . ASN A 1 37 ? 8.366   -6.423  -9.257  1.00 23.99 ? 37  ASN A C   1 
ATOM   285 O O   . ASN A 1 37 ? 8.546   -7.336  -8.436  1.00 23.64 ? 37  ASN A O   1 
ATOM   286 C CB  . ASN A 1 37 ? 10.858  -6.181  -9.796  1.00 25.65 ? 37  ASN A CB  1 
ATOM   287 C CG  . ASN A 1 37 ? 10.796  -7.157  -10.955 1.00 28.71 ? 37  ASN A CG  1 
ATOM   288 O OD1 . ASN A 1 37 ? 10.094  -6.922  -11.948 1.00 36.51 ? 37  ASN A OD1 1 
ATOM   289 N ND2 . ASN A 1 37 ? 11.561  -8.233  -10.862 1.00 27.25 ? 37  ASN A ND2 1 
ATOM   290 N N   . LEU A 1 38 ? 7.211   -6.213  -9.898  1.00 23.82 ? 38  LEU A N   1 
ATOM   291 C CA  . LEU A 1 38 ? 6.018   -7.081  -9.815  1.00 23.22 ? 38  LEU A CA  1 
ATOM   292 C C   . LEU A 1 38 ? 5.760   -7.696  -11.178 1.00 24.91 ? 38  LEU A C   1 
ATOM   293 O O   . LEU A 1 38 ? 6.090   -7.100  -12.202 1.00 25.10 ? 38  LEU A O   1 
ATOM   294 C CB  . LEU A 1 38 ? 4.793   -6.261  -9.406  1.00 23.62 ? 38  LEU A CB  1 
ATOM   295 C CG  . LEU A 1 38 ? 4.789   -5.684  -7.993  1.00 22.45 ? 38  LEU A CG  1 
ATOM   296 C CD1 . LEU A 1 38 ? 3.446   -5.028  -7.717  1.00 24.90 ? 38  LEU A CD1 1 
ATOM   297 C CD2 . LEU A 1 38 ? 5.063   -6.776  -6.969  1.00 23.19 ? 38  LEU A CD2 1 
ATOM   298 N N   . PRO A 1 39 ? 5.243   -8.947  -11.209 1.00 24.63 ? 39  PRO A N   1 
ATOM   299 C CA  . PRO A 1 39 ? 5.051   -9.655  -12.477 1.00 25.27 ? 39  PRO A CA  1 
ATOM   300 C C   . PRO A 1 39 ? 3.770   -9.208  -13.188 1.00 29.25 ? 39  PRO A C   1 
ATOM   301 O O   . PRO A 1 39 ? 2.811   -8.864  -12.521 1.00 28.95 ? 39  PRO A O   1 
ATOM   302 C CB  . PRO A 1 39 ? 4.945   -11.121 -12.043 1.00 25.65 ? 39  PRO A CB  1 
ATOM   303 C CG  . PRO A 1 39 ? 4.333   -11.045 -10.673 1.00 26.55 ? 39  PRO A CG  1 
ATOM   304 C CD  . PRO A 1 39 ? 4.882   -9.773  -10.052 1.00 24.80 ? 39  PRO A CD  1 
ATOM   305 N N   . GLY A 1 40 ? 3.810   -9.219  -14.524 1.00 29.51 ? 40  GLY A N   1 
ATOM   306 C CA  . GLY A 1 40 ? 2.597   -9.262  -15.358 1.00 28.77 ? 40  GLY A CA  1 
ATOM   307 C C   . GLY A 1 40 ? 2.170   -7.903  -15.881 1.00 28.06 ? 40  GLY A C   1 
ATOM   308 O O   . GLY A 1 40 ? 2.982   -6.925  -15.864 1.00 25.72 ? 40  GLY A O   1 
ATOM   309 N N   . ARG A 1 41 ? 0.920   -7.863  -16.336 1.00 30.45 ? 41  ARG A N   1 
ATOM   310 C CA  . ARG A 1 41 ? 0.334   -6.708  -17.049 1.00 33.42 ? 41  ARG A CA  1 
ATOM   311 C C   . ARG A 1 41 ? 0.068   -5.607  -16.022 1.00 29.70 ? 41  ARG A C   1 
ATOM   312 O O   . ARG A 1 41 ? -0.237  -5.926  -14.868 1.00 25.54 ? 41  ARG A O   1 
ATOM   313 C CB  . ARG A 1 41 ? -0.935  -7.146  -17.791 1.00 40.55 ? 41  ARG A CB  1 
ATOM   314 C CG  . ARG A 1 41 ? -0.699  -8.253  -18.819 1.00 49.39 ? 41  ARG A CG  1 
ATOM   315 C CD  . ARG A 1 41 ? -1.941  -8.625  -19.616 1.00 53.61 ? 41  ARG A CD  1 
ATOM   316 N NE  . ARG A 1 41 ? -2.576  -7.431  -20.162 1.00 61.80 ? 41  ARG A NE  1 
ATOM   317 C CZ  . ARG A 1 41 ? -2.202  -6.793  -21.272 1.00 63.91 ? 41  ARG A CZ  1 
ATOM   318 N NH1 . ARG A 1 41 ? -1.190  -7.235  -22.002 1.00 64.87 ? 41  ARG A NH1 1 
ATOM   319 N NH2 . ARG A 1 41 ? -2.857  -5.709  -21.654 1.00 65.61 ? 41  ARG A NH2 1 
ATOM   320 N N   . TRP A 1 42 ? 0.168   -4.366  -16.462 1.00 27.25 ? 42  TRP A N   1 
ATOM   321 C CA  . TRP A 1 42 ? -0.167  -3.172  -15.656 1.00 26.41 ? 42  TRP A CA  1 
ATOM   322 C C   . TRP A 1 42 ? -0.718  -2.082  -16.569 1.00 27.48 ? 42  TRP A C   1 
ATOM   323 O O   . TRP A 1 42 ? -0.547  -2.191  -17.802 1.00 26.17 ? 42  TRP A O   1 
ATOM   324 C CB  . TRP A 1 42 ? 1.069   -2.715  -14.890 1.00 28.37 ? 42  TRP A CB  1 
ATOM   325 C CG  . TRP A 1 42 ? 2.251   -2.450  -15.764 1.00 32.65 ? 42  TRP A CG  1 
ATOM   326 C CD1 . TRP A 1 42 ? 3.230   -3.338  -16.107 1.00 33.71 ? 42  TRP A CD1 1 
ATOM   327 C CD2 . TRP A 1 42 ? 2.587   -1.214  -16.416 1.00 33.10 ? 42  TRP A CD2 1 
ATOM   328 N NE1 . TRP A 1 42 ? 4.152   -2.738  -16.923 1.00 32.96 ? 42  TRP A NE1 1 
ATOM   329 C CE2 . TRP A 1 42 ? 3.791   -1.432  -17.121 1.00 32.97 ? 42  TRP A CE2 1 
ATOM   330 C CE3 . TRP A 1 42 ? 1.993   0.051   -16.452 1.00 35.02 ? 42  TRP A CE3 1 
ATOM   331 C CZ2 . TRP A 1 42 ? 4.398   -0.436  -17.878 1.00 34.32 ? 42  TRP A CZ2 1 
ATOM   332 C CZ3 . TRP A 1 42 ? 2.600   1.041   -17.193 1.00 37.40 ? 42  TRP A CZ3 1 
ATOM   333 C CH2 . TRP A 1 42 ? 3.789   0.798   -17.888 1.00 36.77 ? 42  TRP A CH2 1 
ATOM   334 N N   . LYS A 1 43 ? -1.382  -1.098  -15.971 1.00 26.88 ? 43  LYS A N   1 
ATOM   335 C CA  . LYS A 1 43 ? -1.993  0.075   -16.654 1.00 28.69 ? 43  LYS A CA  1 
ATOM   336 C C   . LYS A 1 43 ? -1.392  1.319   -16.021 1.00 30.40 ? 43  LYS A C   1 
ATOM   337 O O   . LYS A 1 43 ? -1.234  1.353   -14.805 1.00 24.51 ? 43  LYS A O   1 
ATOM   338 C CB  . LYS A 1 43 ? -3.503  0.089   -16.432 1.00 30.81 ? 43  LYS A CB  1 
ATOM   339 C CG  . LYS A 1 43 ? -4.284  -1.026  -17.100 1.00 37.08 ? 43  LYS A CG  1 
ATOM   340 C CD  . LYS A 1 43 ? -5.638  -1.270  -16.453 1.00 41.36 ? 43  LYS A CD  1 
ATOM   341 C CE  . LYS A 1 43 ? -6.634  -1.950  -17.370 1.00 49.05 ? 43  LYS A CE  1 
ATOM   342 N NZ  . LYS A 1 43 ? -6.171  -3.294  -17.790 1.00 52.34 ? 43  LYS A NZ  1 
ATOM   343 N N   . PRO A 1 44 ? -0.981  2.339   -16.804 1.00 29.90 ? 44  PRO A N   1 
ATOM   344 C CA  . PRO A 1 44 ? -0.465  3.583   -16.244 1.00 31.12 ? 44  PRO A CA  1 
ATOM   345 C C   . PRO A 1 44 ? -1.639  4.377   -15.673 1.00 31.78 ? 44  PRO A C   1 
ATOM   346 O O   . PRO A 1 44 ? -2.695  4.351   -16.270 1.00 30.29 ? 44  PRO A O   1 
ATOM   347 C CB  . PRO A 1 44 ? 0.219   4.265   -17.434 1.00 33.25 ? 44  PRO A CB  1 
ATOM   348 C CG  . PRO A 1 44 ? -0.528  3.729   -18.645 1.00 32.37 ? 44  PRO A CG  1 
ATOM   349 C CD  . PRO A 1 44 ? -0.979  2.333   -18.281 1.00 30.98 ? 44  PRO A CD  1 
ATOM   350 N N   . LYS A 1 45 ? -1.452  4.970   -14.496 1.00 29.81 ? 45  LYS A N   1 
ATOM   351 C CA  . LYS A 1 45 ? -2.478  5.782   -13.797 1.00 33.12 ? 45  LYS A CA  1 
ATOM   352 C C   . LYS A 1 45 ? -1.781  7.029   -13.226 1.00 28.70 ? 45  LYS A C   1 
ATOM   353 O O   . LYS A 1 45 ? -0.604  6.944   -12.839 1.00 26.36 ? 45  LYS A O   1 
ATOM   354 C CB  . LYS A 1 45 ? -3.152  4.908   -12.738 1.00 35.54 ? 45  LYS A CB  1 
ATOM   355 C CG  . LYS A 1 45 ? -4.605  5.229   -12.446 1.00 42.83 ? 45  LYS A CG  1 
ATOM   356 C CD  . LYS A 1 45 ? -5.156  4.500   -11.233 1.00 47.56 ? 45  LYS A CD  1 
ATOM   357 C CE  . LYS A 1 45 ? -6.428  5.129   -10.695 1.00 53.11 ? 45  LYS A CE  1 
ATOM   358 N NZ  . LYS A 1 45 ? -6.654  4.806   -9.263  1.00 58.64 ? 45  LYS A NZ  1 
ATOM   359 N N   . LEU A 1 46 ? -2.469  8.181   -13.225 1.00 27.81 ? 46  LEU A N   1 
ATOM   360 C CA  . LEU A 1 46 ? -2.026  9.390   -12.485 1.00 24.18 ? 46  LEU A CA  1 
ATOM   361 C C   . LEU A 1 46 ? -2.844  9.425   -11.204 1.00 24.55 ? 46  LEU A C   1 
ATOM   362 O O   . LEU A 1 46 ? -4.075  9.299   -11.332 1.00 28.12 ? 46  LEU A O   1 
ATOM   363 C CB  . LEU A 1 46 ? -2.267  10.652  -13.330 1.00 25.18 ? 46  LEU A CB  1 
ATOM   364 C CG  . LEU A 1 46 ? -1.424  10.792  -14.597 1.00 28.13 ? 46  LEU A CG  1 
ATOM   365 C CD1 . LEU A 1 46 ? -1.690  12.144  -15.254 1.00 30.67 ? 46  LEU A CD1 1 
ATOM   366 C CD2 . LEU A 1 46 ? 0.068   10.626  -14.310 1.00 29.76 ? 46  LEU A CD2 1 
ATOM   367 N N   A ILE A 1 47 ? -2.186  9.565   -10.048 0.50 22.86 ? 47  ILE A N   1 
ATOM   368 N N   B ILE A 1 47 ? -2.181  9.586   -10.049 0.50 23.67 ? 47  ILE A N   1 
ATOM   369 C CA  A ILE A 1 47 ? -2.867  9.690   -8.725  0.50 21.89 ? 47  ILE A CA  1 
ATOM   370 C CA  B ILE A 1 47 ? -2.775  9.628   -8.676  0.50 22.88 ? 47  ILE A CA  1 
ATOM   371 C C   A ILE A 1 47 ? -2.434  10.992  -8.026  0.50 20.13 ? 47  ILE A C   1 
ATOM   372 C C   B ILE A 1 47 ? -2.395  10.950  -7.969  0.50 21.01 ? 47  ILE A C   1 
ATOM   373 O O   A ILE A 1 47 ? -1.322  11.420  -8.220  0.50 21.55 ? 47  ILE A O   1 
ATOM   374 O O   B ILE A 1 47 ? -1.323  11.439  -8.222  0.50 22.30 ? 47  ILE A O   1 
ATOM   375 C CB  A ILE A 1 47 ? -2.673  8.442   -7.853  0.50 21.71 ? 47  ILE A CB  1 
ATOM   376 C CB  B ILE A 1 47 ? -2.323  8.362   -7.916  0.50 25.12 ? 47  ILE A CB  1 
ATOM   377 C CG1 A ILE A 1 47 ? -1.227  8.300   -7.394  0.50 19.25 ? 47  ILE A CG1 1 
ATOM   378 C CG1 B ILE A 1 47 ? -3.252  7.182   -8.210  0.50 26.95 ? 47  ILE A CG1 1 
ATOM   379 C CG2 A ILE A 1 47 ? -3.168  7.206   -8.589  0.50 22.06 ? 47  ILE A CG2 1 
ATOM   380 C CG2 B ILE A 1 47 ? -2.134  8.584   -6.429  0.50 24.01 ? 47  ILE A CG2 1 
ATOM   381 C CD1 A ILE A 1 47 ? -1.000  7.145   -6.471  0.50 19.26 ? 47  ILE A CD1 1 
ATOM   382 C CD1 B ILE A 1 47 ? -4.005  6.699   -6.989  0.50 24.17 ? 47  ILE A CD1 1 
ATOM   383 N N   . GLY A 1 48 ? -3.300  11.540  -7.182  1.00 17.72 ? 48  GLY A N   1 
ATOM   384 C CA  . GLY A 1 48 ? -3.062  12.830  -6.510  1.00 17.89 ? 48  GLY A CA  1 
ATOM   385 C C   . GLY A 1 48 ? -2.896  12.683  -5.014  1.00 17.07 ? 48  GLY A C   1 
ATOM   386 O O   . GLY A 1 48 ? -3.583  11.920  -4.382  1.00 19.60 ? 48  GLY A O   1 
ATOM   387 N N   . GLY A 1 49 ? -2.054  13.523  -4.465  1.00 16.76 ? 49  GLY A N   1 
ATOM   388 C CA  . GLY A 1 49 ? -1.861  13.667  -3.024  1.00 18.23 ? 49  GLY A CA  1 
ATOM   389 C C   . GLY A 1 49 ? -1.502  15.062  -2.662  1.00 16.41 ? 49  GLY A C   1 
ATOM   390 O O   . GLY A 1 49 ? -1.754  15.993  -3.442  1.00 17.54 ? 49  GLY A O   1 
ATOM   391 N N   A ILE A 1 50 ? -0.998  15.215  -1.456  0.50 15.91 ? 50  ILE A N   1 
ATOM   392 N N   B ILE A 1 50 ? -0.795  15.283  -1.566  0.50 16.41 ? 50  ILE A N   1 
ATOM   393 C CA  A ILE A 1 50 ? -0.362  16.469  -1.002  0.50 17.42 ? 50  ILE A CA  1 
ATOM   394 C CA  B ILE A 1 50 ? -0.683  16.641  -0.956  0.50 18.00 ? 50  ILE A CA  1 
ATOM   395 C C   A ILE A 1 50 ? 0.908   16.665  -1.840  0.50 18.44 ? 50  ILE A C   1 
ATOM   396 C C   B ILE A 1 50 ? -0.091  17.726  -1.876  0.50 20.21 ? 50  ILE A C   1 
ATOM   397 O O   A ILE A 1 50 ? 1.827   15.853  -1.893  0.50 17.51 ? 50  ILE A O   1 
ATOM   398 O O   B ILE A 1 50 ? -0.596  18.839  -1.796  0.50 20.37 ? 50  ILE A O   1 
ATOM   399 C CB  A ILE A 1 50 ? -0.146  16.412  0.512   0.50 18.43 ? 50  ILE A CB  1 
ATOM   400 C CB  B ILE A 1 50 ? 0.023   16.588  0.409   0.50 18.03 ? 50  ILE A CB  1 
ATOM   401 C CG1 A ILE A 1 50 ? -0.997  17.444  1.257   0.50 18.20 ? 50  ILE A CG1 1 
ATOM   402 C CG1 B ILE A 1 50 ? -1.098  16.636  1.446   0.50 17.28 ? 50  ILE A CG1 1 
ATOM   403 C CG2 A ILE A 1 50 ? 1.313   16.557  0.813   0.50 19.12 ? 50  ILE A CG2 1 
ATOM   404 C CG2 B ILE A 1 50 ? 1.068   17.699  0.598   0.50 18.97 ? 50  ILE A CG2 1 
ATOM   405 C CD1 A ILE A 1 50 ? -0.632  17.565  2.726   0.50 18.78 ? 50  ILE A CD1 1 
ATOM   406 C CD1 B ILE A 1 50 ? -0.660  16.411  2.854   0.50 16.80 ? 50  ILE A CD1 1 
ATOM   407 N N   . GLY A 1 51 ? 0.751   17.414  -2.851  1.00 22.40 ? 51  GLY A N   1 
ATOM   408 C CA  . GLY A 1 51 ? 1.792   18.270  -3.400  1.00 19.58 ? 51  GLY A CA  1 
ATOM   409 C C   . GLY A 1 51 ? 1.633   18.134  -4.896  1.00 18.34 ? 51  GLY A C   1 
ATOM   410 O O   . GLY A 1 51 ? 2.379   18.763  -5.622  1.00 20.49 ? 51  GLY A O   1 
ATOM   411 N N   . GLY A 1 52 ? 0.673   17.343  -5.350  1.00 17.58 ? 52  GLY A N   1 
ATOM   412 C CA  . GLY A 1 52 ? 0.422   17.177  -6.780  1.00 18.74 ? 52  GLY A CA  1 
ATOM   413 C C   . GLY A 1 52 ? 0.172   15.733  -7.095  1.00 18.57 ? 52  GLY A C   1 
ATOM   414 O O   . GLY A 1 52 ? -0.360  15.005  -6.288  1.00 21.43 ? 52  GLY A O   1 
ATOM   415 N N   A PHE A 1 53 ? 0.579   15.333  -8.288  0.48 17.84 ? 53  PHE A N   1 
ATOM   416 N N   B PHE A 1 53 ? 0.589   15.298  -8.260  0.52 19.29 ? 53  PHE A N   1 
ATOM   417 C CA  A PHE A 1 53 ? 0.235   14.033  -8.904  0.48 18.70 ? 53  PHE A CA  1 
ATOM   418 C CA  B PHE A 1 53 ? 0.226   13.962  -8.772  0.52 21.14 ? 53  PHE A CA  1 
ATOM   419 C C   A PHE A 1 53 ? 1.524   13.220  -9.120  0.48 19.08 ? 53  PHE A C   1 
ATOM   420 C C   B PHE A 1 53 ? 1.476   13.214  -9.240  0.52 20.52 ? 53  PHE A C   1 
ATOM   421 O O   A PHE A 1 53 ? 2.638   13.810  -9.160  0.48 19.55 ? 53  PHE A O   1 
ATOM   422 O O   B PHE A 1 53 ? 2.450   13.827  -9.738  0.52 19.33 ? 53  PHE A O   1 
ATOM   423 C CB  A PHE A 1 53 ? -0.614  14.311  -10.155 0.48 17.52 ? 53  PHE A CB  1 
ATOM   424 C CB  B PHE A 1 53 ? -0.723  14.115  -9.960  0.52 22.91 ? 53  PHE A CB  1 
ATOM   425 C CG  A PHE A 1 53 ? -2.024  14.782  -9.846  0.48 16.99 ? 53  PHE A CG  1 
ATOM   426 C CG  B PHE A 1 53 ? 0.044   14.597  -11.153 0.52 25.06 ? 53  PHE A CG  1 
ATOM   427 C CD1 A PHE A 1 53 ? -2.287  16.099  -9.488  0.48 16.09 ? 53  PHE A CD1 1 
ATOM   428 C CD1 B PHE A 1 53 ? 0.348   15.942  -11.286 0.52 25.89 ? 53  PHE A CD1 1 
ATOM   429 C CD2 A PHE A 1 53 ? -3.087  13.888  -9.833  0.48 17.70 ? 53  PHE A CD2 1 
ATOM   430 C CD2 B PHE A 1 53 ? 0.616   13.698  -12.039 0.52 29.15 ? 53  PHE A CD2 1 
ATOM   431 C CE1 A PHE A 1 53 ? -3.576  16.516  -9.185  0.48 17.12 ? 53  PHE A CE1 1 
ATOM   432 C CE1 B PHE A 1 53 ? 1.145   16.385  -12.326 0.52 30.83 ? 53  PHE A CE1 1 
ATOM   433 C CE2 A PHE A 1 53 ? -4.374  14.305  -9.507  0.48 17.90 ? 53  PHE A CE2 1 
ATOM   434 C CE2 B PHE A 1 53 ? 1.406   14.144  -13.087 0.52 29.07 ? 53  PHE A CE2 1 
ATOM   435 C CZ  A PHE A 1 53 ? -4.609  15.619  -9.158  0.48 16.70 ? 53  PHE A CZ  1 
ATOM   436 C CZ  B PHE A 1 53 ? 1.677   15.483  -13.223 0.52 32.38 ? 53  PHE A CZ  1 
ATOM   437 N N   . ILE A 1 54 ? 1.380   11.895  -9.182  1.00 21.35 ? 54  ILE A N   1 
ATOM   438 C CA  . ILE A 1 54 ? 2.442   10.999  -9.704  1.00 23.25 ? 54  ILE A CA  1 
ATOM   439 C C   . ILE A 1 54 ? 1.830   10.052  -10.714 1.00 22.33 ? 54  ILE A C   1 
ATOM   440 O O   . ILE A 1 54 ? 0.651   9.682   -10.581 1.00 21.46 ? 54  ILE A O   1 
ATOM   441 C CB  . ILE A 1 54 ? 3.154   10.244  -8.565  1.00 21.77 ? 54  ILE A CB  1 
ATOM   442 C CG1 . ILE A 1 54 ? 2.206   9.361   -7.753  1.00 23.35 ? 54  ILE A CG1 1 
ATOM   443 C CG2 . ILE A 1 54 ? 3.943   11.215  -7.718  1.00 24.28 ? 54  ILE A CG2 1 
ATOM   444 C CD1 . ILE A 1 54 ? 2.926   8.409   -6.811  1.00 22.03 ? 54  ILE A CD1 1 
ATOM   445 N N   . LYS A 1 55 ? 2.685   9.595   -11.616 1.00 23.78 ? 55  LYS A N   1 
ATOM   446 C CA  . LYS A 1 55 ? 2.368   8.478   -12.521 1.00 25.53 ? 55  LYS A CA  1 
ATOM   447 C C   . LYS A 1 55 ? 2.751   7.189   -11.804 1.00 20.11 ? 55  LYS A C   1 
ATOM   448 O O   . LYS A 1 55 ? 3.854   7.112   -11.274 1.00 22.79 ? 55  LYS A O   1 
ATOM   449 C CB  . LYS A 1 55 ? 3.111   8.626   -13.848 1.00 28.60 ? 55  LYS A CB  1 
ATOM   450 C CG  . LYS A 1 55 ? 2.620   7.688   -14.948 1.00 36.11 ? 55  LYS A CG  1 
ATOM   451 C CD  . LYS A 1 55 ? 3.076   8.142   -16.329 1.00 43.24 ? 55  LYS A CD  1 
ATOM   452 C CE  . LYS A 1 55 ? 2.351   7.466   -17.473 1.00 48.07 ? 55  LYS A CE  1 
ATOM   453 N NZ  . LYS A 1 55 ? 2.858   6.090   -17.693 1.00 52.30 ? 55  LYS A NZ  1 
ATOM   454 N N   . VAL A 1 56 ? 1.829   6.268   -11.782 1.00 19.32 ? 56  VAL A N   1 
ATOM   455 C CA  . VAL A 1 56 ? 2.056   4.919   -11.177 1.00 20.97 ? 56  VAL A CA  1 
ATOM   456 C C   . VAL A 1 56 ? 1.738   3.809   -12.185 1.00 21.88 ? 56  VAL A C   1 
ATOM   457 O O   . VAL A 1 56 ? 0.972   4.015   -13.143 1.00 23.51 ? 56  VAL A O   1 
ATOM   458 C CB  . VAL A 1 56 ? 1.256   4.738   -9.880  1.00 20.92 ? 56  VAL A CB  1 
ATOM   459 C CG1 . VAL A 1 56 ? 1.702   5.731   -8.824  1.00 22.52 ? 56  VAL A CG1 1 
ATOM   460 C CG2 . VAL A 1 56 ? -0.217  4.802   -10.176 1.00 20.28 ? 56  VAL A CG2 1 
ATOM   461 N N   . ARG A 1 57 ? 2.296   2.614   -11.966 1.00 20.27 ? 57  ARG A N   1 
ATOM   462 C CA  . ARG A 1 57 ? 1.848   1.375   -12.643 1.00 20.94 ? 57  ARG A CA  1 
ATOM   463 C C   . ARG A 1 57 ? 0.799   0.720   -11.757 1.00 19.80 ? 57  ARG A C   1 
ATOM   464 O O   . ARG A 1 57 ? 1.085   0.437   -10.563 1.00 21.09 ? 57  ARG A O   1 
ATOM   465 C CB  . ARG A 1 57 ? 3.035   0.437   -12.908 1.00 21.66 ? 57  ARG A CB  1 
ATOM   466 C CG  . ARG A 1 57 ? 4.261   1.120   -13.508 1.00 24.13 ? 57  ARG A CG  1 
ATOM   467 C CD  . ARG A 1 57 ? 5.261   0.121   -14.100 1.00 27.79 ? 57  ARG A CD  1 
ATOM   468 N NE  . ARG A 1 57 ? 5.856   -0.760  -13.108 1.00 28.88 ? 57  ARG A NE  1 
ATOM   469 C CZ  . ARG A 1 57 ? 6.887   -0.447  -12.327 1.00 31.58 ? 57  ARG A CZ  1 
ATOM   470 N NH1 . ARG A 1 57 ? 7.391   0.777   -12.357 1.00 34.05 ? 57  ARG A NH1 1 
ATOM   471 N NH2 . ARG A 1 57 ? 7.374   -1.343  -11.475 1.00 35.23 ? 57  ARG A NH2 1 
ATOM   472 N N   . GLN A 1 58 ? -0.387  0.496   -12.266 1.00 18.14 ? 58  GLN A N   1 
ATOM   473 C CA  . GLN A 1 58 ? -1.455  -0.252  -11.585 1.00 19.63 ? 58  GLN A CA  1 
ATOM   474 C C   . GLN A 1 58 ? -1.354  -1.745  -11.896 1.00 21.25 ? 58  GLN A C   1 
ATOM   475 O O   . GLN A 1 58 ? -1.507  -2.120  -13.086 1.00 22.70 ? 58  GLN A O   1 
ATOM   476 C CB  . GLN A 1 58 ? -2.837  0.281   -11.932 1.00 21.53 ? 58  GLN A CB  1 
ATOM   477 C CG  . GLN A 1 58 ? -3.948  -0.546  -11.347 1.00 22.30 ? 58  GLN A CG  1 
ATOM   478 C CD  . GLN A 1 58 ? -5.302  0.063   -11.556 1.00 23.88 ? 58  GLN A CD  1 
ATOM   479 O OE1 . GLN A 1 58 ? -5.406  1.256   -11.837 1.00 30.15 ? 58  GLN A OE1 1 
ATOM   480 N NE2 . GLN A 1 58 ? -6.344  -0.698  -11.284 1.00 25.98 ? 58  GLN A NE2 1 
ATOM   481 N N   . TYR A 1 59 ? -1.185  -2.561  -10.856 1.00 19.78 ? 59  TYR A N   1 
ATOM   482 C CA  . TYR A 1 59 ? -1.234  -4.039  -10.920 1.00 18.68 ? 59  TYR A CA  1 
ATOM   483 C C   . TYR A 1 59 ? -2.441  -4.526  -10.142 1.00 20.62 ? 59  TYR A C   1 
ATOM   484 O O   . TYR A 1 59 ? -2.630  -4.129  -8.974  1.00 20.74 ? 59  TYR A O   1 
ATOM   485 C CB  . TYR A 1 59 ? 0.048   -4.612  -10.322 1.00 18.77 ? 59  TYR A CB  1 
ATOM   486 C CG  . TYR A 1 59 ? 1.309   -4.341  -11.095 1.00 17.89 ? 59  TYR A CG  1 
ATOM   487 C CD1 . TYR A 1 59 ? 2.049   -3.194  -10.904 1.00 18.73 ? 59  TYR A CD1 1 
ATOM   488 C CD2 . TYR A 1 59 ? 1.829   -5.289  -11.976 1.00 21.40 ? 59  TYR A CD2 1 
ATOM   489 C CE1 . TYR A 1 59 ? 3.246   -2.955  -11.565 1.00 19.55 ? 59  TYR A CE1 1 
ATOM   490 C CE2 . TYR A 1 59 ? 3.018   -5.053  -12.666 1.00 20.81 ? 59  TYR A CE2 1 
ATOM   491 C CZ  . TYR A 1 59 ? 3.736   -3.888  -12.475 1.00 20.41 ? 59  TYR A CZ  1 
ATOM   492 O OH  . TYR A 1 59 ? 4.906   -3.577  -13.112 1.00 23.50 ? 59  TYR A OH  1 
ATOM   493 N N   . ASP A 1 60 ? -3.270  -5.371  -10.734 1.00 19.67 ? 60  ASP A N   1 
ATOM   494 C CA  . ASP A 1 60 ? -4.476  -5.916  -10.084 1.00 21.92 ? 60  ASP A CA  1 
ATOM   495 C C   . ASP A 1 60 ? -4.225  -7.336  -9.590  1.00 21.33 ? 60  ASP A C   1 
ATOM   496 O O   . ASP A 1 60 ? -3.280  -8.003  -10.090 1.00 23.46 ? 60  ASP A O   1 
ATOM   497 C CB  . ASP A 1 60 ? -5.696  -5.824  -10.995 1.00 23.29 ? 60  ASP A CB  1 
ATOM   498 C CG  . ASP A 1 60 ? -6.032  -4.382  -11.353 1.00 25.69 ? 60  ASP A CG  1 
ATOM   499 O OD1 . ASP A 1 60 ? -5.841  -3.479  -10.506 1.00 25.28 ? 60  ASP A OD1 1 
ATOM   500 O OD2 . ASP A 1 60 ? -6.402  -4.153  -12.513 1.00 32.57 ? 60  ASP A OD2 1 
ATOM   501 N N   . GLN A 1 61 ? -5.016  -7.750  -8.617  1.00 21.61 ? 61  GLN A N   1 
ATOM   502 C CA  . GLN A 1 61 ? -5.091  -9.112  -8.036  1.00 21.40 ? 61  GLN A CA  1 
ATOM   503 C C   . GLN A 1 61 ? -3.687  -9.565  -7.593  1.00 21.23 ? 61  GLN A C   1 
ATOM   504 O O   . GLN A 1 61 ? -3.259  -10.724 -7.859  1.00 20.72 ? 61  GLN A O   1 
ATOM   505 C CB  . GLN A 1 61 ? -5.813  -10.058 -9.010  1.00 26.37 ? 61  GLN A CB  1 
ATOM   506 C CG  . GLN A 1 61 ? -7.337  -10.038 -8.853  1.00 33.37 ? 61  GLN A CG  1 
ATOM   507 C CD  . GLN A 1 61 ? -7.856  -10.618 -7.549  1.00 36.57 ? 61  GLN A CD  1 
ATOM   508 O OE1 . GLN A 1 61 ? -8.186  -9.871  -6.632  1.00 43.80 ? 61  GLN A OE1 1 
ATOM   509 N NE2 . GLN A 1 61 ? -7.937  -11.946 -7.425  1.00 35.24 ? 61  GLN A NE2 1 
ATOM   510 N N   . ILE A 1 62 ? -2.986  -8.695  -6.859  1.00 18.19 ? 62  ILE A N   1 
ATOM   511 C CA  . ILE A 1 62 ? -1.612  -8.944  -6.332  1.00 17.60 ? 62  ILE A CA  1 
ATOM   512 C C   . ILE A 1 62 ? -1.756  -9.466  -4.916  1.00 17.33 ? 62  ILE A C   1 
ATOM   513 O O   . ILE A 1 62 ? -2.343  -8.804  -4.046  1.00 16.05 ? 62  ILE A O   1 
ATOM   514 C CB  . ILE A 1 62 ? -0.738  -7.679  -6.383  1.00 16.44 ? 62  ILE A CB  1 
ATOM   515 C CG1 . ILE A 1 62 ? -0.503  -7.180  -7.813  1.00 18.22 ? 62  ILE A CG1 1 
ATOM   516 C CG2 . ILE A 1 62 ? 0.577   -7.923  -5.681  1.00 18.00 ? 62  ILE A CG2 1 
ATOM   517 C CD1 . ILE A 1 62 ? 0.128   -8.213  -8.746  1.00 19.19 ? 62  ILE A CD1 1 
ATOM   518 N N   . PRO A 1 63 ? -1.281  -10.683 -4.615  1.00 16.08 ? 63  PRO A N   1 
ATOM   519 C CA  . PRO A 1 63 ? -1.253  -11.142 -3.237  1.00 16.67 ? 63  PRO A CA  1 
ATOM   520 C C   . PRO A 1 63 ? -0.233  -10.383 -2.380  1.00 15.37 ? 63  PRO A C   1 
ATOM   521 O O   . PRO A 1 63 ? 0.820   -10.047 -2.849  1.00 15.89 ? 63  PRO A O   1 
ATOM   522 C CB  . PRO A 1 63 ? -0.790  -12.600 -3.297  1.00 17.75 ? 63  PRO A CB  1 
ATOM   523 C CG  . PRO A 1 63 ? -1.060  -12.991 -4.730  1.00 19.23 ? 63  PRO A CG  1 
ATOM   524 C CD  . PRO A 1 63 ? -0.857  -11.742 -5.553  1.00 17.17 ? 63  PRO A CD  1 
ATOM   525 N N   . ILE A 1 64 ? -0.617  -10.143 -1.156  1.00 15.71 ? 64  ILE A N   1 
ATOM   526 C CA  . ILE A 1 64 ? 0.288   -9.422  -0.220  1.00 15.92 ? 64  ILE A CA  1 
ATOM   527 C C   . ILE A 1 64 ? 0.058   -10.006 1.157   1.00 15.46 ? 64  ILE A C   1 
ATOM   528 O O   . ILE A 1 64 ? -1.056  -10.401 1.505   1.00 18.23 ? 64  ILE A O   1 
ATOM   529 C CB  . ILE A 1 64 ? 0.009   -7.912  -0.249  1.00 16.95 ? 64  ILE A CB  1 
ATOM   530 C CG1 . ILE A 1 64 ? 1.032   -7.109  0.532   1.00 18.34 ? 64  ILE A CG1 1 
ATOM   531 C CG2 . ILE A 1 64 ? -1.399  -7.635  0.249   1.00 17.58 ? 64  ILE A CG2 1 
ATOM   532 C CD1 . ILE A 1 64 ? 0.992   -5.633  0.259   1.00 19.51 ? 64  ILE A CD1 1 
ATOM   533 N N   . GLU A 1 65 ? 1.117   -10.157 1.916   1.00 15.34 ? 65  GLU A N   1 
ATOM   534 C CA  . GLU A 1 65 ? 1.048   -10.539 3.329   1.00 16.99 ? 65  GLU A CA  1 
ATOM   535 C C   . GLU A 1 65 ? 1.397   -9.301  4.150   1.00 17.42 ? 65  GLU A C   1 
ATOM   536 O O   . GLU A 1 65 ? 2.386   -8.633  3.884   1.00 17.57 ? 65  GLU A O   1 
ATOM   537 C CB  . GLU A 1 65 ? 2.019   -11.682 3.634   1.00 21.29 ? 65  GLU A CB  1 
ATOM   538 C CG  . GLU A 1 65 ? 1.901   -12.199 5.047   1.00 28.19 ? 65  GLU A CG  1 
ATOM   539 C CD  . GLU A 1 65 ? 2.866   -13.328 5.374   1.00 37.71 ? 65  GLU A CD  1 
ATOM   540 O OE1 . GLU A 1 65 ? 3.811   -13.570 4.559   1.00 44.13 ? 65  GLU A OE1 1 
ATOM   541 O OE2 . GLU A 1 65 ? 2.680   -13.957 6.445   1.00 49.54 ? 65  GLU A OE2 1 
ATOM   542 N N   . ILE A 1 66 ? 0.514   -8.957  5.075   1.00 17.04 ? 66  ILE A N   1 
ATOM   543 C CA  . ILE A 1 66 ? 0.608   -7.662  5.821   1.00 17.67 ? 66  ILE A CA  1 
ATOM   544 C C   . ILE A 1 66 ? 0.658   -8.035  7.282   1.00 18.56 ? 66  ILE A C   1 
ATOM   545 O O   . ILE A 1 66 ? -0.380  -8.499  7.785   1.00 19.31 ? 66  ILE A O   1 
ATOM   546 C CB  . ILE A 1 66 ? -0.574  -6.721  5.543   1.00 17.35 ? 66  ILE A CB  1 
ATOM   547 C CG1 . ILE A 1 66 ? -0.615  -6.360  4.060   1.00 18.10 ? 66  ILE A CG1 1 
ATOM   548 C CG2 . ILE A 1 66 ? -0.502  -5.471  6.446   1.00 17.80 ? 66  ILE A CG2 1 
ATOM   549 C CD1 . ILE A 1 66 ? -1.963  -5.906  3.566   1.00 18.73 ? 66  ILE A CD1 1 
ATOM   550 N N   . CYS A 1 67 ? 1.822   -7.911  7.918   1.00 19.95 ? 67  CYS A N   1 
ATOM   551 C CA  . CYS A 1 67 ? 2.019   -8.333  9.326   1.00 23.66 ? 67  CYS A CA  1 
ATOM   552 C C   . CYS A 1 67 ? 1.401   -9.723  9.547   1.00 24.92 ? 67  CYS A C   1 
ATOM   553 O O   . CYS A 1 67 ? 0.624   -9.855  10.515  1.00 26.42 ? 67  CYS A O   1 
ATOM   554 C CB  . CYS A 1 67 ? 1.407   -7.295  10.261  1.00 25.20 ? 67  CYS A CB  1 
ATOM   555 S SG  . CYS A 1 67 ? 1.940   -7.481  11.984  1.00 35.16 ? 67  CYS A SG  1 
ATOM   556 N N   . GLY A 1 68 ? 1.617   -10.676 8.623   1.00 25.46 ? 68  GLY A N   1 
ATOM   557 C CA  . GLY A 1 68 ? 1.169   -12.076 8.788   1.00 25.15 ? 68  GLY A CA  1 
ATOM   558 C C   . GLY A 1 68 ? -0.283  -12.298 8.412   1.00 26.06 ? 68  GLY A C   1 
ATOM   559 O O   . GLY A 1 68 ? -0.774  -13.427 8.595   1.00 33.36 ? 68  GLY A O   1 
ATOM   560 N N   . HIS A 1 69 ? -0.967  -11.335 7.794   1.00 21.30 ? 69  HIS A N   1 
ATOM   561 C CA  . HIS A 1 69 ? -2.351  -11.509 7.279   1.00 22.27 ? 69  HIS A CA  1 
ATOM   562 C C   . HIS A 1 69 ? -2.335  -11.495 5.744   1.00 20.35 ? 69  HIS A C   1 
ATOM   563 O O   . HIS A 1 69 ? -1.738  -10.564 5.159   1.00 20.62 ? 69  HIS A O   1 
ATOM   564 C CB  . HIS A 1 69 ? -3.240  -10.387 7.824   1.00 21.32 ? 69  HIS A CB  1 
ATOM   565 C CG  . HIS A 1 69 ? -3.446  -10.434 9.289   1.00 22.03 ? 69  HIS A CG  1 
ATOM   566 N ND1 . HIS A 1 69 ? -4.701  -10.692 9.828   1.00 23.88 ? 69  HIS A ND1 1 
ATOM   567 C CD2 . HIS A 1 69 ? -2.606  -10.274 10.330  1.00 23.39 ? 69  HIS A CD2 1 
ATOM   568 C CE1 . HIS A 1 69 ? -4.612  -10.679 11.139  1.00 26.37 ? 69  HIS A CE1 1 
ATOM   569 N NE2 . HIS A 1 69 ? -3.368  -10.433 11.486  1.00 26.36 ? 69  HIS A NE2 1 
ATOM   570 N N   . GLN A 1 70 ? -3.119  -12.360 5.113   1.00 19.85 ? 70  GLN A N   1 
ATOM   571 C CA  . GLN A 1 70 ? -3.175  -12.481 3.642   1.00 18.63 ? 70  GLN A CA  1 
ATOM   572 C C   . GLN A 1 70 ? -4.278  -11.605 3.047   1.00 18.46 ? 70  GLN A C   1 
ATOM   573 O O   . GLN A 1 70 ? -5.373  -11.594 3.571   1.00 19.22 ? 70  GLN A O   1 
ATOM   574 C CB  . GLN A 1 70 ? -3.450  -13.934 3.239   1.00 21.47 ? 70  GLN A CB  1 
ATOM   575 C CG  . GLN A 1 70 ? -2.365  -14.908 3.689   1.00 23.59 ? 70  GLN A CG  1 
ATOM   576 C CD  . GLN A 1 70 ? -1.033  -14.685 3.037   1.00 25.17 ? 70  GLN A CD  1 
ATOM   577 O OE1 . GLN A 1 70 ? -0.923  -14.204 1.912   1.00 29.78 ? 70  GLN A OE1 1 
ATOM   578 N NE2 . GLN A 1 70 ? 0.015   -15.064 3.761   1.00 29.86 ? 70  GLN A NE2 1 
ATOM   579 N N   . ALA A 1 71 ? -3.950  -10.900 1.989   1.00 15.59 ? 71  ALA A N   1 
ATOM   580 C CA  . ALA A 1 71 ? -4.862  -10.076 1.207   1.00 16.30 ? 71  ALA A CA  1 
ATOM   581 C C   . ALA A 1 71 ? -4.504  -10.227 -0.259  1.00 15.28 ? 71  ALA A C   1 
ATOM   582 O O   . ALA A 1 71 ? -3.411  -10.729 -0.615  1.00 16.54 ? 71  ALA A O   1 
ATOM   583 C CB  . ALA A 1 71 ? -4.795  -8.630  1.673   1.00 16.63 ? 71  ALA A CB  1 
ATOM   584 N N   . ILE A 1 72 ? -5.432  -9.805  -1.108  1.00 16.87 ? 72  ILE A N   1 
ATOM   585 C CA  . ILE A 1 72 ? -5.155  -9.753  -2.555  1.00 16.76 ? 72  ILE A CA  1 
ATOM   586 C C   . ILE A 1 72 ? -5.848  -8.517  -3.103  1.00 16.47 ? 72  ILE A C   1 
ATOM   587 O O   . ILE A 1 72 ? -7.003  -8.251  -2.673  1.00 18.17 ? 72  ILE A O   1 
ATOM   588 C CB  . ILE A 1 72 ? -5.650  -11.025 -3.268  1.00 19.86 ? 72  ILE A CB  1 
ATOM   589 C CG1 . ILE A 1 72 ? -5.227  -11.049 -4.724  1.00 22.10 ? 72  ILE A CG1 1 
ATOM   590 C CG2 . ILE A 1 72 ? -7.148  -11.179 -3.121  1.00 23.69 ? 72  ILE A CG2 1 
ATOM   591 C CD1 . ILE A 1 72 ? -5.333  -12.444 -5.342  1.00 25.52 ? 72  ILE A CD1 1 
ATOM   592 N N   . GLY A 1 73 ? -5.179  -7.767  -3.944  1.00 15.98 ? 73  GLY A N   1 
ATOM   593 C CA  . GLY A 1 73 ? -5.824  -6.574  -4.486  1.00 17.79 ? 73  GLY A CA  1 
ATOM   594 C C   . GLY A 1 73 ? -4.936  -5.771  -5.356  1.00 17.84 ? 73  GLY A C   1 
ATOM   595 O O   . GLY A 1 73 ? -3.856  -6.205  -5.711  1.00 18.42 ? 73  GLY A O   1 
ATOM   596 N N   . THR A 1 74 ? -5.349  -4.552  -5.651  1.00 16.95 ? 74  THR A N   1 
ATOM   597 C CA  . THR A 1 74 ? -4.640  -3.632  -6.539  1.00 17.33 ? 74  THR A CA  1 
ATOM   598 C C   . THR A 1 74 ? -3.472  -3.037  -5.764  1.00 16.84 ? 74  THR A C   1 
ATOM   599 O O   . THR A 1 74 ? -3.655  -2.630  -4.584  1.00 17.19 ? 74  THR A O   1 
ATOM   600 C CB  . THR A 1 74 ? -5.558  -2.520  -7.062  1.00 18.11 ? 74  THR A CB  1 
ATOM   601 O OG1 . THR A 1 74 ? -6.574  -3.168  -7.836  1.00 20.56 ? 74  THR A OG1 1 
ATOM   602 C CG2 . THR A 1 74 ? -4.827  -1.459  -7.852  1.00 17.55 ? 74  THR A CG2 1 
ATOM   603 N N   . VAL A 1 75 ? -2.311  -2.977  -6.361  1.00 16.02 ? 75  VAL A N   1 
ATOM   604 C CA  . VAL A 1 75 ? -1.092  -2.321  -5.851  1.00 16.87 ? 75  VAL A CA  1 
ATOM   605 C C   . VAL A 1 75 ? -0.654  -1.323  -6.912  1.00 17.50 ? 75  VAL A C   1 
ATOM   606 O O   . VAL A 1 75 ? -0.548  -1.690  -8.105  1.00 20.22 ? 75  VAL A O   1 
ATOM   607 C CB  . VAL A 1 75 ? -0.009  -3.355  -5.506  1.00 19.39 ? 75  VAL A CB  1 
ATOM   608 C CG1 . VAL A 1 75 ? 1.299   -2.708  -5.155  1.00 19.55 ? 75  VAL A CG1 1 
ATOM   609 C CG2 . VAL A 1 75 ? -0.506  -4.267  -4.404  1.00 18.17 ? 75  VAL A CG2 1 
ATOM   610 N N   . LEU A 1 76 ? -0.419  -0.089  -6.554  1.00 16.73 ? 76  LEU A N   1 
ATOM   611 C CA  . LEU A 1 76 ? 0.095   0.946   -7.455  1.00 16.86 ? 76  LEU A CA  1 
ATOM   612 C C   . LEU A 1 76 ? 1.572   1.080   -7.151  1.00 18.45 ? 76  LEU A C   1 
ATOM   613 O O   . LEU A 1 76 ? 1.964   1.077   -5.969  1.00 21.85 ? 76  LEU A O   1 
ATOM   614 C CB  . LEU A 1 76 ? -0.664  2.259   -7.214  1.00 17.78 ? 76  LEU A CB  1 
ATOM   615 C CG  . LEU A 1 76 ? -2.175  2.149   -7.230  1.00 17.54 ? 76  LEU A CG  1 
ATOM   616 C CD1 . LEU A 1 76 ? -2.746  3.540   -6.978  1.00 18.17 ? 76  LEU A CD1 1 
ATOM   617 C CD2 . LEU A 1 76 ? -2.718  1.556   -8.528  1.00 19.59 ? 76  LEU A CD2 1 
ATOM   618 N N   . VAL A 1 77 ? 2.391   1.105   -8.196  1.00 17.91 ? 77  VAL A N   1 
ATOM   619 C CA  . VAL A 1 77 ? 3.856   1.207   -8.047  1.00 17.64 ? 77  VAL A CA  1 
ATOM   620 C C   . VAL A 1 77 ? 4.308   2.520   -8.668  1.00 17.60 ? 77  VAL A C   1 
ATOM   621 O O   . VAL A 1 77 ? 4.031   2.755   -9.859  1.00 19.36 ? 77  VAL A O   1 
ATOM   622 C CB  . VAL A 1 77 ? 4.593   0.005   -8.680  1.00 18.15 ? 77  VAL A CB  1 
ATOM   623 C CG1 . VAL A 1 77 ? 6.093   0.157   -8.500  1.00 20.28 ? 77  VAL A CG1 1 
ATOM   624 C CG2 . VAL A 1 77 ? 4.050   -1.302  -8.110  1.00 18.69 ? 77  VAL A CG2 1 
ATOM   625 N N   . GLY A 1 78 ? 5.043   3.303   -7.944  1.00 18.72 ? 78  GLY A N   1 
ATOM   626 C CA  . GLY A 1 78 ? 5.565   4.551   -8.495  1.00 19.96 ? 78  GLY A CA  1 
ATOM   627 C C   . GLY A 1 78 ? 6.332   5.321   -7.453  1.00 22.99 ? 78  GLY A C   1 
ATOM   628 O O   . GLY A 1 78 ? 6.617   4.827   -6.362  1.00 24.41 ? 78  GLY A O   1 
ATOM   629 N N   . PRO A 1 79 ? 6.677   6.568   -7.796  1.00 21.87 ? 79  PRO A N   1 
ATOM   630 C CA  . PRO A 1 79 ? 7.546   7.404   -6.985  1.00 23.13 ? 79  PRO A CA  1 
ATOM   631 C C   . PRO A 1 79 ? 6.824   8.047   -5.807  1.00 22.75 ? 79  PRO A C   1 
ATOM   632 O O   . PRO A 1 79 ? 6.828   9.243   -5.668  1.00 27.69 ? 79  PRO A O   1 
ATOM   633 C CB  . PRO A 1 79 ? 8.028   8.455   -8.014  1.00 22.05 ? 79  PRO A CB  1 
ATOM   634 C CG  . PRO A 1 79 ? 6.897   8.593   -8.947  1.00 24.34 ? 79  PRO A CG  1 
ATOM   635 C CD  . PRO A 1 79 ? 6.336   7.203   -9.084  1.00 22.01 ? 79  PRO A CD  1 
ATOM   636 N N   . THR A 1 80 ? 6.280   7.197   -4.937  1.00 22.67 ? 80  THR A N   1 
ATOM   637 C CA  . THR A 1 80 ? 5.788   7.589   -3.602  1.00 21.00 ? 80  THR A CA  1 
ATOM   638 C C   . THR A 1 80 ? 6.979   7.780   -2.663  1.00 20.78 ? 80  THR A C   1 
ATOM   639 O O   . THR A 1 80 ? 7.919   6.997   -2.678  1.00 25.50 ? 80  THR A O   1 
ATOM   640 C CB  . THR A 1 80 ? 4.772   6.566   -3.065  1.00 19.16 ? 80  THR A CB  1 
ATOM   641 O OG1 . THR A 1 80 ? 4.376   6.980   -1.773  1.00 18.82 ? 80  THR A OG1 1 
ATOM   642 C CG2 . THR A 1 80 ? 5.300   5.143   -3.029  1.00 20.20 ? 80  THR A CG2 1 
ATOM   643 N N   . PRO A 1 81 ? 6.975   8.790   -1.784  1.00 23.16 ? 81  PRO A N   1 
ATOM   644 C CA  . PRO A 1 81 ? 8.021   8.934   -0.772  1.00 21.89 ? 81  PRO A CA  1 
ATOM   645 C C   . PRO A 1 81 ? 7.929   7.870   0.335   1.00 24.20 ? 81  PRO A C   1 
ATOM   646 O O   . PRO A 1 81 ? 8.904   7.694   1.043   1.00 25.14 ? 81  PRO A O   1 
ATOM   647 C CB  . PRO A 1 81 ? 7.759   10.330  -0.203  1.00 21.40 ? 81  PRO A CB  1 
ATOM   648 C CG  . PRO A 1 81 ? 6.284   10.508  -0.416  1.00 27.30 ? 81  PRO A CG  1 
ATOM   649 C CD  . PRO A 1 81 ? 6.050   9.933   -1.796  1.00 23.96 ? 81  PRO A CD  1 
ATOM   650 N N   . ALA A 1 82 ? 6.827   7.113   0.408   1.00 19.56 ? 82  ALA A N   1 
ATOM   651 C CA  . ALA A 1 82 ? 6.666   6.048   1.430   1.00 19.19 ? 82  ALA A CA  1 
ATOM   652 C C   . ALA A 1 82 ? 5.775   4.947   0.891   1.00 17.48 ? 82  ALA A C   1 
ATOM   653 O O   . ALA A 1 82 ? 4.810   5.175   0.136   1.00 18.22 ? 82  ALA A O   1 
ATOM   654 C CB  . ALA A 1 82 ? 6.081   6.613   2.682   1.00 20.78 ? 82  ALA A CB  1 
ATOM   655 N N   . ASN A 1 83 ? 6.082   3.721   1.272   1.00 15.60 ? 83  ASN A N   1 
ATOM   656 C CA  . ASN A 1 83 ? 5.207   2.597   0.980   1.00 14.67 ? 83  ASN A CA  1 
ATOM   657 C C   . ASN A 1 83 ? 3.987   2.668   1.894   1.00 13.21 ? 83  ASN A C   1 
ATOM   658 O O   . ASN A 1 83 ? 4.171   2.820   3.115   1.00 12.79 ? 83  ASN A O   1 
ATOM   659 C CB  . ASN A 1 83 ? 5.888   1.271   1.292   1.00 14.52 ? 83  ASN A CB  1 
ATOM   660 C CG  . ASN A 1 83 ? 7.039   0.960   0.370   1.00 17.20 ? 83  ASN A CG  1 
ATOM   661 O OD1 . ASN A 1 83 ? 7.025   1.205   -0.818  1.00 21.14 ? 83  ASN A OD1 1 
ATOM   662 N ND2 . ASN A 1 83 ? 8.044   0.339   0.919   1.00 17.09 ? 83  ASN A ND2 1 
ATOM   663 N N   . VAL A 1 84 ? 2.785   2.711   1.313   1.00 12.73 ? 84  VAL A N   1 
ATOM   664 C CA  . VAL A 1 84 ? 1.550   2.867   2.106   1.00 13.05 ? 84  VAL A CA  1 
ATOM   665 C C   . VAL A 1 84 ? 0.570   1.737   1.804   1.00 12.84 ? 84  VAL A C   1 
ATOM   666 O O   . VAL A 1 84 ? 0.322   1.413   0.647   1.00 13.25 ? 84  VAL A O   1 
ATOM   667 C CB  . VAL A 1 84 ? 0.900   4.248   1.934   1.00 14.89 ? 84  VAL A CB  1 
ATOM   668 C CG1 . VAL A 1 84 ? 1.783   5.384   2.395   1.00 16.41 ? 84  VAL A CG1 1 
ATOM   669 C CG2 . VAL A 1 84 ? 0.369   4.467   0.541   1.00 16.13 ? 84  VAL A CG2 1 
ATOM   670 N N   . ILE A 1 85 ? 0.052   1.135   2.846   1.00 12.19 ? 85  ILE A N   1 
ATOM   671 C CA  . ILE A 1 85 ? -1.037  0.137   2.785   1.00 12.13 ? 85  ILE A CA  1 
ATOM   672 C C   . ILE A 1 85 ? -2.335  0.904   2.992   1.00 12.51 ? 85  ILE A C   1 
ATOM   673 O O   . ILE A 1 85 ? -2.561  1.494   4.071   1.00 12.27 ? 85  ILE A O   1 
ATOM   674 C CB  . ILE A 1 85 ? -0.864  -0.967  3.833   1.00 12.65 ? 85  ILE A CB  1 
ATOM   675 C CG1 . ILE A 1 85 ? 0.541   -1.594  3.786   1.00 13.29 ? 85  ILE A CG1 1 
ATOM   676 C CG2 . ILE A 1 85 ? -1.948  -2.009  3.655   1.00 13.85 ? 85  ILE A CG2 1 
ATOM   677 C CD1 . ILE A 1 85 ? 0.953   -2.087  2.414   1.00 15.94 ? 85  ILE A CD1 1 
ATOM   678 N N   . GLY A 1 86 ? -3.151  0.965   1.951   1.00 12.44 ? 86  GLY A N   1 
ATOM   679 C CA  . GLY A 1 86 ? -4.413  1.704   1.961   1.00 12.54 ? 86  GLY A CA  1 
ATOM   680 C C   . GLY A 1 86 ? -5.605  0.831   2.298   1.00 12.09 ? 86  GLY A C   1 
ATOM   681 O O   . GLY A 1 86 ? -5.508  -0.377  2.484   1.00 11.82 ? 86  GLY A O   1 
ATOM   682 N N   . ARG A 1 87 ? -6.773  1.474   2.307   1.00 12.02 ? 87  ARG A N   1 
ATOM   683 C CA  . ARG A 1 87 ? -8.018  0.829   2.777   1.00 11.69 ? 87  ARG A CA  1 
ATOM   684 C C   . ARG A 1 87 ? -8.406  -0.381  1.910   1.00 11.39 ? 87  ARG A C   1 
ATOM   685 O O   . ARG A 1 87 ? -9.031  -1.301  2.451   1.00 12.70 ? 87  ARG A O   1 
ATOM   686 C CB  . ARG A 1 87 ? -9.164  1.846   2.806   1.00 11.51 ? 87  ARG A CB  1 
ATOM   687 C CG  . ARG A 1 87 ? -8.934  2.987   3.791   1.00 11.70 ? 87  ARG A CG  1 
ATOM   688 C CD  . ARG A 1 87 ? -10.152 3.877   3.975   1.00 12.25 ? 87  ARG A CD  1 
ATOM   689 N NE  . ARG A 1 87 ? -10.499 4.565   2.753   1.00 12.36 ? 87  ARG A NE  1 
ATOM   690 C CZ  . ARG A 1 87 ? -11.416 4.198   1.877   1.00 12.76 ? 87  ARG A CZ  1 
ATOM   691 N NH1 . ARG A 1 87 ? -12.219 3.195   2.148   1.00 12.60 ? 87  ARG A NH1 1 
ATOM   692 N NH2 . ARG A 1 87 ? -11.614 4.912   0.789   1.00 14.40 ? 87  ARG A NH2 1 
ATOM   693 N N   . ASN A 1 88 ? -8.044  -0.364  0.625   1.00 13.16 ? 88  ASN A N   1 
ATOM   694 C CA  . ASN A 1 88 ? -8.384  -1.530  -0.239  1.00 13.92 ? 88  ASN A CA  1 
ATOM   695 C C   . ASN A 1 88 ? -7.809  -2.818  0.362   1.00 15.63 ? 88  ASN A C   1 
ATOM   696 O O   . ASN A 1 88 ? -8.418  -3.884  0.203   1.00 16.50 ? 88  ASN A O   1 
ATOM   697 C CB  . ASN A 1 88 ? -7.933  -1.371  -1.674  1.00 14.81 ? 88  ASN A CB  1 
ATOM   698 C CG  . ASN A 1 88 ? -6.451  -1.448  -1.822  1.00 14.34 ? 88  ASN A CG  1 
ATOM   699 O OD1 . ASN A 1 88 ? -5.674  -0.769  -1.124  1.00 15.37 ? 88  ASN A OD1 1 
ATOM   700 N ND2 . ASN A 1 88 ? -5.993  -2.252  -2.790  1.00 15.39 ? 88  ASN A ND2 1 
ATOM   701 N N   . MET A 1 89 ? -6.646  -2.750  1.023   1.00 13.80 ? 89  MET A N   1 
ATOM   702 C CA  . MET A 1 89 ? -6.059  -3.920  1.669   1.00 13.39 ? 89  MET A CA  1 
ATOM   703 C C   . MET A 1 89 ? -6.443  -4.009  3.147   1.00 12.68 ? 89  MET A C   1 
ATOM   704 O O   . MET A 1 89 ? -6.607  -5.086  3.680   1.00 14.42 ? 89  MET A O   1 
ATOM   705 C CB  . MET A 1 89 ? -4.540  -3.873  1.554   1.00 13.76 ? 89  MET A CB  1 
ATOM   706 C CG  . MET A 1 89 ? -3.996  -3.953  0.142   1.00 14.00 ? 89  MET A CG  1 
ATOM   707 S SD  . MET A 1 89 ? -4.341  -5.529  -0.714  1.00 15.99 ? 89  MET A SD  1 
ATOM   708 C CE  . MET A 1 89 ? -3.288  -5.361  -2.148  1.00 17.30 ? 89  MET A CE  1 
ATOM   709 N N   . LEU A 1 90 ? -6.509  -2.873  3.848   1.00 12.71 ? 90  LEU A N   1 
ATOM   710 C CA  . LEU A 1 90 ? -6.761  -2.866  5.293   1.00 13.75 ? 90  LEU A CA  1 
ATOM   711 C C   . LEU A 1 90 ? -8.117  -3.478  5.643   1.00 12.82 ? 90  LEU A C   1 
ATOM   712 O O   . LEU A 1 90 ? -8.226  -4.117  6.646   1.00 14.01 ? 90  LEU A O   1 
ATOM   713 C CB  . LEU A 1 90 ? -6.608  -1.436  5.815   1.00 12.30 ? 90  LEU A CB  1 
ATOM   714 C CG  . LEU A 1 90 ? -5.217  -0.825  5.743   1.00 13.12 ? 90  LEU A CG  1 
ATOM   715 C CD1 . LEU A 1 90 ? -5.289  0.624   6.208   1.00 12.83 ? 90  LEU A CD1 1 
ATOM   716 C CD2 . LEU A 1 90 ? -4.182  -1.593  6.531   1.00 13.43 ? 90  LEU A CD2 1 
ATOM   717 N N   . THR A 1 91 ? -9.123  -3.227  4.795   1.00 14.07 ? 91  THR A N   1 
ATOM   718 C CA  . THR A 1 91 ? -10.464 -3.826  5.020   1.00 13.99 ? 91  THR A CA  1 
ATOM   719 C C   . THR A 1 91 ? -10.377 -5.362  5.006   1.00 16.14 ? 91  THR A C   1 
ATOM   720 O O   . THR A 1 91 ? -11.065 -6.004  5.830   1.00 18.35 ? 91  THR A O   1 
ATOM   721 C CB  . THR A 1 91 ? -11.491 -3.371  3.993   1.00 15.45 ? 91  THR A CB  1 
ATOM   722 O OG1 . THR A 1 91 ? -10.931 -3.554  2.689   1.00 15.96 ? 91  THR A OG1 1 
ATOM   723 C CG2 . THR A 1 91 ? -11.857 -1.915  4.182   1.00 14.74 ? 91  THR A CG2 1 
ATOM   724 N N   . GLN A 1 92 ? -9.490  -5.937  4.194   1.00 16.81 ? 92  GLN A N   1 
ATOM   725 C CA  . GLN A 1 92 ? -9.406  -7.415  4.056   1.00 16.70 ? 92  GLN A CA  1 
ATOM   726 C C   . GLN A 1 92 ? -8.802  -8.048  5.302   1.00 18.91 ? 92  GLN A C   1 
ATOM   727 O O   . GLN A 1 92 ? -9.108  -9.238  5.520   1.00 22.76 ? 92  GLN A O   1 
ATOM   728 C CB  . GLN A 1 92 ? -8.566  -7.815  2.861   1.00 17.65 ? 92  GLN A CB  1 
ATOM   729 C CG  . GLN A 1 92 ? -9.173  -7.391  1.555   1.00 19.09 ? 92  GLN A CG  1 
ATOM   730 C CD  . GLN A 1 92 ? -8.307  -7.846  0.417   1.00 19.79 ? 92  GLN A CD  1 
ATOM   731 O OE1 . GLN A 1 92 ? -7.987  -9.037  0.278   1.00 20.16 ? 92  GLN A OE1 1 
ATOM   732 N NE2 . GLN A 1 92 ? -7.888  -6.883  -0.387  1.00 19.30 ? 92  GLN A NE2 1 
ATOM   733 N N   . ILE A 1 93 ? -7.924  -7.356  6.014   1.00 18.20 ? 93  ILE A N   1 
ATOM   734 C CA  . ILE A 1 93 ? -7.223  -7.876  7.217   1.00 17.07 ? 93  ILE A CA  1 
ATOM   735 C C   . ILE A 1 93 ? -7.992  -7.480  8.484   1.00 19.09 ? 93  ILE A C   1 
ATOM   736 O O   . ILE A 1 93 ? -7.512  -7.824  9.575   1.00 21.08 ? 93  ILE A O   1 
ATOM   737 C CB  . ILE A 1 93 ? -5.738  -7.506  7.208   1.00 18.14 ? 93  ILE A CB  1 
ATOM   738 C CG1 . ILE A 1 93 ? -5.514  -6.032  7.555   1.00 18.05 ? 93  ILE A CG1 1 
ATOM   739 C CG2 . ILE A 1 93 ? -5.057  -7.893  5.894   1.00 20.60 ? 93  ILE A CG2 1 
ATOM   740 C CD1 . ILE A 1 93 ? -4.039  -5.662  7.618   1.00 18.99 ? 93  ILE A CD1 1 
ATOM   741 N N   . GLY A 1 94 ? -9.145  -6.802  8.345   1.00 19.03 ? 94  GLY A N   1 
ATOM   742 C CA  . GLY A 1 94 ? -10.016 -6.494  9.496   1.00 19.75 ? 94  GLY A CA  1 
ATOM   743 C C   . GLY A 1 94 ? -9.490  -5.333  10.326  1.00 19.97 ? 94  GLY A C   1 
ATOM   744 O O   . GLY A 1 94 ? -9.738  -5.265  11.535  1.00 21.41 ? 94  GLY A O   1 
ATOM   745 N N   . CYS A 1 95 ? -8.700  -4.446  9.736   1.00 17.54 ? 95  CYS A N   1 
ATOM   746 C CA  . CYS A 1 95 ? -8.119  -3.277  10.432  1.00 17.50 ? 95  CYS A CA  1 
ATOM   747 C C   . CYS A 1 95 ? -9.182  -2.223  10.742  1.00 15.68 ? 95  CYS A C   1 
ATOM   748 O O   . CYS A 1 95 ? -9.919  -1.794  9.842   1.00 17.66 ? 95  CYS A O   1 
ATOM   749 C CB  . CYS A 1 95 ? -7.018  -2.679  9.578   1.00 15.88 ? 95  CYS A CB  1 
ATOM   750 S SG  . CYS A 1 95 ? -6.052  -1.449  10.469  1.00 18.00 ? 95  CYS A SG  1 
ATOM   751 N N   . THR A 1 96 ? -9.248  -1.797  11.995  1.00 16.06 ? 96  THR A N   1 
ATOM   752 C CA  . THR A 1 96 ? -10.201 -0.776  12.463  1.00 17.21 ? 96  THR A CA  1 
ATOM   753 C C   . THR A 1 96 ? -9.445  0.307   13.245  1.00 15.70 ? 96  THR A C   1 
ATOM   754 O O   . THR A 1 96 ? -8.340  0.074   13.727  1.00 15.54 ? 96  THR A O   1 
ATOM   755 C CB  . THR A 1 96 ? -11.355 -1.363  13.296  1.00 19.52 ? 96  THR A CB  1 
ATOM   756 O OG1 . THR A 1 96 ? -10.770 -1.882  14.477  1.00 20.94 ? 96  THR A OG1 1 
ATOM   757 C CG2 . THR A 1 96 ? -12.166 -2.371  12.524  1.00 19.35 ? 96  THR A CG2 1 
ATOM   758 N N   . LEU A 1 97 ? -10.042 1.490   13.317  1.00 14.65 ? 97  LEU A N   1 
ATOM   759 C CA  . LEU A 1 97 ? -9.630  2.595   14.215  1.00 13.89 ? 97  LEU A CA  1 
ATOM   760 C C   . LEU A 1 97 ? -10.485 2.549   15.470  1.00 15.19 ? 97  LEU A C   1 
ATOM   761 O O   . LEU A 1 97 ? -11.643 2.211   15.369  1.00 17.75 ? 97  LEU A O   1 
ATOM   762 C CB  . LEU A 1 97 ? -9.836  3.928   13.528  1.00 13.46 ? 97  LEU A CB  1 
ATOM   763 C CG  . LEU A 1 97 ? -8.879  4.195   12.364  1.00 13.25 ? 97  LEU A CG  1 
ATOM   764 C CD1 . LEU A 1 97 ? -9.474  5.276   11.432  1.00 12.85 ? 97  LEU A CD1 1 
ATOM   765 C CD2 . LEU A 1 97 ? -7.511  4.617   12.873  1.00 13.20 ? 97  LEU A CD2 1 
ATOM   766 N N   . ASN A 1 98 ? -9.890  2.843   16.596  1.00 16.25 ? 98  ASN A N   1 
ATOM   767 C CA  . ASN A 1 98 ? -10.635 2.835   17.872  1.00 18.87 ? 98  ASN A CA  1 
ATOM   768 C C   . ASN A 1 98 ? -10.198 4.017   18.727  1.00 19.10 ? 98  ASN A C   1 
ATOM   769 O O   . ASN A 1 98 ? -9.015  4.137   18.990  1.00 18.45 ? 98  ASN A O   1 
ATOM   770 C CB  . ASN A 1 98 ? -10.368 1.524   18.598  1.00 22.32 ? 98  ASN A CB  1 
ATOM   771 C CG  . ASN A 1 98 ? -10.582 0.315   17.722  1.00 26.28 ? 98  ASN A CG  1 
ATOM   772 O OD1 . ASN A 1 98 ? -9.707  -0.121  16.954  1.00 35.68 ? 98  ASN A OD1 1 
ATOM   773 N ND2 . ASN A 1 98 ? -11.760 -0.244  17.829  1.00 30.42 ? 98  ASN A ND2 1 
ATOM   774 N N   . PHE A 1 99 ? -11.162 4.776   19.253  1.00 22.03 ? 99  PHE A N   1 
ATOM   775 C CA  . PHE A 1 99 ? -10.891 5.731   20.361  1.00 24.11 ? 99  PHE A CA  1 
ATOM   776 C C   . PHE A 1 99 ? -12.148 5.944   21.210  1.00 27.71 ? 99  PHE A C   1 
ATOM   777 O O   . PHE A 1 99 ? -12.142 6.678   22.209  1.00 28.35 ? 99  PHE A O   1 
ATOM   778 C CB  . PHE A 1 99 ? -10.317 7.032   19.791  1.00 22.38 ? 99  PHE A CB  1 
ATOM   779 C CG  . PHE A 1 99 ? -11.167 7.788   18.797  1.00 24.19 ? 99  PHE A CG  1 
ATOM   780 C CD1 . PHE A 1 99 ? -11.157 7.468   17.441  1.00 24.19 ? 99  PHE A CD1 1 
ATOM   781 C CD2 . PHE A 1 99 ? -11.938 8.882   19.191  1.00 26.10 ? 99  PHE A CD2 1 
ATOM   782 C CE1 . PHE A 1 99 ? -11.873 8.219   16.518  1.00 29.37 ? 99  PHE A CE1 1 
ATOM   783 C CE2 . PHE A 1 99 ? -12.676 9.617   18.271  1.00 29.24 ? 99  PHE A CE2 1 
ATOM   784 C CZ  . PHE A 1 99 ? -12.659 9.271   16.935  1.00 31.19 ? 99  PHE A CZ  1 
ATOM   785 O OXT . PHE A 1 99 ? -13.146 5.340   20.909  1.00 28.40 ? 99  PHE A OXT 1 
HETATM 786 C C06 . 7OA B 2 .  ? -3.749  13.573  0.997   0.50 14.65 ? 101 7OA A C06 1 
HETATM 787 C C07 . 7OA B 2 .  ? -4.346  12.570  1.749   0.50 13.80 ? 101 7OA A C07 1 
HETATM 788 C C08 . 7OA B 2 .  ? -5.593  12.142  1.408   0.50 13.78 ? 101 7OA A C08 1 
HETATM 789 C C1  . 7OA B 2 .  ? 3.967   15.444  7.964   0.50 14.69 ? 101 7OA A C1  1 
HETATM 790 C C10 . 7OA B 2 .  ? -3.954  8.416   -4.113  0.50 12.74 ? 101 7OA A C10 1 
HETATM 791 C C11 . 7OA B 2 .  ? -6.152  9.369   -1.559  0.50 13.34 ? 101 7OA A C11 1 
HETATM 792 C C12 . 7OA B 2 .  ? 1.311   10.967  4.043   0.50 14.09 ? 101 7OA A C12 1 
HETATM 793 C C13 . 7OA B 2 .  ? 2.142   10.209  2.940   0.50 17.97 ? 101 7OA A C13 1 
HETATM 794 C C14 . 7OA B 2 .  ? 2.989   9.172   3.610   0.50 14.89 ? 101 7OA A C14 1 
HETATM 795 C C15 . 7OA B 2 .  ? 1.384   9.713   1.689   0.50 16.09 ? 101 7OA A C15 1 
HETATM 796 C C16 . 7OA B 2 .  ? -1.015  11.165  4.348   0.50 11.15 ? 101 7OA A C16 1 
HETATM 797 C C17 . 7OA B 2 .  ? -1.802  10.238  3.460   0.50 11.51 ? 101 7OA A C17 1 
HETATM 798 C C19 . 7OA B 2 .  ? -2.488  11.113  2.353   0.50 11.49 ? 101 7OA A C19 1 
HETATM 799 C C2  . 7OA B 2 .  ? 2.005   14.961  7.062   0.50 12.53 ? 101 7OA A C2  1 
HETATM 800 C C21 . 7OA B 2 .  ? -2.625  10.038  0.048   0.50 13.34 ? 101 7OA A C21 1 
HETATM 801 C C29 . 7OA B 2 .  ? 7.015   14.627  8.543   0.50 15.55 ? 101 7OA A C29 1 
HETATM 802 C C3  . 7OA B 2 .  ? 0.722   14.832  6.985   0.50 12.30 ? 101 7OA A C3  1 
HETATM 803 C C32 . 7OA B 2 .  ? -3.698  11.986  2.837   0.50 11.37 ? 101 7OA A C32 1 
HETATM 804 C C33 . 7OA B 2 .  ? -4.427  14.112  -0.104  0.50 15.86 ? 101 7OA A C33 1 
HETATM 805 C C34 . 7OA B 2 .  ? -6.262  12.678  0.303   0.50 15.30 ? 101 7OA A C34 1 
HETATM 806 C C35 . 7OA B 2 .  ? -5.676  13.664  -0.458  0.50 15.40 ? 101 7OA A C35 1 
HETATM 807 C C36 . 7OA B 2 .  ? 7.049   15.209  9.896   0.50 16.93 ? 101 7OA A C36 1 
HETATM 808 C C39 . 7OA B 2 .  ? 2.804   14.639  6.020   0.50 12.63 ? 101 7OA A C39 1 
HETATM 809 C C4  . 7OA B 2 .  ? 0.131   14.340  5.845   0.50 11.38 ? 101 7OA A C4  1 
HETATM 810 C C49 . 7OA B 2 .  ? -3.635  9.480   -2.082  0.50 12.31 ? 101 7OA A C49 1 
HETATM 811 C C5  . 7OA B 2 .  ? 0.967   14.000  4.797   0.50 12.32 ? 101 7OA A C5  1 
HETATM 812 C C59 . 7OA B 2 .  ? -5.113  9.709   -2.588  0.50 13.35 ? 101 7OA A C59 1 
HETATM 813 C C6  . 7OA B 2 .  ? 2.348   14.140  4.892   0.50 12.60 ? 101 7OA A C6  1 
HETATM 814 C C69 . 7OA B 2 .  ? -5.372  8.654   -3.684  0.50 13.21 ? 101 7OA A C69 1 
HETATM 815 C C7  . 7OA B 2 .  ? -5.912  7.444   -2.957  0.50 13.46 ? 101 7OA A C7  1 
HETATM 816 C C79 . 7OA B 2 .  ? 6.280   15.922  8.794   0.50 16.17 ? 101 7OA A C79 1 
HETATM 817 C C8  . 7OA B 2 .  ? -3.828  6.958   -2.056  0.50 12.70 ? 101 7OA A C8  1 
HETATM 818 C C9  . 7OA B 2 .  ? -3.285  8.211   -2.762  0.50 13.07 ? 101 7OA A C9  1 
HETATM 819 F F1  . 7OA B 2 .  ? -3.942  15.009  -0.800  0.50 19.68 ? 101 7OA A F1  1 
HETATM 820 F F2  . 7OA B 2 .  ? -7.475  12.242  -0.058  0.50 17.24 ? 101 7OA A F2  1 
HETATM 821 N N1  . 7OA B 2 .  ? 2.649   15.366  8.112   0.50 14.54 ? 101 7OA A N1  1 
HETATM 822 N N11 . 7OA B 2 .  ? 0.132   11.617  3.573   0.50 12.27 ? 101 7OA A N11 1 
HETATM 823 N N2  . 7OA B 2 .  ? 4.800   15.876  8.923   0.50 15.75 ? 101 7OA A N2  1 
HETATM 824 N N20 . 7OA B 2 .  ? -3.052  10.327  1.268   0.50 11.87 ? 101 7OA A N20 1 
HETATM 825 O O1  . 7OA B 2 .  ? -4.927  6.415   -2.725  0.50 13.02 ? 101 7OA A O1  1 
HETATM 826 O O10 . 7OA B 2 .  ? -1.137  13.929  3.142   0.50 13.80 ? 101 7OA A O10 1 
HETATM 827 O O18 . 7OA B 2 .  ? -2.782  9.587   4.282   0.50 10.20 ? 101 7OA A O18 1 
HETATM 828 O O2  . 7OA B 2 .  ? -6.310  7.939   -1.623  0.50 12.85 ? 101 7OA A O2  1 
HETATM 829 O O22 . 7OA B 2 .  ? -1.450  10.069  -0.262  0.50 14.40 ? 101 7OA A O22 1 
HETATM 830 O O23 . 7OA B 2 .  ? -3.564  9.360   -0.700  0.50 11.64 ? 101 7OA A O23 1 
HETATM 831 O O9  . 7OA B 2 .  ? 1.190   13.484  2.283   0.50 12.64 ? 101 7OA A O9  1 
HETATM 832 S S1  . 7OA B 2 .  ? 4.394   14.965  6.484   0.50 15.30 ? 101 7OA A S1  1 
HETATM 833 S S8  . 7OA B 2 .  ? 0.248   13.358  3.386   0.50 12.69 ? 101 7OA A S8  1 
HETATM 834 C C1  . EDO C 3 .  ? 11.080  13.276  8.027   1.00 47.55 ? 102 EDO A C1  1 
HETATM 835 O O1  . EDO C 3 .  ? 12.483  13.264  7.995   1.00 52.73 ? 102 EDO A O1  1 
HETATM 836 C C2  . EDO C 3 .  ? 10.518  13.100  6.671   0.50 46.44 ? 102 EDO A C2  1 
HETATM 837 O O2  . EDO C 3 .  ? 10.261  11.746  6.367   0.50 43.47 ? 102 EDO A O2  1 
HETATM 838 O O   . HOH D 4 .  ? -10.123 7.427   23.495  1.00 34.66 ? 201 HOH A O   1 
HETATM 839 O O   . HOH D 4 .  ? 5.271   -11.677 5.453   1.00 32.35 ? 202 HOH A O   1 
HETATM 840 O O   . HOH D 4 .  ? 0.246   12.933  -0.054  0.50 14.13 ? 203 HOH A O   1 
HETATM 841 O O   . HOH D 4 .  ? -1.911  -12.310 -9.386  1.00 35.14 ? 204 HOH A O   1 
HETATM 842 O O   . HOH D 4 .  ? 14.098  -8.656  -11.217 1.00 32.68 ? 205 HOH A O   1 
HETATM 843 O O   . HOH D 4 .  ? 0.341   -8.147  -13.001 1.00 37.09 ? 206 HOH A O   1 
HETATM 844 O O   . HOH D 4 .  ? 2.163   2.437   22.798  1.00 20.55 ? 207 HOH A O   1 
HETATM 845 O O   . HOH D 4 .  ? 8.340   -3.525  10.022  1.00 25.81 ? 208 HOH A O   1 
HETATM 846 O O   . HOH D 4 .  ? -7.030  -11.229 8.580   1.00 34.04 ? 209 HOH A O   1 
HETATM 847 O O   . HOH D 4 .  ? 5.591   -5.685  -14.649 1.00 32.28 ? 210 HOH A O   1 
HETATM 848 O O   . HOH D 4 .  ? 2.580   -10.952 -4.685  1.00 18.03 ? 211 HOH A O   1 
HETATM 849 O O   . HOH D 4 .  ? -12.081 -2.078  8.246   1.00 18.46 ? 212 HOH A O   1 
HETATM 850 O O   . HOH D 4 .  ? 2.923   2.884   15.502  1.00 20.63 ? 213 HOH A O   1 
HETATM 851 O O   . HOH D 4 .  ? 7.996   7.009   13.905  1.00 20.56 ? 214 HOH A O   1 
HETATM 852 O O   . HOH D 4 .  ? 7.711   3.352   13.456  1.00 26.84 ? 215 HOH A O   1 
HETATM 853 O O   . HOH D 4 .  ? -4.353  0.071   -4.597  1.00 19.90 ? 216 HOH A O   1 
HETATM 854 O O   . HOH D 4 .  ? -10.326 -4.602  14.394  1.00 27.85 ? 217 HOH A O   1 
HETATM 855 O O   . HOH D 4 .  ? -3.723  16.197  -5.383  1.00 30.96 ? 218 HOH A O   1 
HETATM 856 O O   . HOH D 4 .  ? -8.335  8.976   1.487   1.00 15.18 ? 219 HOH A O   1 
HETATM 857 O O   . HOH D 4 .  ? 12.137  -4.850  -6.934  1.00 26.14 ? 220 HOH A O   1 
HETATM 858 O O   . HOH D 4 .  ? 1.962   -2.734  18.347  1.00 30.72 ? 221 HOH A O   1 
HETATM 859 O O   . HOH D 4 .  ? -9.127  6.989   3.300   1.00 14.24 ? 222 HOH A O   1 
HETATM 860 O O   . HOH D 4 .  ? -5.788  10.226  -7.246  1.00 31.40 ? 223 HOH A O   1 
HETATM 861 O O   . HOH D 4 .  ? 13.789  -6.848  -2.838  1.00 31.99 ? 224 HOH A O   1 
HETATM 862 O O   . HOH D 4 .  ? -10.443 1.833   -1.056  1.00 27.92 ? 225 HOH A O   1 
HETATM 863 O O   . HOH D 4 .  ? 8.130   3.291   3.249   1.00 30.54 ? 226 HOH A O   1 
HETATM 864 O O   . HOH D 4 .  ? 4.916   -12.762 -2.336  1.00 19.72 ? 227 HOH A O   1 
HETATM 865 O O   . HOH D 4 .  ? 2.715   17.123  -9.069  1.00 36.82 ? 228 HOH A O   1 
HETATM 866 O O   . HOH D 4 .  ? 5.165   -6.351  11.001  1.00 25.56 ? 229 HOH A O   1 
HETATM 867 O O   . HOH D 4 .  ? 4.321   -9.875  7.044   1.00 28.20 ? 230 HOH A O   1 
HETATM 868 O O   . HOH D 4 .  ? -7.183  -6.007  -7.749  1.00 24.87 ? 231 HOH A O   1 
HETATM 869 O O   . HOH D 4 .  ? -2.848  -6.096  -13.524 1.00 34.40 ? 232 HOH A O   1 
HETATM 870 O O   . HOH D 4 .  ? 13.097  -8.914  -0.461  1.00 22.89 ? 233 HOH A O   1 
HETATM 871 O O   . HOH D 4 .  ? 10.995  -1.342  2.796   1.00 24.19 ? 234 HOH A O   1 
HETATM 872 O O   . HOH D 4 .  ? -4.330  -14.594 6.589   1.00 32.99 ? 235 HOH A O   1 
HETATM 873 O O   . HOH D 4 .  ? -7.954  -3.685  -4.449  1.00 21.23 ? 236 HOH A O   1 
HETATM 874 O O   . HOH D 4 .  ? 5.399   10.811  -11.577 1.00 35.85 ? 237 HOH A O   1 
HETATM 875 O O   . HOH D 4 .  ? 3.418   3.857   18.832  1.00 24.98 ? 238 HOH A O   1 
HETATM 876 O O   . HOH D 4 .  ? 10.580  0.225   -0.673  1.00 29.33 ? 239 HOH A O   1 
HETATM 877 O O   . HOH D 4 .  ? 2.092   -0.097  18.927  1.00 24.84 ? 240 HOH A O   1 
HETATM 878 O O   . HOH D 4 .  ? 5.589   -12.501 -7.750  1.00 31.92 ? 241 HOH A O   1 
HETATM 879 O O   . HOH D 4 .  ? -2.114  -15.442 -1.792  0.50 30.23 ? 242 HOH A O   1 
HETATM 880 O O   . HOH D 4 .  ? 2.654   -13.845 -4.901  1.00 36.82 ? 243 HOH A O   1 
# 
loop_
_pdbx_poly_seq_scheme.asym_id 
_pdbx_poly_seq_scheme.entity_id 
_pdbx_poly_seq_scheme.seq_id 
_pdbx_poly_seq_scheme.mon_id 
_pdbx_poly_seq_scheme.ndb_seq_num 
_pdbx_poly_seq_scheme.pdb_seq_num 
_pdbx_poly_seq_scheme.auth_seq_num 
_pdbx_poly_seq_scheme.pdb_mon_id 
_pdbx_poly_seq_scheme.auth_mon_id 
_pdbx_poly_seq_scheme.pdb_strand_id 
_pdbx_poly_seq_scheme.pdb_ins_code 
_pdbx_poly_seq_scheme.hetero 
A 1 1  PRO 1  1  1  PRO PRO A . n 
A 1 2  GLN 2  2  2  GLN GLN A . n 
A 1 3  ILE 3  3  3  ILE ILE A . n 
A 1 4  THR 4  4  4  THR THR A . n 
A 1 5  LEU 5  5  5  LEU LEU A . n 
A 1 6  TRP 6  6  6  TRP TRP A . n 
A 1 7  GLN 7  7  7  GLN GLN A . n 
A 1 8  ARG 8  8  8  ARG ARG A . n 
A 1 9  PRO 9  9  9  PRO PRO A . n 
A 1 10 ILE 10 10 10 ILE ILE A . n 
A 1 11 VAL 11 11 11 VAL VAL A . n 
A 1 12 THR 12 12 12 THR THR A . n 
A 1 13 ILE 13 13 13 ILE ILE A . n 
A 1 14 LYS 14 14 14 LYS LYS A . n 
A 1 15 VAL 15 15 15 VAL VAL A . n 
A 1 16 GLY 16 16 16 GLY GLY A . n 
A 1 17 GLY 17 17 17 GLY GLY A . n 
A 1 18 GLN 18 18 18 GLN GLN A . n 
A 1 19 LEU 19 19 19 LEU LEU A . n 
A 1 20 ARG 20 20 20 ARG ARG A . n 
A 1 21 GLU 21 21 21 GLU GLU A . n 
A 1 22 ALA 22 22 22 ALA ALA A . n 
A 1 23 LEU 23 23 23 LEU LEU A . n 
A 1 24 ILE 24 24 24 ILE ILE A . n 
A 1 25 ASP 25 25 25 ASP ASP A . n 
A 1 26 THR 26 26 26 THR THR A . n 
A 1 27 GLY 27 27 27 GLY GLY A . n 
A 1 28 ALA 28 28 28 ALA ALA A . n 
A 1 29 ASP 29 29 29 ASP ASP A . n 
A 1 30 ASP 30 30 30 ASP ASP A . n 
A 1 31 THR 31 31 31 THR THR A . n 
A 1 32 ILE 32 32 32 ILE ILE A . n 
A 1 33 LEU 33 33 33 LEU LEU A . n 
A 1 34 GLU 34 34 34 GLU GLU A . n 
A 1 35 GLU 35 35 35 GLU GLU A . n 
A 1 36 ILE 36 36 36 ILE ILE A . n 
A 1 37 ASN 37 37 37 ASN ASN A . n 
A 1 38 LEU 38 38 38 LEU LEU A . n 
A 1 39 PRO 39 39 39 PRO PRO A . n 
A 1 40 GLY 40 40 40 GLY GLY A . n 
A 1 41 ARG 41 41 41 ARG ARG A . n 
A 1 42 TRP 42 42 42 TRP TRP A . n 
A 1 43 LYS 43 43 43 LYS LYS A . n 
A 1 44 PRO 44 44 44 PRO PRO A . n 
A 1 45 LYS 45 45 45 LYS LYS A . n 
A 1 46 LEU 46 46 46 LEU LEU A . n 
A 1 47 ILE 47 47 47 ILE ILE A . n 
A 1 48 GLY 48 48 48 GLY GLY A . n 
A 1 49 GLY 49 49 49 GLY GLY A . n 
A 1 50 ILE 50 50 50 ILE ILE A . n 
A 1 51 GLY 51 51 51 GLY GLY A . n 
A 1 52 GLY 52 52 52 GLY GLY A . n 
A 1 53 PHE 53 53 53 PHE PHE A . n 
A 1 54 ILE 54 54 54 ILE ILE A . n 
A 1 55 LYS 55 55 55 LYS LYS A . n 
A 1 56 VAL 56 56 56 VAL VAL A . n 
A 1 57 ARG 57 57 57 ARG ARG A . n 
A 1 58 GLN 58 58 58 GLN GLN A . n 
A 1 59 TYR 59 59 59 TYR TYR A . n 
A 1 60 ASP 60 60 60 ASP ASP A . n 
A 1 61 GLN 61 61 61 GLN GLN A . n 
A 1 62 ILE 62 62 62 ILE ILE A . n 
A 1 63 PRO 63 63 63 PRO PRO A . n 
A 1 64 ILE 64 64 64 ILE ILE A . n 
A 1 65 GLU 65 65 65 GLU GLU A . n 
A 1 66 ILE 66 66 66 ILE ILE A . n 
A 1 67 CYS 67 67 67 CYS CYS A . n 
A 1 68 GLY 68 68 68 GLY GLY A . n 
A 1 69 HIS 69 69 69 HIS HIS A . n 
A 1 70 GLN 70 70 70 GLN GLN A . n 
A 1 71 ALA 71 71 71 ALA ALA A . n 
A 1 72 ILE 72 72 72 ILE ILE A . n 
A 1 73 GLY 73 73 73 GLY GLY A . n 
A 1 74 THR 74 74 74 THR THR A . n 
A 1 75 VAL 75 75 75 VAL VAL A . n 
A 1 76 LEU 76 76 76 LEU LEU A . n 
A 1 77 VAL 77 77 77 VAL VAL A . n 
A 1 78 GLY 78 78 78 GLY GLY A . n 
A 1 79 PRO 79 79 79 PRO PRO A . n 
A 1 80 THR 80 80 80 THR THR A . n 
A 1 81 PRO 81 81 81 PRO PRO A . n 
A 1 82 ALA 82 82 82 ALA ALA A . n 
A 1 83 ASN 83 83 83 ASN ASN A . n 
A 1 84 VAL 84 84 84 VAL VAL A . n 
A 1 85 ILE 85 85 85 ILE ILE A . n 
A 1 86 GLY 86 86 86 GLY GLY A . n 
A 1 87 ARG 87 87 87 ARG ARG A . n 
A 1 88 ASN 88 88 88 ASN ASN A . n 
A 1 89 MET 89 89 89 MET MET A . n 
A 1 90 LEU 90 90 90 LEU LEU A . n 
A 1 91 THR 91 91 91 THR THR A . n 
A 1 92 GLN 92 92 92 GLN GLN A . n 
A 1 93 ILE 93 93 93 ILE ILE A . n 
A 1 94 GLY 94 94 94 GLY GLY A . n 
A 1 95 CYS 95 95 95 CYS CYS A . n 
A 1 96 THR 96 96 96 THR THR A . n 
A 1 97 LEU 97 97 97 LEU LEU A . n 
A 1 98 ASN 98 98 98 ASN ASN A . n 
A 1 99 PHE 99 99 99 PHE PHE A . n 
# 
loop_
_pdbx_nonpoly_scheme.asym_id 
_pdbx_nonpoly_scheme.entity_id 
_pdbx_nonpoly_scheme.mon_id 
_pdbx_nonpoly_scheme.ndb_seq_num 
_pdbx_nonpoly_scheme.pdb_seq_num 
_pdbx_nonpoly_scheme.auth_seq_num 
_pdbx_nonpoly_scheme.pdb_mon_id 
_pdbx_nonpoly_scheme.auth_mon_id 
_pdbx_nonpoly_scheme.pdb_strand_id 
_pdbx_nonpoly_scheme.pdb_ins_code 
B 2 7OA 1  101 101 7OA DRG A . 
C 3 EDO 1  102 201 EDO EDO A . 
D 4 HOH 1  201 32  HOH HOH A . 
D 4 HOH 2  202 27  HOH HOH A . 
D 4 HOH 3  203 1   HOH HOH A . 
D 4 HOH 4  204 38  HOH HOH A . 
D 4 HOH 5  205 37  HOH HOH A . 
D 4 HOH 6  206 41  HOH HOH A . 
D 4 HOH 7  207 10  HOH HOH A . 
D 4 HOH 8  208 21  HOH HOH A . 
D 4 HOH 9  209 33  HOH HOH A . 
D 4 HOH 10 210 44  HOH HOH A . 
D 4 HOH 11 211 5   HOH HOH A . 
D 4 HOH 12 212 7   HOH HOH A . 
D 4 HOH 13 213 13  HOH HOH A . 
D 4 HOH 14 214 8   HOH HOH A . 
D 4 HOH 15 215 19  HOH HOH A . 
D 4 HOH 16 216 2   HOH HOH A . 
D 4 HOH 17 217 31  HOH HOH A . 
D 4 HOH 18 218 23  HOH HOH A . 
D 4 HOH 19 219 3   HOH HOH A . 
D 4 HOH 20 220 14  HOH HOH A . 
D 4 HOH 21 221 34  HOH HOH A . 
D 4 HOH 22 222 4   HOH HOH A . 
D 4 HOH 23 223 43  HOH HOH A . 
D 4 HOH 24 224 29  HOH HOH A . 
D 4 HOH 25 225 18  HOH HOH A . 
D 4 HOH 26 226 30  HOH HOH A . 
D 4 HOH 27 227 6   HOH HOH A . 
D 4 HOH 28 228 28  HOH HOH A . 
D 4 HOH 29 229 16  HOH HOH A . 
D 4 HOH 30 230 26  HOH HOH A . 
D 4 HOH 31 231 15  HOH HOH A . 
D 4 HOH 32 232 40  HOH HOH A . 
D 4 HOH 33 233 12  HOH HOH A . 
D 4 HOH 34 234 20  HOH HOH A . 
D 4 HOH 35 235 25  HOH HOH A . 
D 4 HOH 36 236 9   HOH HOH A . 
D 4 HOH 37 237 35  HOH HOH A . 
D 4 HOH 38 238 17  HOH HOH A . 
D 4 HOH 39 239 22  HOH HOH A . 
D 4 HOH 40 240 11  HOH HOH A . 
D 4 HOH 41 241 24  HOH HOH A . 
D 4 HOH 42 242 36  HOH HOH A . 
D 4 HOH 43 243 39  HOH HOH A . 
# 
_pdbx_struct_assembly.id                   1 
_pdbx_struct_assembly.details              author_and_software_defined_assembly 
_pdbx_struct_assembly.method_details       PISA 
_pdbx_struct_assembly.oligomeric_details   dimeric 
_pdbx_struct_assembly.oligomeric_count     2 
# 
_pdbx_struct_assembly_gen.assembly_id       1 
_pdbx_struct_assembly_gen.oper_expression   1,2 
_pdbx_struct_assembly_gen.asym_id_list      A,B,C,D 
# 
loop_
_pdbx_struct_assembly_prop.biol_id 
_pdbx_struct_assembly_prop.type 
_pdbx_struct_assembly_prop.value 
_pdbx_struct_assembly_prop.details 
1 'ABSA (A^2)' 4270 ? 
1 MORE         -22  ? 
1 'SSA (A^2)'  9350 ? 
# 
loop_
_pdbx_struct_oper_list.id 
_pdbx_struct_oper_list.type 
_pdbx_struct_oper_list.name 
_pdbx_struct_oper_list.symmetry_operation 
_pdbx_struct_oper_list.matrix[1][1] 
_pdbx_struct_oper_list.matrix[1][2] 
_pdbx_struct_oper_list.matrix[1][3] 
_pdbx_struct_oper_list.vector[1] 
_pdbx_struct_oper_list.matrix[2][1] 
_pdbx_struct_oper_list.matrix[2][2] 
_pdbx_struct_oper_list.matrix[2][3] 
_pdbx_struct_oper_list.vector[2] 
_pdbx_struct_oper_list.matrix[3][1] 
_pdbx_struct_oper_list.matrix[3][2] 
_pdbx_struct_oper_list.matrix[3][3] 
_pdbx_struct_oper_list.vector[3] 
1 'identity operation'         1_555 x,y,z      1.0000000000  0.0000000000 0.0000000000  0.0000000000  0.0000000000 1.0000000000  0.0000000000  0.0000000000  0.0000000000  0.0000000000  1.0000000000 0.0000000000  
2 'crystal symmetry operation' 7_555 y,x,-z+1/3 -0.7051828398 0.4348385741 -0.5600290858 -5.2348565513 0.4348385741 -0.3586377896 -0.8260111079 17.4185949499 -0.5600290858 -0.8260111079 0.0638206294 10.7689968288 
# 
loop_
_pdbx_struct_special_symmetry.id 
_pdbx_struct_special_symmetry.PDB_model_num 
_pdbx_struct_special_symmetry.auth_asym_id 
_pdbx_struct_special_symmetry.auth_comp_id 
_pdbx_struct_special_symmetry.auth_seq_id 
_pdbx_struct_special_symmetry.PDB_ins_code 
_pdbx_struct_special_symmetry.label_asym_id 
_pdbx_struct_special_symmetry.label_comp_id 
_pdbx_struct_special_symmetry.label_seq_id 
1 1 A 7OA 101 ? B 7OA . 
2 1 A HOH 203 ? D HOH . 
3 1 A HOH 242 ? D HOH . 
# 
loop_
_pdbx_audit_revision_history.ordinal 
_pdbx_audit_revision_history.data_content_type 
_pdbx_audit_revision_history.major_revision 
_pdbx_audit_revision_history.minor_revision 
_pdbx_audit_revision_history.revision_date 
1 'Structure model' 1 0 2020-04-08 
2 'Structure model' 1 1 2023-10-11 
# 
_pdbx_audit_revision_details.ordinal             1 
_pdbx_audit_revision_details.revision_ordinal    1 
_pdbx_audit_revision_details.data_content_type   'Structure model' 
_pdbx_audit_revision_details.provider            repository 
_pdbx_audit_revision_details.type                'Initial release' 
_pdbx_audit_revision_details.description         ? 
_pdbx_audit_revision_details.details             ? 
# 
loop_
_pdbx_audit_revision_group.ordinal 
_pdbx_audit_revision_group.revision_ordinal 
_pdbx_audit_revision_group.data_content_type 
_pdbx_audit_revision_group.group 
1 2 'Structure model' 'Data collection'        
2 2 'Structure model' 'Database references'    
3 2 'Structure model' 'Refinement description' 
# 
loop_
_pdbx_audit_revision_category.ordinal 
_pdbx_audit_revision_category.revision_ordinal 
_pdbx_audit_revision_category.data_content_type 
_pdbx_audit_revision_category.category 
1 2 'Structure model' chem_comp_atom                
2 2 'Structure model' chem_comp_bond                
3 2 'Structure model' database_2                    
4 2 'Structure model' pdbx_initial_refinement_model 
# 
loop_
_pdbx_audit_revision_item.ordinal 
_pdbx_audit_revision_item.revision_ordinal 
_pdbx_audit_revision_item.data_content_type 
_pdbx_audit_revision_item.item 
1 2 'Structure model' '_database_2.pdbx_DOI'                
2 2 'Structure model' '_database_2.pdbx_database_accession' 
# 
loop_
_software.citation_id 
_software.classification 
_software.compiler_name 
_software.compiler_version 
_software.contact_author 
_software.contact_author_email 
_software.date 
_software.description 
_software.dependencies 
_software.hardware 
_software.language 
_software.location 
_software.mods 
_software.name 
_software.os 
_software.os_version 
_software.type 
_software.version 
_software.pdbx_ordinal 
? refinement       ? ? ? ? ? ? ? ? ? ? ? REFMAC ? ? ? 5.8.0238 1 
? 'data reduction' ? ? ? ? ? ? ? ? ? ? ? xia2   ? ? ? .        2 
? 'data scaling'   ? ? ? ? ? ? ? ? ? ? ? xia2   ? ? ? .        3 
? phasing          ? ? ? ? ? ? ? ? ? ? ? MOLREP ? ? ? .        4 
# 
loop_
_pdbx_validate_symm_contact.id 
_pdbx_validate_symm_contact.PDB_model_num 
_pdbx_validate_symm_contact.auth_atom_id_1 
_pdbx_validate_symm_contact.auth_asym_id_1 
_pdbx_validate_symm_contact.auth_comp_id_1 
_pdbx_validate_symm_contact.auth_seq_id_1 
_pdbx_validate_symm_contact.PDB_ins_code_1 
_pdbx_validate_symm_contact.label_alt_id_1 
_pdbx_validate_symm_contact.site_symmetry_1 
_pdbx_validate_symm_contact.auth_atom_id_2 
_pdbx_validate_symm_contact.auth_asym_id_2 
_pdbx_validate_symm_contact.auth_comp_id_2 
_pdbx_validate_symm_contact.auth_seq_id_2 
_pdbx_validate_symm_contact.PDB_ins_code_2 
_pdbx_validate_symm_contact.label_alt_id_2 
_pdbx_validate_symm_contact.site_symmetry_2 
_pdbx_validate_symm_contact.dist 
1 1 OD1 A ASN 98 ? ? 1_555 OD1 A ASN 98  ? ? 7_555 1.93 
2 1 CG  A PRO 81 ? ? 1_555 F1  A 7OA 101 ? ? 7_555 2.06 
# 
_pdbx_validate_torsion.id              1 
_pdbx_validate_torsion.PDB_model_num   1 
_pdbx_validate_torsion.auth_comp_id    ILE 
_pdbx_validate_torsion.auth_asym_id    A 
_pdbx_validate_torsion.auth_seq_id     50 
_pdbx_validate_torsion.PDB_ins_code    ? 
_pdbx_validate_torsion.label_alt_id    A 
_pdbx_validate_torsion.phi             -65.63 
_pdbx_validate_torsion.psi             95.35 
# 
_pdbx_validate_peptide_omega.id               1 
_pdbx_validate_peptide_omega.PDB_model_num    1 
_pdbx_validate_peptide_omega.auth_comp_id_1   ILE 
_pdbx_validate_peptide_omega.auth_asym_id_1   A 
_pdbx_validate_peptide_omega.auth_seq_id_1    50 
_pdbx_validate_peptide_omega.PDB_ins_code_1   ? 
_pdbx_validate_peptide_omega.label_alt_id_1   A 
_pdbx_validate_peptide_omega.auth_comp_id_2   GLY 
_pdbx_validate_peptide_omega.auth_asym_id_2   A 
_pdbx_validate_peptide_omega.auth_seq_id_2    51 
_pdbx_validate_peptide_omega.PDB_ins_code_2   ? 
_pdbx_validate_peptide_omega.label_alt_id_2   ? 
_pdbx_validate_peptide_omega.omega            148.52 
# 
_pdbx_validate_main_chain_plane.id                       1 
_pdbx_validate_main_chain_plane.PDB_model_num            1 
_pdbx_validate_main_chain_plane.auth_comp_id             ILE 
_pdbx_validate_main_chain_plane.auth_asym_id             A 
_pdbx_validate_main_chain_plane.auth_seq_id              50 
_pdbx_validate_main_chain_plane.PDB_ins_code             ? 
_pdbx_validate_main_chain_plane.label_alt_id             A 
_pdbx_validate_main_chain_plane.improper_torsion_angle   13.57 
# 
loop_
_chem_comp_atom.comp_id 
_chem_comp_atom.atom_id 
_chem_comp_atom.type_symbol 
_chem_comp_atom.pdbx_aromatic_flag 
_chem_comp_atom.pdbx_stereo_config 
_chem_comp_atom.pdbx_ordinal 
7OA C06  C Y N 1   
7OA C07  C Y N 2   
7OA C08  C Y N 3   
7OA C1   C Y N 4   
7OA C10  C N N 5   
7OA C11  C N N 6   
7OA C12  C N N 7   
7OA C13  C N N 8   
7OA C14  C N N 9   
7OA C15  C N N 10  
7OA C16  C N N 11  
7OA C17  C N R 12  
7OA C19  C N S 13  
7OA C2   C Y N 14  
7OA C21  C N N 15  
7OA C29  C N N 16  
7OA C3   C Y N 17  
7OA C32  C N N 18  
7OA C33  C Y N 19  
7OA C34  C Y N 20  
7OA C35  C Y N 21  
7OA C36  C N N 22  
7OA C39  C Y N 23  
7OA C4   C Y N 24  
7OA C49  C N S 25  
7OA C5   C Y N 26  
7OA C59  C N S 27  
7OA C6   C Y N 28  
7OA C69  C N R 29  
7OA C7   C N R 30  
7OA C79  C N N 31  
7OA C8   C N N 32  
7OA C9   C N R 33  
7OA F1   F N N 34  
7OA F2   F N N 35  
7OA N1   N Y N 36  
7OA N11  N N N 37  
7OA N2   N N N 38  
7OA N20  N N N 39  
7OA O1   O N N 40  
7OA O10  O N N 41  
7OA O18  O N N 42  
7OA O2   O N N 43  
7OA O22  O N N 44  
7OA O23  O N N 45  
7OA O9   O N N 46  
7OA S1   S Y N 47  
7OA S8   S N N 48  
7OA H1   H N N 49  
7OA H2   H N N 50  
7OA H3   H N N 51  
7OA H4   H N N 52  
7OA H5   H N N 53  
7OA H6   H N N 54  
7OA H7   H N N 55  
7OA H8   H N N 56  
7OA H9   H N N 57  
7OA H10  H N N 58  
7OA H11  H N N 59  
7OA H12  H N N 60  
7OA H13  H N N 61  
7OA H14  H N N 62  
7OA H15  H N N 63  
7OA H16  H N N 64  
7OA H17  H N N 65  
7OA H18  H N N 66  
7OA H19  H N N 67  
7OA H20  H N N 68  
7OA H21  H N N 69  
7OA H22  H N N 70  
7OA H23  H N N 71  
7OA H24  H N N 72  
7OA H25  H N N 73  
7OA H26  H N N 74  
7OA H27  H N N 75  
7OA H28  H N N 76  
7OA H29  H N N 77  
7OA H30  H N N 78  
7OA H31  H N N 79  
7OA H32  H N N 80  
7OA H33  H N N 81  
7OA H34  H N N 82  
7OA H35  H N N 83  
7OA H36  H N N 84  
7OA H38  H N N 85  
7OA H39  H N N 86  
7OA H40  H N N 87  
7OA H42  H N N 88  
ALA N    N N N 89  
ALA CA   C N S 90  
ALA C    C N N 91  
ALA O    O N N 92  
ALA CB   C N N 93  
ALA OXT  O N N 94  
ALA H    H N N 95  
ALA H2   H N N 96  
ALA HA   H N N 97  
ALA HB1  H N N 98  
ALA HB2  H N N 99  
ALA HB3  H N N 100 
ALA HXT  H N N 101 
ARG N    N N N 102 
ARG CA   C N S 103 
ARG C    C N N 104 
ARG O    O N N 105 
ARG CB   C N N 106 
ARG CG   C N N 107 
ARG CD   C N N 108 
ARG NE   N N N 109 
ARG CZ   C N N 110 
ARG NH1  N N N 111 
ARG NH2  N N N 112 
ARG OXT  O N N 113 
ARG H    H N N 114 
ARG H2   H N N 115 
ARG HA   H N N 116 
ARG HB2  H N N 117 
ARG HB3  H N N 118 
ARG HG2  H N N 119 
ARG HG3  H N N 120 
ARG HD2  H N N 121 
ARG HD3  H N N 122 
ARG HE   H N N 123 
ARG HH11 H N N 124 
ARG HH12 H N N 125 
ARG HH21 H N N 126 
ARG HH22 H N N 127 
ARG HXT  H N N 128 
ASN N    N N N 129 
ASN CA   C N S 130 
ASN C    C N N 131 
ASN O    O N N 132 
ASN CB   C N N 133 
ASN CG   C N N 134 
ASN OD1  O N N 135 
ASN ND2  N N N 136 
ASN OXT  O N N 137 
ASN H    H N N 138 
ASN H2   H N N 139 
ASN HA   H N N 140 
ASN HB2  H N N 141 
ASN HB3  H N N 142 
ASN HD21 H N N 143 
ASN HD22 H N N 144 
ASN HXT  H N N 145 
ASP N    N N N 146 
ASP CA   C N S 147 
ASP C    C N N 148 
ASP O    O N N 149 
ASP CB   C N N 150 
ASP CG   C N N 151 
ASP OD1  O N N 152 
ASP OD2  O N N 153 
ASP OXT  O N N 154 
ASP H    H N N 155 
ASP H2   H N N 156 
ASP HA   H N N 157 
ASP HB2  H N N 158 
ASP HB3  H N N 159 
ASP HD2  H N N 160 
ASP HXT  H N N 161 
CYS N    N N N 162 
CYS CA   C N R 163 
CYS C    C N N 164 
CYS O    O N N 165 
CYS CB   C N N 166 
CYS SG   S N N 167 
CYS OXT  O N N 168 
CYS H    H N N 169 
CYS H2   H N N 170 
CYS HA   H N N 171 
CYS HB2  H N N 172 
CYS HB3  H N N 173 
CYS HG   H N N 174 
CYS HXT  H N N 175 
EDO C1   C N N 176 
EDO O1   O N N 177 
EDO C2   C N N 178 
EDO O2   O N N 179 
EDO H11  H N N 180 
EDO H12  H N N 181 
EDO HO1  H N N 182 
EDO H21  H N N 183 
EDO H22  H N N 184 
EDO HO2  H N N 185 
GLN N    N N N 186 
GLN CA   C N S 187 
GLN C    C N N 188 
GLN O    O N N 189 
GLN CB   C N N 190 
GLN CG   C N N 191 
GLN CD   C N N 192 
GLN OE1  O N N 193 
GLN NE2  N N N 194 
GLN OXT  O N N 195 
GLN H    H N N 196 
GLN H2   H N N 197 
GLN HA   H N N 198 
GLN HB2  H N N 199 
GLN HB3  H N N 200 
GLN HG2  H N N 201 
GLN HG3  H N N 202 
GLN HE21 H N N 203 
GLN HE22 H N N 204 
GLN HXT  H N N 205 
GLU N    N N N 206 
GLU CA   C N S 207 
GLU C    C N N 208 
GLU O    O N N 209 
GLU CB   C N N 210 
GLU CG   C N N 211 
GLU CD   C N N 212 
GLU OE1  O N N 213 
GLU OE2  O N N 214 
GLU OXT  O N N 215 
GLU H    H N N 216 
GLU H2   H N N 217 
GLU HA   H N N 218 
GLU HB2  H N N 219 
GLU HB3  H N N 220 
GLU HG2  H N N 221 
GLU HG3  H N N 222 
GLU HE2  H N N 223 
GLU HXT  H N N 224 
GLY N    N N N 225 
GLY CA   C N N 226 
GLY C    C N N 227 
GLY O    O N N 228 
GLY OXT  O N N 229 
GLY H    H N N 230 
GLY H2   H N N 231 
GLY HA2  H N N 232 
GLY HA3  H N N 233 
GLY HXT  H N N 234 
HIS N    N N N 235 
HIS CA   C N S 236 
HIS C    C N N 237 
HIS O    O N N 238 
HIS CB   C N N 239 
HIS CG   C Y N 240 
HIS ND1  N Y N 241 
HIS CD2  C Y N 242 
HIS CE1  C Y N 243 
HIS NE2  N Y N 244 
HIS OXT  O N N 245 
HIS H    H N N 246 
HIS H2   H N N 247 
HIS HA   H N N 248 
HIS HB2  H N N 249 
HIS HB3  H N N 250 
HIS HD1  H N N 251 
HIS HD2  H N N 252 
HIS HE1  H N N 253 
HIS HE2  H N N 254 
HIS HXT  H N N 255 
HOH O    O N N 256 
HOH H1   H N N 257 
HOH H2   H N N 258 
ILE N    N N N 259 
ILE CA   C N S 260 
ILE C    C N N 261 
ILE O    O N N 262 
ILE CB   C N S 263 
ILE CG1  C N N 264 
ILE CG2  C N N 265 
ILE CD1  C N N 266 
ILE OXT  O N N 267 
ILE H    H N N 268 
ILE H2   H N N 269 
ILE HA   H N N 270 
ILE HB   H N N 271 
ILE HG12 H N N 272 
ILE HG13 H N N 273 
ILE HG21 H N N 274 
ILE HG22 H N N 275 
ILE HG23 H N N 276 
ILE HD11 H N N 277 
ILE HD12 H N N 278 
ILE HD13 H N N 279 
ILE HXT  H N N 280 
LEU N    N N N 281 
LEU CA   C N S 282 
LEU C    C N N 283 
LEU O    O N N 284 
LEU CB   C N N 285 
LEU CG   C N N 286 
LEU CD1  C N N 287 
LEU CD2  C N N 288 
LEU OXT  O N N 289 
LEU H    H N N 290 
LEU H2   H N N 291 
LEU HA   H N N 292 
LEU HB2  H N N 293 
LEU HB3  H N N 294 
LEU HG   H N N 295 
LEU HD11 H N N 296 
LEU HD12 H N N 297 
LEU HD13 H N N 298 
LEU HD21 H N N 299 
LEU HD22 H N N 300 
LEU HD23 H N N 301 
LEU HXT  H N N 302 
LYS N    N N N 303 
LYS CA   C N S 304 
LYS C    C N N 305 
LYS O    O N N 306 
LYS CB   C N N 307 
LYS CG   C N N 308 
LYS CD   C N N 309 
LYS CE   C N N 310 
LYS NZ   N N N 311 
LYS OXT  O N N 312 
LYS H    H N N 313 
LYS H2   H N N 314 
LYS HA   H N N 315 
LYS HB2  H N N 316 
LYS HB3  H N N 317 
LYS HG2  H N N 318 
LYS HG3  H N N 319 
LYS HD2  H N N 320 
LYS HD3  H N N 321 
LYS HE2  H N N 322 
LYS HE3  H N N 323 
LYS HZ1  H N N 324 
LYS HZ2  H N N 325 
LYS HZ3  H N N 326 
LYS HXT  H N N 327 
MET N    N N N 328 
MET CA   C N S 329 
MET C    C N N 330 
MET O    O N N 331 
MET CB   C N N 332 
MET CG   C N N 333 
MET SD   S N N 334 
MET CE   C N N 335 
MET OXT  O N N 336 
MET H    H N N 337 
MET H2   H N N 338 
MET HA   H N N 339 
MET HB2  H N N 340 
MET HB3  H N N 341 
MET HG2  H N N 342 
MET HG3  H N N 343 
MET HE1  H N N 344 
MET HE2  H N N 345 
MET HE3  H N N 346 
MET HXT  H N N 347 
PHE N    N N N 348 
PHE CA   C N S 349 
PHE C    C N N 350 
PHE O    O N N 351 
PHE CB   C N N 352 
PHE CG   C Y N 353 
PHE CD1  C Y N 354 
PHE CD2  C Y N 355 
PHE CE1  C Y N 356 
PHE CE2  C Y N 357 
PHE CZ   C Y N 358 
PHE OXT  O N N 359 
PHE H    H N N 360 
PHE H2   H N N 361 
PHE HA   H N N 362 
PHE HB2  H N N 363 
PHE HB3  H N N 364 
PHE HD1  H N N 365 
PHE HD2  H N N 366 
PHE HE1  H N N 367 
PHE HE2  H N N 368 
PHE HZ   H N N 369 
PHE HXT  H N N 370 
PRO N    N N N 371 
PRO CA   C N S 372 
PRO C    C N N 373 
PRO O    O N N 374 
PRO CB   C N N 375 
PRO CG   C N N 376 
PRO CD   C N N 377 
PRO OXT  O N N 378 
PRO H    H N N 379 
PRO HA   H N N 380 
PRO HB2  H N N 381 
PRO HB3  H N N 382 
PRO HG2  H N N 383 
PRO HG3  H N N 384 
PRO HD2  H N N 385 
PRO HD3  H N N 386 
PRO HXT  H N N 387 
THR N    N N N 388 
THR CA   C N S 389 
THR C    C N N 390 
THR O    O N N 391 
THR CB   C N R 392 
THR OG1  O N N 393 
THR CG2  C N N 394 
THR OXT  O N N 395 
THR H    H N N 396 
THR H2   H N N 397 
THR HA   H N N 398 
THR HB   H N N 399 
THR HG1  H N N 400 
THR HG21 H N N 401 
THR HG22 H N N 402 
THR HG23 H N N 403 
THR HXT  H N N 404 
TRP N    N N N 405 
TRP CA   C N S 406 
TRP C    C N N 407 
TRP O    O N N 408 
TRP CB   C N N 409 
TRP CG   C Y N 410 
TRP CD1  C Y N 411 
TRP CD2  C Y N 412 
TRP NE1  N Y N 413 
TRP CE2  C Y N 414 
TRP CE3  C Y N 415 
TRP CZ2  C Y N 416 
TRP CZ3  C Y N 417 
TRP CH2  C Y N 418 
TRP OXT  O N N 419 
TRP H    H N N 420 
TRP H2   H N N 421 
TRP HA   H N N 422 
TRP HB2  H N N 423 
TRP HB3  H N N 424 
TRP HD1  H N N 425 
TRP HE1  H N N 426 
TRP HE3  H N N 427 
TRP HZ2  H N N 428 
TRP HZ3  H N N 429 
TRP HH2  H N N 430 
TRP HXT  H N N 431 
TYR N    N N N 432 
TYR CA   C N S 433 
TYR C    C N N 434 
TYR O    O N N 435 
TYR CB   C N N 436 
TYR CG   C Y N 437 
TYR CD1  C Y N 438 
TYR CD2  C Y N 439 
TYR CE1  C Y N 440 
TYR CE2  C Y N 441 
TYR CZ   C Y N 442 
TYR OH   O N N 443 
TYR OXT  O N N 444 
TYR H    H N N 445 
TYR H2   H N N 446 
TYR HA   H N N 447 
TYR HB2  H N N 448 
TYR HB3  H N N 449 
TYR HD1  H N N 450 
TYR HD2  H N N 451 
TYR HE1  H N N 452 
TYR HE2  H N N 453 
TYR HH   H N N 454 
TYR HXT  H N N 455 
VAL N    N N N 456 
VAL CA   C N S 457 
VAL C    C N N 458 
VAL O    O N N 459 
VAL CB   C N N 460 
VAL CG1  C N N 461 
VAL CG2  C N N 462 
VAL OXT  O N N 463 
VAL H    H N N 464 
VAL H2   H N N 465 
VAL HA   H N N 466 
VAL HB   H N N 467 
VAL HG11 H N N 468 
VAL HG12 H N N 469 
VAL HG13 H N N 470 
VAL HG21 H N N 471 
VAL HG22 H N N 472 
VAL HG23 H N N 473 
VAL HXT  H N N 474 
# 
loop_
_chem_comp_bond.comp_id 
_chem_comp_bond.atom_id_1 
_chem_comp_bond.atom_id_2 
_chem_comp_bond.value_order 
_chem_comp_bond.pdbx_aromatic_flag 
_chem_comp_bond.pdbx_stereo_config 
_chem_comp_bond.pdbx_ordinal 
7OA C06 C07  doub Y N 1   
7OA C06 C33  sing Y N 2   
7OA C07 C08  sing Y N 3   
7OA C07 C32  sing N N 4   
7OA C08 C34  doub Y N 5   
7OA C1  N1   doub Y N 6   
7OA C1  N2   sing N N 7   
7OA C1  S1   sing Y N 8   
7OA C10 C69  sing N N 9   
7OA C10 C9   sing N N 10  
7OA C11 C59  sing N N 11  
7OA C11 O2   sing N N 12  
7OA C12 C13  sing N N 13  
7OA C12 N11  sing N N 14  
7OA C13 C14  sing N N 15  
7OA C13 C15  sing N N 16  
7OA C16 C17  sing N N 17  
7OA C16 N11  sing N N 18  
7OA C17 C19  sing N N 19  
7OA C17 O18  sing N N 20  
7OA C19 C32  sing N N 21  
7OA C19 N20  sing N N 22  
7OA C2  C3   doub Y N 23  
7OA C2  C39  sing Y N 24  
7OA C2  N1   sing Y N 25  
7OA C21 N20  sing N N 26  
7OA C21 O22  doub N N 27  
7OA C21 O23  sing N N 28  
7OA C29 C36  sing N N 29  
7OA C29 C79  sing N N 30  
7OA C3  C4   sing Y N 31  
7OA C33 C35  doub Y N 32  
7OA C33 F1   sing N N 33  
7OA C34 C35  sing Y N 34  
7OA C34 F2   sing N N 35  
7OA C36 C79  sing N N 36  
7OA C39 C6   doub Y N 37  
7OA C39 S1   sing Y N 38  
7OA C4  C5   doub Y N 39  
7OA C49 C59  sing N N 40  
7OA C49 C9   sing N N 41  
7OA C49 O23  sing N N 42  
7OA C5  C6   sing Y N 43  
7OA C5  S8   sing N N 44  
7OA C59 C69  sing N N 45  
7OA C69 C7   sing N N 46  
7OA C7  O2   sing N N 47  
7OA C79 N2   sing N N 48  
7OA C8  C9   sing N N 49  
7OA N11 S8   sing N N 50  
7OA O10 S8   doub N N 51  
7OA O9  S8   doub N N 52  
7OA C7  O1   sing N N 53  
7OA C06 H1   sing N N 54  
7OA C08 H2   sing N N 55  
7OA C10 H3   sing N N 56  
7OA C10 H4   sing N N 57  
7OA C11 H5   sing N N 58  
7OA C11 H6   sing N N 59  
7OA C12 H7   sing N N 60  
7OA C12 H8   sing N N 61  
7OA C13 H9   sing N N 62  
7OA C14 H10  sing N N 63  
7OA C14 H11  sing N N 64  
7OA C14 H12  sing N N 65  
7OA C15 H13  sing N N 66  
7OA C15 H14  sing N N 67  
7OA C15 H15  sing N N 68  
7OA C16 H16  sing N N 69  
7OA C16 H17  sing N N 70  
7OA C17 H18  sing N N 71  
7OA C19 H19  sing N N 72  
7OA C29 H20  sing N N 73  
7OA C29 H21  sing N N 74  
7OA C3  H22  sing N N 75  
7OA C32 H23  sing N N 76  
7OA C32 H24  sing N N 77  
7OA C35 H25  sing N N 78  
7OA C36 H26  sing N N 79  
7OA C36 H27  sing N N 80  
7OA C4  H28  sing N N 81  
7OA C49 H29  sing N N 82  
7OA C59 H30  sing N N 83  
7OA C6  H31  sing N N 84  
7OA C69 H32  sing N N 85  
7OA C7  H33  sing N N 86  
7OA C79 H34  sing N N 87  
7OA C8  H35  sing N N 88  
7OA C8  H36  sing N N 89  
7OA C9  H38  sing N N 90  
7OA N2  H39  sing N N 91  
7OA N20 H40  sing N N 92  
7OA O18 H42  sing N N 93  
7OA O1  C8   sing N N 94  
ALA N   CA   sing N N 95  
ALA N   H    sing N N 96  
ALA N   H2   sing N N 97  
ALA CA  C    sing N N 98  
ALA CA  CB   sing N N 99  
ALA CA  HA   sing N N 100 
ALA C   O    doub N N 101 
ALA C   OXT  sing N N 102 
ALA CB  HB1  sing N N 103 
ALA CB  HB2  sing N N 104 
ALA CB  HB3  sing N N 105 
ALA OXT HXT  sing N N 106 
ARG N   CA   sing N N 107 
ARG N   H    sing N N 108 
ARG N   H2   sing N N 109 
ARG CA  C    sing N N 110 
ARG CA  CB   sing N N 111 
ARG CA  HA   sing N N 112 
ARG C   O    doub N N 113 
ARG C   OXT  sing N N 114 
ARG CB  CG   sing N N 115 
ARG CB  HB2  sing N N 116 
ARG CB  HB3  sing N N 117 
ARG CG  CD   sing N N 118 
ARG CG  HG2  sing N N 119 
ARG CG  HG3  sing N N 120 
ARG CD  NE   sing N N 121 
ARG CD  HD2  sing N N 122 
ARG CD  HD3  sing N N 123 
ARG NE  CZ   sing N N 124 
ARG NE  HE   sing N N 125 
ARG CZ  NH1  sing N N 126 
ARG CZ  NH2  doub N N 127 
ARG NH1 HH11 sing N N 128 
ARG NH1 HH12 sing N N 129 
ARG NH2 HH21 sing N N 130 
ARG NH2 HH22 sing N N 131 
ARG OXT HXT  sing N N 132 
ASN N   CA   sing N N 133 
ASN N   H    sing N N 134 
ASN N   H2   sing N N 135 
ASN CA  C    sing N N 136 
ASN CA  CB   sing N N 137 
ASN CA  HA   sing N N 138 
ASN C   O    doub N N 139 
ASN C   OXT  sing N N 140 
ASN CB  CG   sing N N 141 
ASN CB  HB2  sing N N 142 
ASN CB  HB3  sing N N 143 
ASN CG  OD1  doub N N 144 
ASN CG  ND2  sing N N 145 
ASN ND2 HD21 sing N N 146 
ASN ND2 HD22 sing N N 147 
ASN OXT HXT  sing N N 148 
ASP N   CA   sing N N 149 
ASP N   H    sing N N 150 
ASP N   H2   sing N N 151 
ASP CA  C    sing N N 152 
ASP CA  CB   sing N N 153 
ASP CA  HA   sing N N 154 
ASP C   O    doub N N 155 
ASP C   OXT  sing N N 156 
ASP CB  CG   sing N N 157 
ASP CB  HB2  sing N N 158 
ASP CB  HB3  sing N N 159 
ASP CG  OD1  doub N N 160 
ASP CG  OD2  sing N N 161 
ASP OD2 HD2  sing N N 162 
ASP OXT HXT  sing N N 163 
CYS N   CA   sing N N 164 
CYS N   H    sing N N 165 
CYS N   H2   sing N N 166 
CYS CA  C    sing N N 167 
CYS CA  CB   sing N N 168 
CYS CA  HA   sing N N 169 
CYS C   O    doub N N 170 
CYS C   OXT  sing N N 171 
CYS CB  SG   sing N N 172 
CYS CB  HB2  sing N N 173 
CYS CB  HB3  sing N N 174 
CYS SG  HG   sing N N 175 
CYS OXT HXT  sing N N 176 
EDO C1  O1   sing N N 177 
EDO C1  C2   sing N N 178 
EDO C1  H11  sing N N 179 
EDO C1  H12  sing N N 180 
EDO O1  HO1  sing N N 181 
EDO C2  O2   sing N N 182 
EDO C2  H21  sing N N 183 
EDO C2  H22  sing N N 184 
EDO O2  HO2  sing N N 185 
GLN N   CA   sing N N 186 
GLN N   H    sing N N 187 
GLN N   H2   sing N N 188 
GLN CA  C    sing N N 189 
GLN CA  CB   sing N N 190 
GLN CA  HA   sing N N 191 
GLN C   O    doub N N 192 
GLN C   OXT  sing N N 193 
GLN CB  CG   sing N N 194 
GLN CB  HB2  sing N N 195 
GLN CB  HB3  sing N N 196 
GLN CG  CD   sing N N 197 
GLN CG  HG2  sing N N 198 
GLN CG  HG3  sing N N 199 
GLN CD  OE1  doub N N 200 
GLN CD  NE2  sing N N 201 
GLN NE2 HE21 sing N N 202 
GLN NE2 HE22 sing N N 203 
GLN OXT HXT  sing N N 204 
GLU N   CA   sing N N 205 
GLU N   H    sing N N 206 
GLU N   H2   sing N N 207 
GLU CA  C    sing N N 208 
GLU CA  CB   sing N N 209 
GLU CA  HA   sing N N 210 
GLU C   O    doub N N 211 
GLU C   OXT  sing N N 212 
GLU CB  CG   sing N N 213 
GLU CB  HB2  sing N N 214 
GLU CB  HB3  sing N N 215 
GLU CG  CD   sing N N 216 
GLU CG  HG2  sing N N 217 
GLU CG  HG3  sing N N 218 
GLU CD  OE1  doub N N 219 
GLU CD  OE2  sing N N 220 
GLU OE2 HE2  sing N N 221 
GLU OXT HXT  sing N N 222 
GLY N   CA   sing N N 223 
GLY N   H    sing N N 224 
GLY N   H2   sing N N 225 
GLY CA  C    sing N N 226 
GLY CA  HA2  sing N N 227 
GLY CA  HA3  sing N N 228 
GLY C   O    doub N N 229 
GLY C   OXT  sing N N 230 
GLY OXT HXT  sing N N 231 
HIS N   CA   sing N N 232 
HIS N   H    sing N N 233 
HIS N   H2   sing N N 234 
HIS CA  C    sing N N 235 
HIS CA  CB   sing N N 236 
HIS CA  HA   sing N N 237 
HIS C   O    doub N N 238 
HIS C   OXT  sing N N 239 
HIS CB  CG   sing N N 240 
HIS CB  HB2  sing N N 241 
HIS CB  HB3  sing N N 242 
HIS CG  ND1  sing Y N 243 
HIS CG  CD2  doub Y N 244 
HIS ND1 CE1  doub Y N 245 
HIS ND1 HD1  sing N N 246 
HIS CD2 NE2  sing Y N 247 
HIS CD2 HD2  sing N N 248 
HIS CE1 NE2  sing Y N 249 
HIS CE1 HE1  sing N N 250 
HIS NE2 HE2  sing N N 251 
HIS OXT HXT  sing N N 252 
HOH O   H1   sing N N 253 
HOH O   H2   sing N N 254 
ILE N   CA   sing N N 255 
ILE N   H    sing N N 256 
ILE N   H2   sing N N 257 
ILE CA  C    sing N N 258 
ILE CA  CB   sing N N 259 
ILE CA  HA   sing N N 260 
ILE C   O    doub N N 261 
ILE C   OXT  sing N N 262 
ILE CB  CG1  sing N N 263 
ILE CB  CG2  sing N N 264 
ILE CB  HB   sing N N 265 
ILE CG1 CD1  sing N N 266 
ILE CG1 HG12 sing N N 267 
ILE CG1 HG13 sing N N 268 
ILE CG2 HG21 sing N N 269 
ILE CG2 HG22 sing N N 270 
ILE CG2 HG23 sing N N 271 
ILE CD1 HD11 sing N N 272 
ILE CD1 HD12 sing N N 273 
ILE CD1 HD13 sing N N 274 
ILE OXT HXT  sing N N 275 
LEU N   CA   sing N N 276 
LEU N   H    sing N N 277 
LEU N   H2   sing N N 278 
LEU CA  C    sing N N 279 
LEU CA  CB   sing N N 280 
LEU CA  HA   sing N N 281 
LEU C   O    doub N N 282 
LEU C   OXT  sing N N 283 
LEU CB  CG   sing N N 284 
LEU CB  HB2  sing N N 285 
LEU CB  HB3  sing N N 286 
LEU CG  CD1  sing N N 287 
LEU CG  CD2  sing N N 288 
LEU CG  HG   sing N N 289 
LEU CD1 HD11 sing N N 290 
LEU CD1 HD12 sing N N 291 
LEU CD1 HD13 sing N N 292 
LEU CD2 HD21 sing N N 293 
LEU CD2 HD22 sing N N 294 
LEU CD2 HD23 sing N N 295 
LEU OXT HXT  sing N N 296 
LYS N   CA   sing N N 297 
LYS N   H    sing N N 298 
LYS N   H2   sing N N 299 
LYS CA  C    sing N N 300 
LYS CA  CB   sing N N 301 
LYS CA  HA   sing N N 302 
LYS C   O    doub N N 303 
LYS C   OXT  sing N N 304 
LYS CB  CG   sing N N 305 
LYS CB  HB2  sing N N 306 
LYS CB  HB3  sing N N 307 
LYS CG  CD   sing N N 308 
LYS CG  HG2  sing N N 309 
LYS CG  HG3  sing N N 310 
LYS CD  CE   sing N N 311 
LYS CD  HD2  sing N N 312 
LYS CD  HD3  sing N N 313 
LYS CE  NZ   sing N N 314 
LYS CE  HE2  sing N N 315 
LYS CE  HE3  sing N N 316 
LYS NZ  HZ1  sing N N 317 
LYS NZ  HZ2  sing N N 318 
LYS NZ  HZ3  sing N N 319 
LYS OXT HXT  sing N N 320 
MET N   CA   sing N N 321 
MET N   H    sing N N 322 
MET N   H2   sing N N 323 
MET CA  C    sing N N 324 
MET CA  CB   sing N N 325 
MET CA  HA   sing N N 326 
MET C   O    doub N N 327 
MET C   OXT  sing N N 328 
MET CB  CG   sing N N 329 
MET CB  HB2  sing N N 330 
MET CB  HB3  sing N N 331 
MET CG  SD   sing N N 332 
MET CG  HG2  sing N N 333 
MET CG  HG3  sing N N 334 
MET SD  CE   sing N N 335 
MET CE  HE1  sing N N 336 
MET CE  HE2  sing N N 337 
MET CE  HE3  sing N N 338 
MET OXT HXT  sing N N 339 
PHE N   CA   sing N N 340 
PHE N   H    sing N N 341 
PHE N   H2   sing N N 342 
PHE CA  C    sing N N 343 
PHE CA  CB   sing N N 344 
PHE CA  HA   sing N N 345 
PHE C   O    doub N N 346 
PHE C   OXT  sing N N 347 
PHE CB  CG   sing N N 348 
PHE CB  HB2  sing N N 349 
PHE CB  HB3  sing N N 350 
PHE CG  CD1  doub Y N 351 
PHE CG  CD2  sing Y N 352 
PHE CD1 CE1  sing Y N 353 
PHE CD1 HD1  sing N N 354 
PHE CD2 CE2  doub Y N 355 
PHE CD2 HD2  sing N N 356 
PHE CE1 CZ   doub Y N 357 
PHE CE1 HE1  sing N N 358 
PHE CE2 CZ   sing Y N 359 
PHE CE2 HE2  sing N N 360 
PHE CZ  HZ   sing N N 361 
PHE OXT HXT  sing N N 362 
PRO N   CA   sing N N 363 
PRO N   CD   sing N N 364 
PRO N   H    sing N N 365 
PRO CA  C    sing N N 366 
PRO CA  CB   sing N N 367 
PRO CA  HA   sing N N 368 
PRO C   O    doub N N 369 
PRO C   OXT  sing N N 370 
PRO CB  CG   sing N N 371 
PRO CB  HB2  sing N N 372 
PRO CB  HB3  sing N N 373 
PRO CG  CD   sing N N 374 
PRO CG  HG2  sing N N 375 
PRO CG  HG3  sing N N 376 
PRO CD  HD2  sing N N 377 
PRO CD  HD3  sing N N 378 
PRO OXT HXT  sing N N 379 
THR N   CA   sing N N 380 
THR N   H    sing N N 381 
THR N   H2   sing N N 382 
THR CA  C    sing N N 383 
THR CA  CB   sing N N 384 
THR CA  HA   sing N N 385 
THR C   O    doub N N 386 
THR C   OXT  sing N N 387 
THR CB  OG1  sing N N 388 
THR CB  CG2  sing N N 389 
THR CB  HB   sing N N 390 
THR OG1 HG1  sing N N 391 
THR CG2 HG21 sing N N 392 
THR CG2 HG22 sing N N 393 
THR CG2 HG23 sing N N 394 
THR OXT HXT  sing N N 395 
TRP N   CA   sing N N 396 
TRP N   H    sing N N 397 
TRP N   H2   sing N N 398 
TRP CA  C    sing N N 399 
TRP CA  CB   sing N N 400 
TRP CA  HA   sing N N 401 
TRP C   O    doub N N 402 
TRP C   OXT  sing N N 403 
TRP CB  CG   sing N N 404 
TRP CB  HB2  sing N N 405 
TRP CB  HB3  sing N N 406 
TRP CG  CD1  doub Y N 407 
TRP CG  CD2  sing Y N 408 
TRP CD1 NE1  sing Y N 409 
TRP CD1 HD1  sing N N 410 
TRP CD2 CE2  doub Y N 411 
TRP CD2 CE3  sing Y N 412 
TRP NE1 CE2  sing Y N 413 
TRP NE1 HE1  sing N N 414 
TRP CE2 CZ2  sing Y N 415 
TRP CE3 CZ3  doub Y N 416 
TRP CE3 HE3  sing N N 417 
TRP CZ2 CH2  doub Y N 418 
TRP CZ2 HZ2  sing N N 419 
TRP CZ3 CH2  sing Y N 420 
TRP CZ3 HZ3  sing N N 421 
TRP CH2 HH2  sing N N 422 
TRP OXT HXT  sing N N 423 
TYR N   CA   sing N N 424 
TYR N   H    sing N N 425 
TYR N   H2   sing N N 426 
TYR CA  C    sing N N 427 
TYR CA  CB   sing N N 428 
TYR CA  HA   sing N N 429 
TYR C   O    doub N N 430 
TYR C   OXT  sing N N 431 
TYR CB  CG   sing N N 432 
TYR CB  HB2  sing N N 433 
TYR CB  HB3  sing N N 434 
TYR CG  CD1  doub Y N 435 
TYR CG  CD2  sing Y N 436 
TYR CD1 CE1  sing Y N 437 
TYR CD1 HD1  sing N N 438 
TYR CD2 CE2  doub Y N 439 
TYR CD2 HD2  sing N N 440 
TYR CE1 CZ   doub Y N 441 
TYR CE1 HE1  sing N N 442 
TYR CE2 CZ   sing Y N 443 
TYR CE2 HE2  sing N N 444 
TYR CZ  OH   sing N N 445 
TYR OH  HH   sing N N 446 
TYR OXT HXT  sing N N 447 
VAL N   CA   sing N N 448 
VAL N   H    sing N N 449 
VAL N   H2   sing N N 450 
VAL CA  C    sing N N 451 
VAL CA  CB   sing N N 452 
VAL CA  HA   sing N N 453 
VAL C   O    doub N N 454 
VAL C   OXT  sing N N 455 
VAL CB  CG1  sing N N 456 
VAL CB  CG2  sing N N 457 
VAL CB  HB   sing N N 458 
VAL CG1 HG11 sing N N 459 
VAL CG1 HG12 sing N N 460 
VAL CG1 HG13 sing N N 461 
VAL CG2 HG21 sing N N 462 
VAL CG2 HG22 sing N N 463 
VAL CG2 HG23 sing N N 464 
VAL OXT HXT  sing N N 465 
# 
_pdbx_audit_support.funding_organization   'National Institutes of Health/National Cancer Institute (NIH/NCI)' 
_pdbx_audit_support.country                'United States' 
_pdbx_audit_support.grant_number           ? 
_pdbx_audit_support.ordinal                1 
# 
_pdbx_entity_instance_feature.ordinal        1 
_pdbx_entity_instance_feature.comp_id        7OA 
_pdbx_entity_instance_feature.asym_id        ? 
_pdbx_entity_instance_feature.seq_num        ? 
_pdbx_entity_instance_feature.auth_comp_id   7OA 
_pdbx_entity_instance_feature.auth_asym_id   ? 
_pdbx_entity_instance_feature.auth_seq_num   ? 
_pdbx_entity_instance_feature.feature_type   'SUBJECT OF INVESTIGATION' 
_pdbx_entity_instance_feature.details        ? 
# 
loop_
_pdbx_entity_nonpoly.entity_id 
_pdbx_entity_nonpoly.name 
_pdbx_entity_nonpoly.comp_id 
2 
;(3S,3aR,5R,7aS,8S)-hexahydro-4H-3,5-methanofuro[2,3-b]pyran-8-yl [(2S,3R)-4-[{[2-(cyclopropylamino)-1,3-benzothiazol-6-yl]sulfonyl}(2-methylpropyl)amino]-1-(3,5-difluorophenyl)-3-hydroxybutan-2-yl]carbamate
;
7OA 
3 1,2-ETHANEDIOL EDO 
4 water HOH 
# 
_pdbx_initial_refinement_model.id               1 
_pdbx_initial_refinement_model.entity_id_list   ? 
_pdbx_initial_refinement_model.type             'experimental model' 
_pdbx_initial_refinement_model.source_name      PDB 
_pdbx_initial_refinement_model.accession_code   5TYR 
_pdbx_initial_refinement_model.details          ? 
# 
_pdbx_struct_assembly_auth_evidence.id                     1 
_pdbx_struct_assembly_auth_evidence.assembly_id            1 
_pdbx_struct_assembly_auth_evidence.experimental_support   'gel filtration' 
_pdbx_struct_assembly_auth_evidence.details                ? 
# 
